data_5WYA
#
_entry.id   5WYA
#
_cell.length_a   61.091
_cell.length_b   160.681
_cell.length_c   186.280
_cell.angle_alpha   90.000
_cell.angle_beta   90.000
_cell.angle_gamma   90.000
#
_symmetry.space_group_name_H-M   'P 21 21 21'
#
loop_
_entity.id
_entity.type
_entity.pdbx_description
1 polymer 'Isoleucine 2-epimerase'
2 non-polymer '(2S,3S)-3-methyl-2-[[2-methyl-3-oxidanyl-5-(phosphonooxymethyl)pyridin-4-yl]methylamino]pentanoic acid'
3 non-polymer 'DIMETHYL SULFOXIDE'
4 water water
#
_entity_poly.entity_id   1
_entity_poly.type   'polypeptide(L)'
_entity_poly.pdbx_seq_one_letter_code
;MGKLDKASKLIDEENKYYARSARINYYNLVIDHAHGATLVDVDGNKYIDLLASASAINVGHTHEKVVKAIADQAQKLIHY
TPAYFHHVPGMELSEKLAKIAPGNSPKMVSFGNSGSDANDAIIKFARAYTGRQYIVSYMGSYHGSTYGSQTLSGSSLNMT
RKIGPMLPSVVHVPYPDSYRTYPGETEHDVSLRYFNEFKKPFESFLPADETACVLIEPIQGDGGIIKAPEEYMQLVYKFC
HEHGILFAIDEVNQGLGRTGKMWAIQQFKDIEPDLMSVGKSLASGMPLSAVIGKKEVMQSLDAPAHLFTTAGNPVCSAAS
LATLDVIEYEGLVEKSATDGAYAKQRFLEMQQRHPMIGDVRMWGLNGGIELVKDPKTKEPDSDAATKVIYYAFAHGVVII
TLAGNILRFQPPLVIPREQLDQALQVLDDAFTAVENGEVTIPKDTGKIGW
;
_entity_poly.pdbx_strand_id   A,B,C,D
#
# COMPACT_ATOMS: atom_id res chain seq x y z
N LYS A 3 -27.49 19.44 -38.95
CA LYS A 3 -27.96 19.03 -37.59
C LYS A 3 -26.80 18.90 -36.60
N LEU A 4 -25.73 18.24 -37.04
CA LEU A 4 -24.52 18.08 -36.23
C LEU A 4 -23.21 18.27 -37.01
N ASP A 5 -23.33 18.71 -38.25
CA ASP A 5 -22.20 18.86 -39.15
C ASP A 5 -21.01 19.66 -38.59
N LYS A 6 -21.26 20.94 -38.24
CA LYS A 6 -20.18 21.80 -37.72
C LYS A 6 -19.57 21.16 -36.45
N ALA A 7 -20.45 20.63 -35.62
CA ALA A 7 -20.10 19.96 -34.37
C ALA A 7 -19.19 18.72 -34.56
N SER A 8 -19.53 17.87 -35.52
CA SER A 8 -18.72 16.67 -35.85
C SER A 8 -17.34 16.93 -36.45
N LYS A 9 -17.25 17.90 -37.36
CA LYS A 9 -15.97 18.34 -37.95
C LYS A 9 -14.92 18.74 -36.87
N LEU A 10 -15.41 19.32 -35.76
CA LEU A 10 -14.59 19.82 -34.65
C LEU A 10 -14.25 18.74 -33.64
N ILE A 11 -15.23 17.92 -33.27
CA ILE A 11 -14.97 16.77 -32.38
C ILE A 11 -13.88 15.86 -32.93
N ASP A 12 -13.83 15.75 -34.25
CA ASP A 12 -12.86 14.90 -34.95
C ASP A 12 -11.42 15.41 -34.92
N GLU A 13 -11.29 16.72 -34.74
CA GLU A 13 -10.00 17.37 -34.52
C GLU A 13 -9.60 17.38 -33.05
N GLU A 14 -10.58 17.47 -32.16
CA GLU A 14 -10.32 17.38 -30.72
C GLU A 14 -9.83 16.00 -30.30
N ASN A 15 -10.30 14.95 -30.99
CA ASN A 15 -9.89 13.57 -30.69
C ASN A 15 -8.44 13.26 -31.08
N LYS A 16 -7.84 14.10 -31.93
CA LYS A 16 -6.41 14.00 -32.29
C LYS A 16 -5.52 14.49 -31.13
N TYR A 17 -6.01 15.52 -30.43
CA TYR A 17 -5.26 16.25 -29.40
C TYR A 17 -5.73 16.03 -27.96
N TYR A 18 -6.96 15.54 -27.76
CA TYR A 18 -7.56 15.38 -26.40
C TYR A 18 -7.88 13.89 -26.05
N ALA A 19 -7.21 13.37 -25.01
CA ALA A 19 -7.21 11.94 -24.61
C ALA A 19 -8.61 11.41 -24.36
N ARG A 20 -8.84 10.16 -24.82
CA ARG A 20 -10.16 9.53 -24.72
C ARG A 20 -10.58 9.12 -23.29
N SER A 21 -9.59 9.06 -22.40
CA SER A 21 -9.79 8.74 -20.98
C SER A 21 -10.57 9.83 -20.23
N ALA A 22 -10.43 11.10 -20.64
CA ALA A 22 -11.12 12.23 -19.99
C ALA A 22 -12.54 12.49 -20.43
N ARG A 23 -13.14 11.61 -21.22
CA ARG A 23 -14.51 11.80 -21.71
C ARG A 23 -15.29 10.49 -21.92
N ILE A 24 -16.51 10.49 -21.37
CA ILE A 24 -17.53 9.48 -21.64
C ILE A 24 -18.40 9.97 -22.80
N ASN A 25 -18.37 9.22 -23.90
CA ASN A 25 -18.95 9.67 -25.17
C ASN A 25 -20.36 9.16 -25.37
N TYR A 26 -21.29 10.04 -25.72
CA TYR A 26 -22.67 9.59 -25.95
C TYR A 26 -23.12 9.95 -27.35
N TYR A 27 -22.96 11.23 -27.67
CA TYR A 27 -23.33 11.79 -28.96
C TYR A 27 -22.50 13.05 -29.22
N ASN A 28 -22.48 13.52 -30.46
CA ASN A 28 -21.70 14.71 -30.76
C ASN A 28 -22.50 15.94 -30.38
N LEU A 29 -22.07 16.58 -29.30
CA LEU A 29 -22.70 17.80 -28.80
C LEU A 29 -21.63 18.85 -28.49
N VAL A 30 -21.54 19.82 -29.39
CA VAL A 30 -20.61 20.94 -29.26
C VAL A 30 -21.44 22.16 -28.94
N ILE A 31 -21.48 22.49 -27.67
CA ILE A 31 -22.31 23.57 -27.17
C ILE A 31 -21.66 24.94 -27.45
N ASP A 32 -22.45 25.83 -28.08
CA ASP A 32 -22.04 27.21 -28.31
C ASP A 32 -22.34 28.06 -27.06
N HIS A 33 -23.60 28.02 -26.62
CA HIS A 33 -24.09 28.80 -25.51
C HIS A 33 -25.38 28.18 -24.96
N ALA A 34 -25.81 28.68 -23.82
CA ALA A 34 -26.96 28.14 -23.13
C ALA A 34 -27.40 29.10 -22.04
N HIS A 35 -28.65 28.94 -21.62
CA HIS A 35 -29.19 29.78 -20.56
C HIS A 35 -30.35 29.04 -19.95
N GLY A 36 -30.43 29.03 -18.63
CA GLY A 36 -31.49 28.32 -17.91
C GLY A 36 -31.35 26.83 -18.13
N ALA A 37 -32.35 26.19 -18.75
CA ALA A 37 -32.30 24.77 -19.09
C ALA A 37 -32.27 24.51 -20.59
N THR A 38 -31.72 25.45 -21.35
CA THR A 38 -31.73 25.41 -22.81
C THR A 38 -30.30 25.45 -23.32
N LEU A 39 -29.94 24.46 -24.13
CA LEU A 39 -28.60 24.35 -24.73
C LEU A 39 -28.72 24.65 -26.20
N VAL A 40 -27.79 25.45 -26.72
CA VAL A 40 -27.70 25.74 -28.15
C VAL A 40 -26.31 25.37 -28.70
N ASP A 41 -26.24 24.42 -29.64
CA ASP A 41 -24.96 24.05 -30.26
C ASP A 41 -24.53 25.04 -31.35
N VAL A 42 -23.30 24.89 -31.80
CA VAL A 42 -22.73 25.68 -32.91
C VAL A 42 -23.56 25.65 -34.18
N ASP A 43 -24.36 24.59 -34.34
CA ASP A 43 -25.28 24.45 -35.48
C ASP A 43 -26.61 25.21 -35.34
N GLY A 44 -26.96 25.63 -34.12
CA GLY A 44 -28.21 26.36 -33.87
C GLY A 44 -29.34 25.51 -33.33
N ASN A 45 -29.07 24.24 -33.07
CA ASN A 45 -30.08 23.34 -32.51
C ASN A 45 -30.23 23.64 -31.02
N LYS A 46 -31.46 23.84 -30.59
CA LYS A 46 -31.78 24.05 -29.20
C LYS A 46 -32.31 22.80 -28.56
N TYR A 47 -31.85 22.53 -27.34
CA TYR A 47 -32.23 21.35 -26.60
C TYR A 47 -32.64 21.76 -25.22
N ILE A 48 -33.39 20.88 -24.56
CA ILE A 48 -33.70 20.99 -23.15
C ILE A 48 -32.71 20.12 -22.40
N ASP A 49 -32.04 20.73 -21.43
CA ASP A 49 -30.97 20.08 -20.65
C ASP A 49 -31.51 19.33 -19.44
N LEU A 50 -31.46 18.00 -19.51
CA LEU A 50 -31.80 17.14 -18.37
C LEU A 50 -30.59 16.48 -17.67
N LEU A 51 -29.40 16.96 -18.01
CA LEU A 51 -28.18 16.51 -17.35
C LEU A 51 -27.59 17.55 -16.40
N ALA A 52 -27.79 18.82 -16.73
CA ALA A 52 -27.23 19.96 -15.97
C ALA A 52 -25.72 19.82 -15.78
N SER A 53 -25.03 19.31 -16.78
CA SER A 53 -23.59 19.12 -16.66
C SER A 53 -23.24 18.33 -15.41
N ALA A 54 -23.86 17.15 -15.28
CA ALA A 54 -23.69 16.25 -14.12
C ALA A 54 -24.02 16.87 -12.76
N SER A 55 -25.19 17.51 -12.69
CA SER A 55 -25.73 18.17 -11.50
C SER A 55 -24.83 19.28 -10.97
N ALA A 56 -24.15 19.95 -11.91
CA ALA A 56 -23.28 21.07 -11.59
C ALA A 56 -23.92 22.42 -11.89
N ILE A 57 -25.11 22.40 -12.49
CA ILE A 57 -25.78 23.65 -12.83
C ILE A 57 -27.20 23.65 -12.29
N ASN A 58 -27.31 23.68 -10.97
CA ASN A 58 -28.59 23.73 -10.30
C ASN A 58 -29.31 25.03 -10.61
N VAL A 59 -28.55 26.12 -10.66
CA VAL A 59 -29.14 27.43 -10.93
C VAL A 59 -29.34 27.82 -12.42
N GLY A 60 -29.25 26.84 -13.34
CA GLY A 60 -29.40 27.10 -14.78
C GLY A 60 -28.17 27.71 -15.43
N HIS A 61 -28.08 27.52 -16.75
CA HIS A 61 -26.93 28.03 -17.52
C HIS A 61 -26.86 29.53 -17.57
N THR A 62 -25.64 30.07 -17.44
CA THR A 62 -25.40 31.49 -17.53
C THR A 62 -26.42 32.35 -16.76
N HIS A 63 -26.69 31.99 -15.51
CA HIS A 63 -27.59 32.81 -14.69
C HIS A 63 -26.99 34.23 -14.58
N GLU A 64 -27.80 35.26 -14.89
CA GLU A 64 -27.32 36.65 -14.95
C GLU A 64 -26.61 37.10 -13.69
N LYS A 65 -27.15 36.75 -12.52
CA LYS A 65 -26.48 37.03 -11.25
C LYS A 65 -25.08 36.41 -11.22
N VAL A 66 -24.94 35.16 -11.63
CA VAL A 66 -23.64 34.50 -11.59
C VAL A 66 -22.70 35.07 -12.66
N VAL A 67 -23.23 35.27 -13.85
CA VAL A 67 -22.48 35.87 -14.95
C VAL A 67 -21.89 37.21 -14.47
N LYS A 68 -22.71 38.00 -13.80
CA LYS A 68 -22.31 39.33 -13.35
C LYS A 68 -21.22 39.29 -12.30
N ALA A 69 -21.37 38.39 -11.34
CA ALA A 69 -20.37 38.20 -10.30
C ALA A 69 -19.01 37.87 -10.86
N ILE A 70 -18.99 36.95 -11.83
CA ILE A 70 -17.75 36.54 -12.45
C ILE A 70 -17.02 37.71 -13.11
N ALA A 71 -17.72 38.35 -14.05
CA ALA A 71 -17.19 39.50 -14.81
C ALA A 71 -16.85 40.68 -13.93
N ASP A 72 -17.61 40.89 -12.88
CA ASP A 72 -17.29 41.92 -11.90
C ASP A 72 -15.99 41.62 -11.20
N GLN A 73 -15.89 40.44 -10.60
CA GLN A 73 -14.72 40.10 -9.81
C GLN A 73 -13.46 40.06 -10.67
N ALA A 74 -13.60 39.53 -11.89
CA ALA A 74 -12.43 39.43 -12.79
C ALA A 74 -11.71 40.73 -12.99
N GLN A 75 -12.45 41.83 -13.06
CA GLN A 75 -11.87 43.19 -13.22
C GLN A 75 -11.04 43.64 -12.03
N LYS A 76 -11.42 43.20 -10.83
CA LYS A 76 -10.73 43.56 -9.62
C LYS A 76 -9.54 42.65 -9.39
N LEU A 77 -9.79 41.36 -9.28
CA LEU A 77 -8.75 40.37 -8.97
C LEU A 77 -9.20 39.02 -9.52
N ILE A 78 -8.56 38.61 -10.62
CA ILE A 78 -8.78 37.30 -11.22
C ILE A 78 -8.31 36.25 -10.22
N HIS A 79 -7.14 36.42 -9.63
CA HIS A 79 -6.65 35.44 -8.66
C HIS A 79 -5.51 35.88 -7.77
N TYR A 80 -5.63 35.52 -6.51
CA TYR A 80 -4.51 35.46 -5.61
C TYR A 80 -4.77 34.28 -4.67
N THR A 81 -3.85 33.31 -4.64
CA THR A 81 -4.03 32.09 -3.82
C THR A 81 -4.32 32.36 -2.30
N PRO A 82 -5.47 31.90 -1.81
CA PRO A 82 -5.72 31.82 -0.36
C PRO A 82 -4.72 30.90 0.41
N ALA A 83 -4.08 29.99 -0.28
CA ALA A 83 -2.99 29.18 0.29
C ALA A 83 -1.83 30.01 0.91
N TYR A 84 -1.75 31.30 0.54
CA TYR A 84 -0.79 32.27 1.12
C TYR A 84 -1.46 33.50 1.76
N PHE A 85 -2.41 34.07 1.04
CA PHE A 85 -3.10 35.29 1.50
C PHE A 85 -4.60 35.16 1.46
N HIS A 86 -5.27 36.26 1.66
CA HIS A 86 -6.68 36.33 2.00
C HIS A 86 -7.43 37.17 0.91
N HIS A 87 -8.71 36.90 0.54
CA HIS A 87 -9.49 37.85 -0.29
C HIS A 87 -10.92 37.85 0.22
N VAL A 88 -11.66 38.93 -0.01
CA VAL A 88 -13.02 39.05 0.58
C VAL A 88 -14.03 37.96 0.12
N PRO A 89 -14.09 37.69 -1.20
CA PRO A 89 -15.05 36.65 -1.64
C PRO A 89 -14.91 35.26 -0.95
N GLY A 90 -13.66 34.89 -0.66
CA GLY A 90 -13.31 33.57 -0.09
C GLY A 90 -13.67 33.52 1.37
N MET A 91 -13.28 34.57 2.10
CA MET A 91 -13.57 34.74 3.54
C MET A 91 -15.05 34.73 3.82
N GLU A 92 -15.78 35.38 2.93
CA GLU A 92 -17.21 35.46 3.01
C GLU A 92 -17.84 34.10 2.74
N LEU A 93 -17.36 33.42 1.69
CA LEU A 93 -17.94 32.13 1.29
C LEU A 93 -17.64 30.97 2.27
N SER A 94 -16.43 30.93 2.85
CA SER A 94 -16.11 29.95 3.88
C SER A 94 -16.99 30.12 5.12
N GLU A 95 -17.30 31.37 5.46
CA GLU A 95 -18.22 31.66 6.54
C GLU A 95 -19.61 31.15 6.22
N LYS A 96 -20.09 31.41 5.01
CA LYS A 96 -21.42 30.99 4.62
C LYS A 96 -21.60 29.49 4.49
N LEU A 97 -20.59 28.81 3.97
CA LEU A 97 -20.63 27.34 3.85
C LEU A 97 -20.59 26.67 5.21
N ALA A 98 -19.83 27.24 6.12
CA ALA A 98 -19.72 26.70 7.48
C ALA A 98 -21.03 26.65 8.23
N LYS A 99 -21.96 27.51 7.84
CA LYS A 99 -23.21 27.66 8.57
C LYS A 99 -24.42 27.03 7.88
N ILE A 100 -24.47 27.12 6.57
CA ILE A 100 -25.52 26.48 5.79
C ILE A 100 -25.38 24.98 5.66
N ALA A 101 -24.23 24.42 6.01
CA ALA A 101 -24.10 22.98 6.10
C ALA A 101 -25.03 22.40 7.16
N PRO A 102 -25.56 21.20 6.92
CA PRO A 102 -26.49 20.62 7.89
C PRO A 102 -25.86 20.51 9.27
N GLY A 103 -26.69 20.77 10.28
CA GLY A 103 -26.26 20.63 11.66
C GLY A 103 -25.99 21.95 12.33
N ASN A 104 -25.75 21.86 13.62
CA ASN A 104 -25.57 23.02 14.49
C ASN A 104 -24.25 23.05 15.23
N SER A 105 -23.39 22.09 14.96
CA SER A 105 -22.08 22.08 15.53
C SER A 105 -21.24 23.10 14.78
N PRO A 106 -20.36 23.82 15.46
CA PRO A 106 -19.45 24.70 14.74
C PRO A 106 -18.62 23.95 13.69
N LYS A 107 -18.35 24.60 12.55
CA LYS A 107 -17.60 23.99 11.47
C LYS A 107 -16.52 24.90 10.89
N MET A 108 -15.54 24.28 10.25
CA MET A 108 -14.56 24.98 9.44
C MET A 108 -14.54 24.43 8.00
N VAL A 109 -14.05 25.24 7.09
CA VAL A 109 -14.07 24.93 5.67
C VAL A 109 -12.65 24.91 5.10
N SER A 110 -12.46 24.12 4.05
CA SER A 110 -11.20 24.05 3.35
C SER A 110 -11.54 23.99 1.89
N PHE A 111 -10.89 24.85 1.10
CA PHE A 111 -11.26 25.00 -0.32
C PHE A 111 -10.47 24.07 -1.24
N GLY A 112 -11.14 23.65 -2.29
CA GLY A 112 -10.56 22.84 -3.34
C GLY A 112 -11.05 23.32 -4.69
N ASN A 113 -10.59 22.67 -5.77
CA ASN A 113 -11.06 22.95 -7.12
C ASN A 113 -12.08 21.95 -7.60
N SER A 114 -12.08 20.75 -7.02
CA SER A 114 -12.94 19.69 -7.50
C SER A 114 -13.33 18.83 -6.38
N GLY A 115 -14.48 18.15 -6.55
CA GLY A 115 -15.04 17.25 -5.56
C GLY A 115 -14.07 16.16 -5.19
N SER A 116 -13.34 15.71 -6.19
CA SER A 116 -12.31 14.71 -6.00
C SER A 116 -11.33 15.13 -4.91
N ASP A 117 -10.68 16.26 -5.04
CA ASP A 117 -9.75 16.69 -4.03
C ASP A 117 -10.45 16.92 -2.66
N ALA A 118 -11.71 17.36 -2.69
CA ALA A 118 -12.47 17.50 -1.43
C ALA A 118 -12.58 16.16 -0.68
N ASN A 119 -12.91 15.10 -1.41
CA ASN A 119 -12.90 13.75 -0.88
C ASN A 119 -11.51 13.20 -0.51
N ASP A 120 -10.48 13.55 -1.28
CA ASP A 120 -9.12 13.25 -0.83
C ASP A 120 -8.93 13.85 0.54
N ALA A 121 -9.45 15.09 0.73
CA ALA A 121 -9.33 15.85 1.99
C ALA A 121 -9.99 15.14 3.13
N ILE A 122 -11.17 14.64 2.86
CA ILE A 122 -11.90 13.87 3.85
C ILE A 122 -11.04 12.73 4.43
N ILE A 123 -10.38 12.00 3.56
CA ILE A 123 -9.49 10.92 4.01
C ILE A 123 -8.45 11.53 4.98
N LYS A 124 -7.89 12.68 4.64
CA LYS A 124 -6.78 13.29 5.41
C LYS A 124 -7.24 13.64 6.79
N PHE A 125 -8.22 14.52 6.82
CA PHE A 125 -8.78 15.00 8.06
C PHE A 125 -9.24 13.86 8.98
N ALA A 126 -9.97 12.91 8.38
CA ALA A 126 -10.42 11.72 9.12
C ALA A 126 -9.25 10.95 9.69
N ARG A 127 -8.24 10.76 8.89
CA ARG A 127 -7.08 10.08 9.35
C ARG A 127 -6.34 10.87 10.45
N ALA A 128 -6.16 12.17 10.25
CA ALA A 128 -5.43 12.95 11.23
C ALA A 128 -6.22 13.15 12.56
N TYR A 129 -7.52 13.40 12.46
CA TYR A 129 -8.36 13.56 13.65
C TYR A 129 -8.41 12.33 14.54
N THR A 130 -8.81 11.22 13.96
CA THR A 130 -8.91 9.95 14.70
C THR A 130 -7.55 9.31 15.05
N GLY A 131 -6.53 9.54 14.23
CA GLY A 131 -5.29 8.78 14.31
C GLY A 131 -5.36 7.36 13.77
N ARG A 132 -6.45 7.04 13.07
CA ARG A 132 -6.70 5.73 12.51
C ARG A 132 -6.50 5.81 10.99
N GLN A 133 -6.27 4.68 10.34
CA GLN A 133 -5.96 4.71 8.91
C GLN A 133 -7.01 4.17 7.93
N TYR A 134 -7.88 3.27 8.41
CA TYR A 134 -8.82 2.58 7.52
C TYR A 134 -10.00 3.46 7.13
N ILE A 135 -10.32 3.46 5.85
CA ILE A 135 -11.46 4.22 5.32
C ILE A 135 -12.51 3.28 4.64
N VAL A 136 -13.77 3.39 5.05
CA VAL A 136 -14.83 2.58 4.51
C VAL A 136 -15.65 3.39 3.53
N SER A 137 -15.77 2.85 2.32
CA SER A 137 -16.57 3.42 1.26
C SER A 137 -17.48 2.36 0.65
N TYR A 138 -18.28 2.77 -0.31
CA TYR A 138 -19.32 1.90 -0.85
C TYR A 138 -19.08 1.51 -2.29
N MET A 139 -19.54 0.30 -2.58
CA MET A 139 -19.65 -0.18 -3.97
C MET A 139 -20.78 0.58 -4.68
N GLY A 140 -20.60 0.75 -5.97
CA GLY A 140 -21.51 1.56 -6.73
C GLY A 140 -21.34 3.04 -6.59
N SER A 141 -20.37 3.47 -5.78
CA SER A 141 -20.21 4.88 -5.46
C SER A 141 -19.23 5.53 -6.40
N TYR A 142 -19.22 6.87 -6.40
CA TYR A 142 -18.20 7.62 -7.16
C TYR A 142 -17.84 8.89 -6.43
N HIS A 143 -16.58 9.01 -6.04
CA HIS A 143 -16.10 10.14 -5.25
C HIS A 143 -15.02 10.98 -5.92
N GLY A 144 -14.54 10.57 -7.08
CA GLY A 144 -13.56 11.35 -7.80
C GLY A 144 -12.47 10.57 -8.57
N SER A 145 -11.59 11.36 -9.21
CA SER A 145 -10.49 10.86 -10.03
C SER A 145 -9.12 11.05 -9.45
N THR A 146 -8.99 11.58 -8.25
CA THR A 146 -7.66 11.70 -7.65
C THR A 146 -7.35 10.37 -6.99
N TYR A 147 -6.08 10.04 -6.78
CA TYR A 147 -5.74 8.68 -6.23
C TYR A 147 -6.45 8.34 -4.91
N GLY A 148 -6.88 9.32 -4.14
CA GLY A 148 -7.59 9.03 -2.91
C GLY A 148 -9.05 8.73 -3.13
N SER A 149 -9.74 9.69 -3.72
CA SER A 149 -11.17 9.59 -4.02
C SER A 149 -11.57 8.48 -5.04
N GLN A 150 -10.64 8.12 -5.91
CA GLN A 150 -10.80 7.03 -6.85
C GLN A 150 -10.68 5.65 -6.20
N THR A 151 -9.87 5.58 -5.17
CA THR A 151 -9.74 4.34 -4.46
C THR A 151 -11.06 4.10 -3.75
N LEU A 152 -11.67 5.17 -3.25
CA LEU A 152 -12.95 5.07 -2.51
C LEU A 152 -14.12 4.64 -3.38
N SER A 153 -14.10 5.12 -4.63
CA SER A 153 -15.13 4.88 -5.62
C SER A 153 -15.28 3.43 -5.88
N GLY A 154 -16.47 3.03 -6.33
CA GLY A 154 -16.73 1.65 -6.73
C GLY A 154 -17.76 1.51 -7.80
N SER A 155 -17.76 2.38 -8.78
CA SER A 155 -18.79 2.37 -9.83
C SER A 155 -18.27 2.17 -11.23
N SER A 156 -16.97 2.03 -11.39
CA SER A 156 -16.39 1.77 -12.72
C SER A 156 -15.11 0.98 -12.57
N LEU A 157 -15.05 -0.17 -13.22
CA LEU A 157 -13.85 -0.99 -13.18
C LEU A 157 -12.68 -0.30 -13.85
N ASN A 158 -12.94 0.65 -14.74
CA ASN A 158 -11.89 1.41 -15.43
C ASN A 158 -11.21 2.44 -14.56
N MET A 159 -11.75 2.71 -13.39
CA MET A 159 -11.05 3.54 -12.40
C MET A 159 -10.05 2.75 -11.50
N THR A 160 -9.88 1.47 -11.76
CA THR A 160 -8.91 0.65 -11.08
C THR A 160 -7.93 0.03 -12.06
N ARG A 161 -8.37 -0.16 -13.31
CA ARG A 161 -7.58 -0.84 -14.31
C ARG A 161 -6.31 -0.09 -14.67
N LYS A 162 -5.23 -0.85 -14.75
CA LYS A 162 -3.96 -0.38 -15.29
C LYS A 162 -3.23 0.71 -14.48
N ILE A 163 -3.78 1.14 -13.34
CA ILE A 163 -3.20 2.24 -12.56
C ILE A 163 -2.85 1.91 -11.12
N GLY A 164 -3.18 0.71 -10.66
CA GLY A 164 -2.83 0.28 -9.30
C GLY A 164 -1.34 0.15 -9.08
N PRO A 165 -0.90 0.03 -7.82
CA PRO A 165 -1.70 -0.03 -6.62
C PRO A 165 -2.36 1.28 -6.19
N MET A 166 -3.52 1.15 -5.56
CA MET A 166 -4.30 2.29 -5.11
C MET A 166 -3.89 2.66 -3.68
N LEU A 167 -4.63 3.59 -3.08
CA LEU A 167 -4.41 3.95 -1.69
C LEU A 167 -4.71 2.77 -0.77
N PRO A 168 -3.78 2.42 0.13
CA PRO A 168 -3.97 1.33 1.08
C PRO A 168 -4.94 1.67 2.21
N SER A 169 -5.37 0.62 2.90
CA SER A 169 -6.29 0.74 3.98
C SER A 169 -7.67 1.32 3.57
N VAL A 170 -8.28 0.74 2.54
CA VAL A 170 -9.65 1.08 2.11
C VAL A 170 -10.48 -0.23 1.99
N VAL A 171 -11.59 -0.32 2.72
CA VAL A 171 -12.53 -1.42 2.60
C VAL A 171 -13.80 -0.88 1.95
N HIS A 172 -14.36 -1.65 1.02
CA HIS A 172 -15.63 -1.35 0.38
C HIS A 172 -16.74 -2.26 0.93
N VAL A 173 -17.97 -1.71 1.00
CA VAL A 173 -19.16 -2.44 1.44
C VAL A 173 -20.28 -2.15 0.49
N PRO A 174 -21.27 -3.05 0.45
CA PRO A 174 -22.37 -2.86 -0.51
C PRO A 174 -23.38 -1.84 -0.04
N TYR A 175 -23.85 -1.00 -0.97
CA TYR A 175 -24.91 -0.04 -0.77
C TYR A 175 -26.29 -0.70 -0.92
N PRO A 176 -27.24 -0.43 0.01
CA PRO A 176 -28.61 -1.00 -0.06
C PRO A 176 -29.34 -0.74 -1.36
N ASP A 177 -29.67 -1.81 -2.06
CA ASP A 177 -30.49 -1.82 -3.28
C ASP A 177 -31.93 -2.21 -2.86
N SER A 178 -32.86 -1.28 -3.02
CA SER A 178 -34.25 -1.51 -2.68
C SER A 178 -35.05 -2.04 -3.87
N TYR A 179 -34.45 -2.08 -5.05
CA TYR A 179 -35.17 -2.55 -6.21
C TYR A 179 -34.91 -4.01 -6.48
N ARG A 180 -33.65 -4.39 -6.58
CA ARG A 180 -33.31 -5.78 -6.80
C ARG A 180 -33.10 -6.44 -5.46
N THR A 181 -34.21 -6.76 -4.82
CA THR A 181 -34.21 -7.37 -3.52
C THR A 181 -34.65 -8.83 -3.68
N TYR A 182 -34.53 -9.58 -2.59
CA TYR A 182 -35.03 -10.94 -2.53
C TYR A 182 -36.55 -10.86 -2.37
N PRO A 183 -37.28 -11.90 -2.81
CA PRO A 183 -38.74 -11.82 -2.73
C PRO A 183 -39.29 -11.73 -1.29
N GLY A 184 -40.32 -10.88 -1.10
CA GLY A 184 -40.99 -10.70 0.19
C GLY A 184 -40.21 -9.85 1.17
N GLU A 185 -39.20 -9.16 0.66
CA GLU A 185 -38.31 -8.37 1.50
C GLU A 185 -38.90 -6.96 1.63
N THR A 186 -39.23 -6.59 2.87
CA THR A 186 -39.72 -5.28 3.18
C THR A 186 -38.51 -4.34 3.23
N GLU A 187 -38.80 -3.05 3.27
CA GLU A 187 -37.75 -2.05 3.53
C GLU A 187 -36.97 -2.31 4.84
N HIS A 188 -37.66 -2.74 5.89
CA HIS A 188 -37.00 -3.08 7.14
C HIS A 188 -36.01 -4.26 6.98
N ASP A 189 -36.38 -5.26 6.17
CA ASP A 189 -35.53 -6.43 5.94
C ASP A 189 -34.33 -6.06 5.07
N VAL A 190 -34.58 -5.25 4.06
CA VAL A 190 -33.49 -4.68 3.24
C VAL A 190 -32.50 -3.91 4.14
N SER A 191 -33.02 -3.09 5.06
CA SER A 191 -32.16 -2.28 5.91
C SER A 191 -31.31 -3.18 6.77
N LEU A 192 -31.90 -4.23 7.32
CA LEU A 192 -31.20 -5.15 8.20
C LEU A 192 -30.20 -6.05 7.46
N ARG A 193 -30.55 -6.47 6.24
CA ARG A 193 -29.65 -7.30 5.41
C ARG A 193 -28.34 -6.57 5.06
N TYR A 194 -28.48 -5.35 4.60
CA TYR A 194 -27.35 -4.58 4.18
C TYR A 194 -26.53 -4.05 5.34
N PHE A 195 -27.14 -3.93 6.51
CA PHE A 195 -26.38 -3.59 7.72
C PHE A 195 -25.59 -4.79 8.24
N ASN A 196 -26.03 -6.00 7.88
CA ASN A 196 -25.28 -7.20 8.21
C ASN A 196 -24.04 -7.23 7.37
N GLU A 197 -24.18 -6.99 6.08
CA GLU A 197 -23.04 -6.94 5.18
C GLU A 197 -22.06 -5.87 5.65
N PHE A 198 -22.60 -4.73 6.08
CA PHE A 198 -21.81 -3.63 6.55
C PHE A 198 -20.91 -4.02 7.75
N LYS A 199 -21.42 -4.91 8.58
CA LYS A 199 -20.72 -5.31 9.80
C LYS A 199 -19.71 -6.43 9.62
N LYS A 200 -19.91 -7.28 8.62
CA LYS A 200 -19.06 -8.47 8.45
C LYS A 200 -17.58 -8.16 8.38
N PRO A 201 -17.16 -7.19 7.56
CA PRO A 201 -15.77 -6.79 7.65
C PRO A 201 -15.31 -6.42 9.07
N PHE A 202 -16.06 -5.58 9.77
CA PHE A 202 -15.75 -5.18 11.18
C PHE A 202 -15.71 -6.34 12.20
N GLU A 203 -16.31 -7.46 11.81
CA GLU A 203 -16.33 -8.64 12.64
C GLU A 203 -15.27 -9.66 12.25
N SER A 204 -14.47 -9.35 11.24
CA SER A 204 -13.44 -10.29 10.81
C SER A 204 -12.01 -9.75 10.75
N PHE A 205 -11.72 -8.89 9.77
CA PHE A 205 -10.38 -8.36 9.59
C PHE A 205 -10.20 -6.85 9.78
N LEU A 206 -11.30 -6.12 9.83
CA LEU A 206 -11.26 -4.66 9.92
C LEU A 206 -11.64 -4.19 11.33
N PRO A 207 -10.68 -3.66 12.11
CA PRO A 207 -10.95 -3.17 13.44
C PRO A 207 -11.71 -1.86 13.41
N ALA A 208 -12.78 -1.78 14.20
CA ALA A 208 -13.60 -0.57 14.24
C ALA A 208 -12.78 0.52 14.86
N ASP A 209 -11.99 0.17 15.89
CA ASP A 209 -11.07 1.15 16.53
C ASP A 209 -9.97 1.71 15.62
N GLU A 210 -9.80 1.15 14.43
CA GLU A 210 -8.81 1.64 13.46
C GLU A 210 -9.44 2.15 12.16
N THR A 211 -10.77 2.26 12.14
CA THR A 211 -11.46 2.86 11.02
C THR A 211 -11.64 4.37 11.24
N ALA A 212 -10.92 5.17 10.46
CA ALA A 212 -10.97 6.63 10.59
C ALA A 212 -12.34 7.19 10.27
N CYS A 213 -12.95 6.70 9.21
CA CYS A 213 -14.32 7.13 8.88
C CYS A 213 -15.08 6.21 7.90
N VAL A 214 -16.33 6.56 7.66
CA VAL A 214 -17.17 5.91 6.62
C VAL A 214 -17.75 6.98 5.69
N LEU A 215 -17.38 6.95 4.44
CA LEU A 215 -17.88 7.93 3.51
C LEU A 215 -19.03 7.34 2.72
N ILE A 216 -20.17 8.01 2.71
CA ILE A 216 -21.36 7.53 2.03
C ILE A 216 -22.07 8.64 1.31
N GLU A 217 -22.58 8.34 0.11
CA GLU A 217 -23.50 9.26 -0.59
C GLU A 217 -24.90 9.00 -0.07
N PRO A 218 -25.57 10.04 0.48
CA PRO A 218 -26.93 9.80 0.97
C PRO A 218 -27.83 9.16 -0.07
N ILE A 219 -27.64 9.55 -1.33
CA ILE A 219 -28.26 8.88 -2.46
C ILE A 219 -27.17 8.73 -3.50
N GLN A 220 -26.84 7.50 -3.88
CA GLN A 220 -25.75 7.27 -4.86
C GLN A 220 -26.15 7.80 -6.21
N GLY A 221 -25.37 8.73 -6.73
CA GLY A 221 -25.64 9.30 -8.01
C GLY A 221 -25.32 8.33 -9.11
N ASP A 222 -24.03 8.15 -9.37
CA ASP A 222 -23.53 7.22 -10.38
C ASP A 222 -24.05 5.80 -10.24
N GLY A 223 -24.44 5.39 -9.02
CA GLY A 223 -25.07 4.09 -8.75
C GLY A 223 -26.40 3.88 -9.45
N GLY A 224 -27.11 4.97 -9.74
CA GLY A 224 -28.41 4.99 -10.40
C GLY A 224 -29.46 5.66 -9.56
N ILE A 225 -29.13 6.81 -8.96
CA ILE A 225 -30.02 7.54 -8.04
C ILE A 225 -30.67 6.57 -7.04
N ILE A 226 -29.81 5.99 -6.21
CA ILE A 226 -30.24 5.00 -5.25
C ILE A 226 -30.16 5.56 -3.86
N LYS A 227 -31.30 5.63 -3.18
CA LYS A 227 -31.34 6.19 -1.83
C LYS A 227 -31.28 5.09 -0.82
N ALA A 228 -30.41 5.25 0.16
CA ALA A 228 -30.27 4.28 1.23
C ALA A 228 -31.51 4.39 2.13
N PRO A 229 -32.07 3.24 2.54
CA PRO A 229 -33.24 3.25 3.43
C PRO A 229 -33.02 4.03 4.74
N GLU A 230 -34.05 4.75 5.14
CA GLU A 230 -33.97 5.58 6.34
C GLU A 230 -33.34 4.81 7.51
N GLU A 231 -33.90 3.66 7.85
CA GLU A 231 -33.36 2.83 8.99
C GLU A 231 -31.88 2.40 8.82
N TYR A 232 -31.49 2.08 7.59
CA TYR A 232 -30.13 1.69 7.29
C TYR A 232 -29.19 2.83 7.66
N MET A 233 -29.46 4.00 7.12
CA MET A 233 -28.62 5.16 7.46
C MET A 233 -28.48 5.36 8.98
N GLN A 234 -29.57 5.19 9.71
CA GLN A 234 -29.54 5.35 11.16
C GLN A 234 -28.63 4.33 11.80
N LEU A 235 -28.70 3.10 11.33
CA LEU A 235 -27.90 2.03 11.91
C LEU A 235 -26.40 2.29 11.76
N VAL A 236 -26.02 2.70 10.56
CA VAL A 236 -24.63 2.99 10.24
C VAL A 236 -24.15 4.23 11.03
N TYR A 237 -25.05 5.20 11.15
CA TYR A 237 -24.75 6.42 11.85
C TYR A 237 -24.45 6.12 13.31
N LYS A 238 -25.35 5.38 13.94
CA LYS A 238 -25.19 4.98 15.33
C LYS A 238 -23.91 4.20 15.54
N PHE A 239 -23.63 3.30 14.61
CA PHE A 239 -22.43 2.45 14.61
C PHE A 239 -21.18 3.27 14.59
N CYS A 240 -21.15 4.31 13.77
CA CYS A 240 -19.96 5.17 13.69
C CYS A 240 -19.67 5.87 15.04
N HIS A 241 -20.67 6.58 15.57
CA HIS A 241 -20.50 7.32 16.84
C HIS A 241 -20.21 6.38 17.97
N GLU A 242 -20.77 5.18 17.93
CA GLU A 242 -20.45 4.24 18.98
C GLU A 242 -19.03 3.72 18.94
N HIS A 243 -18.32 3.87 17.81
CA HIS A 243 -16.94 3.31 17.67
C HIS A 243 -15.83 4.33 17.42
N GLY A 244 -16.17 5.61 17.44
CA GLY A 244 -15.20 6.69 17.22
C GLY A 244 -14.93 6.93 15.77
N ILE A 245 -15.75 6.36 14.89
CA ILE A 245 -15.57 6.43 13.46
C ILE A 245 -16.34 7.62 12.92
N LEU A 246 -15.64 8.55 12.29
CA LEU A 246 -16.30 9.69 11.73
C LEU A 246 -17.30 9.34 10.65
N PHE A 247 -18.36 10.12 10.54
CA PHE A 247 -19.41 9.88 9.61
C PHE A 247 -19.26 10.94 8.56
N ALA A 248 -19.00 10.55 7.32
CA ALA A 248 -18.81 11.50 6.26
C ALA A 248 -19.76 11.26 5.14
N ILE A 249 -20.19 12.34 4.50
CA ILE A 249 -21.12 12.26 3.36
C ILE A 249 -20.55 12.97 2.12
N ASP A 250 -20.95 12.49 0.95
CA ASP A 250 -20.54 13.11 -0.30
C ASP A 250 -21.73 13.85 -0.84
N GLU A 251 -21.72 15.18 -0.70
CA GLU A 251 -22.80 16.02 -1.18
C GLU A 251 -22.42 16.69 -2.48
N VAL A 252 -21.37 16.18 -3.10
CA VAL A 252 -20.82 16.76 -4.33
C VAL A 252 -21.86 16.77 -5.41
N ASN A 253 -22.63 15.71 -5.51
CA ASN A 253 -23.60 15.53 -6.63
C ASN A 253 -25.05 15.71 -6.18
N GLN A 254 -25.35 15.23 -4.99
CA GLN A 254 -26.69 15.23 -4.51
C GLN A 254 -27.00 16.40 -3.59
N GLY A 255 -26.14 17.40 -3.53
CA GLY A 255 -26.37 18.49 -2.59
C GLY A 255 -26.86 19.74 -3.27
N LEU A 256 -27.03 20.77 -2.45
CA LEU A 256 -27.40 22.10 -2.91
C LEU A 256 -28.77 22.06 -3.57
N GLY A 257 -29.73 21.40 -2.93
CA GLY A 257 -31.10 21.43 -3.40
C GLY A 257 -31.46 20.44 -4.47
N ARG A 258 -30.51 19.64 -4.90
CA ARG A 258 -30.75 18.67 -5.95
C ARG A 258 -31.87 17.74 -5.52
N THR A 259 -31.84 17.29 -4.27
CA THR A 259 -32.80 16.28 -3.78
C THR A 259 -34.08 16.86 -3.23
N GLY A 260 -34.32 18.14 -3.40
CA GLY A 260 -35.53 18.77 -2.88
C GLY A 260 -35.38 19.15 -1.42
N LYS A 261 -34.15 19.06 -0.94
CA LYS A 261 -33.76 19.63 0.33
C LYS A 261 -32.36 20.15 0.09
N MET A 262 -31.97 21.13 0.90
CA MET A 262 -30.64 21.75 0.74
C MET A 262 -29.56 20.69 0.57
N TRP A 263 -29.65 19.66 1.40
CA TRP A 263 -28.70 18.59 1.40
C TRP A 263 -29.38 17.24 1.41
N ALA A 264 -28.79 16.30 0.69
CA ALA A 264 -29.29 14.95 0.60
C ALA A 264 -29.37 14.20 1.95
N ILE A 265 -28.40 14.39 2.83
CA ILE A 265 -28.48 13.83 4.17
C ILE A 265 -29.70 14.35 4.96
N GLN A 266 -30.21 15.50 4.56
CA GLN A 266 -31.45 16.02 5.19
C GLN A 266 -32.74 15.30 4.75
N GLN A 267 -32.63 14.34 3.83
CA GLN A 267 -33.69 13.40 3.52
C GLN A 267 -33.76 12.35 4.62
N PHE A 268 -32.95 12.53 5.68
CA PHE A 268 -32.90 11.62 6.84
C PHE A 268 -33.07 12.35 8.15
N LYS A 269 -33.34 11.61 9.19
CA LYS A 269 -33.71 12.18 10.45
C LYS A 269 -32.52 12.48 11.36
N ASP A 270 -32.30 13.77 11.62
CA ASP A 270 -31.34 14.30 12.60
C ASP A 270 -29.96 13.69 12.47
N ILE A 271 -29.35 13.86 11.30
CA ILE A 271 -28.00 13.36 11.05
C ILE A 271 -27.14 14.52 10.65
N GLU A 272 -26.07 14.72 11.41
CA GLU A 272 -25.05 15.68 11.09
C GLU A 272 -23.73 14.93 10.85
N PRO A 273 -23.14 15.13 9.68
CA PRO A 273 -21.88 14.52 9.36
C PRO A 273 -20.71 15.20 10.04
N ASP A 274 -19.70 14.43 10.37
CA ASP A 274 -18.46 14.96 10.90
C ASP A 274 -17.71 15.70 9.77
N LEU A 275 -17.90 15.23 8.53
CA LEU A 275 -17.21 15.76 7.35
C LEU A 275 -18.10 15.63 6.10
N MET A 276 -17.89 16.50 5.13
CA MET A 276 -18.69 16.43 3.90
C MET A 276 -18.03 17.15 2.75
N SER A 277 -18.20 16.60 1.54
CA SER A 277 -17.59 17.14 0.35
C SER A 277 -18.65 17.85 -0.48
N VAL A 278 -18.31 19.04 -0.91
CA VAL A 278 -19.19 19.88 -1.68
C VAL A 278 -18.39 20.27 -2.89
N GLY A 279 -19.02 20.19 -4.06
CA GLY A 279 -18.37 20.50 -5.32
C GLY A 279 -19.39 20.79 -6.41
N LYS A 280 -18.95 20.77 -7.66
CA LYS A 280 -19.85 20.95 -8.81
C LYS A 280 -20.61 22.26 -8.83
N SER A 281 -21.88 22.17 -8.47
CA SER A 281 -22.79 23.31 -8.47
C SER A 281 -22.37 24.44 -7.55
N LEU A 282 -21.40 24.25 -6.68
CA LEU A 282 -21.07 25.30 -5.74
C LEU A 282 -20.74 26.61 -6.45
N ALA A 283 -20.03 26.52 -7.57
CA ALA A 283 -19.67 27.70 -8.35
C ALA A 283 -20.35 27.79 -9.70
N SER A 284 -21.50 27.11 -9.84
CA SER A 284 -22.29 27.06 -11.08
C SER A 284 -21.49 26.50 -12.26
N GLY A 285 -20.67 25.51 -11.95
CA GLY A 285 -19.82 24.84 -12.90
C GLY A 285 -18.40 25.29 -12.86
N MET A 286 -18.14 26.44 -12.24
CA MET A 286 -16.79 26.96 -12.09
C MET A 286 -16.03 25.98 -11.19
N PRO A 287 -14.72 25.95 -11.32
CA PRO A 287 -13.95 24.95 -10.56
C PRO A 287 -13.69 25.27 -9.11
N LEU A 288 -14.71 25.03 -8.30
CA LEU A 288 -14.62 25.22 -6.86
C LEU A 288 -15.26 24.05 -6.12
N SER A 289 -14.61 23.64 -5.04
CA SER A 289 -15.08 22.60 -4.17
C SER A 289 -14.73 22.96 -2.74
N ALA A 290 -15.29 22.18 -1.81
CA ALA A 290 -15.00 22.39 -0.41
C ALA A 290 -15.24 21.18 0.43
N VAL A 291 -14.47 21.07 1.49
CA VAL A 291 -14.72 20.07 2.51
C VAL A 291 -15.11 20.85 3.78
N ILE A 292 -16.30 20.53 4.34
CA ILE A 292 -16.80 21.17 5.56
C ILE A 292 -16.82 20.18 6.66
N GLY A 293 -16.41 20.57 7.85
CA GLY A 293 -16.33 19.60 8.96
C GLY A 293 -16.44 20.23 10.31
N LYS A 294 -16.82 19.42 11.31
CA LYS A 294 -16.89 19.87 12.69
C LYS A 294 -15.57 20.49 13.04
N LYS A 295 -15.61 21.72 13.53
CA LYS A 295 -14.42 22.51 13.91
C LYS A 295 -13.25 21.69 14.41
N GLU A 296 -13.46 20.86 15.42
CA GLU A 296 -12.35 20.10 16.04
C GLU A 296 -11.62 19.15 15.03
N VAL A 297 -12.35 18.64 14.05
CA VAL A 297 -11.78 17.79 12.99
C VAL A 297 -10.95 18.58 11.99
N MET A 298 -11.44 19.74 11.57
CA MET A 298 -10.74 20.58 10.61
C MET A 298 -9.48 21.20 11.15
N GLN A 299 -9.33 21.25 12.48
CA GLN A 299 -8.10 21.78 13.10
C GLN A 299 -7.04 20.71 13.30
N SER A 300 -7.35 19.47 13.00
CA SER A 300 -6.46 18.37 13.24
C SER A 300 -5.19 18.39 12.39
N LEU A 301 -5.20 19.15 11.29
CA LEU A 301 -4.03 19.26 10.40
C LEU A 301 -3.38 20.62 10.42
N ASP A 302 -2.07 20.61 10.19
CA ASP A 302 -1.22 21.78 10.09
C ASP A 302 -0.88 21.97 8.61
N ALA A 303 -0.67 23.21 8.19
CA ALA A 303 -0.34 23.51 6.80
C ALA A 303 1.05 22.99 6.43
N PRO A 304 1.26 22.75 5.14
CA PRO A 304 0.19 22.62 4.16
C PRO A 304 -0.27 21.18 3.93
N ALA A 305 -0.99 20.59 4.87
CA ALA A 305 -1.47 19.22 4.71
C ALA A 305 -2.43 19.13 3.54
N HIS A 306 -3.30 20.13 3.42
CA HIS A 306 -4.29 20.18 2.35
C HIS A 306 -4.50 21.57 1.78
N LEU A 307 -3.95 21.84 0.60
CA LEU A 307 -4.10 23.15 -0.08
C LEU A 307 -3.71 23.12 -1.56
N PHE A 308 -4.37 23.97 -2.36
CA PHE A 308 -4.12 24.08 -3.82
C PHE A 308 -3.97 25.54 -4.18
N THR A 309 -3.02 25.80 -5.10
CA THR A 309 -2.73 27.13 -5.63
C THR A 309 -3.96 27.88 -6.10
N THR A 310 -4.69 27.27 -7.03
CA THR A 310 -5.89 27.89 -7.61
C THR A 310 -7.16 27.69 -6.76
N ALA A 311 -7.07 26.90 -5.69
CA ALA A 311 -8.25 26.63 -4.88
C ALA A 311 -8.74 27.88 -4.16
N GLY A 312 -10.04 28.00 -4.03
CA GLY A 312 -10.64 29.20 -3.47
C GLY A 312 -10.38 30.44 -4.27
N ASN A 313 -10.30 30.29 -5.58
CA ASN A 313 -10.17 31.38 -6.53
C ASN A 313 -11.28 32.45 -6.33
N PRO A 314 -10.90 33.73 -6.22
CA PRO A 314 -11.81 34.82 -5.96
C PRO A 314 -12.93 34.98 -7.03
N VAL A 315 -12.61 34.71 -8.30
CA VAL A 315 -13.58 34.80 -9.37
C VAL A 315 -14.54 33.65 -9.23
N CYS A 316 -14.02 32.51 -8.80
CA CYS A 316 -14.86 31.34 -8.56
C CYS A 316 -15.67 31.46 -7.28
N SER A 317 -15.08 32.03 -6.23
CA SER A 317 -15.77 32.27 -4.97
C SER A 317 -16.92 33.27 -5.15
N ALA A 318 -16.69 34.31 -5.95
CA ALA A 318 -17.77 35.22 -6.28
C ALA A 318 -18.93 34.50 -6.95
N ALA A 319 -18.62 33.62 -7.90
CA ALA A 319 -19.65 32.88 -8.61
C ALA A 319 -20.43 31.92 -7.68
N SER A 320 -19.78 31.42 -6.64
CA SER A 320 -20.44 30.53 -5.69
C SER A 320 -21.34 31.36 -4.77
N LEU A 321 -20.92 32.57 -4.46
CA LEU A 321 -21.73 33.47 -3.62
C LEU A 321 -23.01 33.89 -4.33
N ALA A 322 -22.93 34.11 -5.63
CA ALA A 322 -24.12 34.42 -6.40
C ALA A 322 -24.94 33.16 -6.55
N THR A 323 -24.29 32.01 -6.77
CA THR A 323 -24.99 30.75 -6.96
C THR A 323 -25.87 30.39 -5.77
N LEU A 324 -25.35 30.64 -4.57
CA LEU A 324 -26.09 30.37 -3.34
C LEU A 324 -27.25 31.34 -3.11
N ASP A 325 -27.05 32.63 -3.43
CA ASP A 325 -28.12 33.61 -3.33
C ASP A 325 -29.23 33.21 -4.27
N VAL A 326 -28.91 32.74 -5.47
CA VAL A 326 -29.92 32.30 -6.41
C VAL A 326 -30.80 31.15 -5.84
N ILE A 327 -30.17 30.21 -5.16
CA ILE A 327 -30.87 29.04 -4.68
C ILE A 327 -31.87 29.40 -3.61
N GLU A 328 -31.44 30.27 -2.70
CA GLU A 328 -32.25 30.69 -1.57
C GLU A 328 -33.36 31.66 -2.02
N TYR A 329 -33.01 32.57 -2.91
CA TYR A 329 -33.92 33.62 -3.36
C TYR A 329 -34.98 33.12 -4.33
N GLU A 330 -34.64 32.14 -5.17
CA GLU A 330 -35.60 31.60 -6.12
C GLU A 330 -36.24 30.35 -5.59
N GLY A 331 -36.09 30.11 -4.29
CA GLY A 331 -36.70 28.97 -3.60
C GLY A 331 -36.43 27.66 -4.30
N LEU A 332 -35.22 27.51 -4.83
CA LEU A 332 -34.87 26.30 -5.62
C LEU A 332 -34.96 24.99 -4.84
N VAL A 333 -34.62 25.02 -3.57
CA VAL A 333 -34.69 23.81 -2.80
C VAL A 333 -36.16 23.33 -2.86
N GLU A 334 -37.07 24.24 -2.50
CA GLU A 334 -38.51 23.96 -2.41
C GLU A 334 -39.05 23.67 -3.80
N LYS A 335 -38.59 24.43 -4.77
CA LYS A 335 -38.98 24.15 -6.14
C LYS A 335 -38.69 22.69 -6.53
N SER A 336 -37.49 22.22 -6.19
CA SER A 336 -37.03 20.87 -6.58
C SER A 336 -37.94 19.83 -5.94
N ALA A 337 -38.19 19.95 -4.64
CA ALA A 337 -39.14 19.04 -3.96
C ALA A 337 -40.50 18.98 -4.68
N THR A 338 -41.02 20.13 -5.10
CA THR A 338 -42.32 20.21 -5.81
C THR A 338 -42.26 19.58 -7.21
N ASP A 339 -41.41 20.12 -8.08
CA ASP A 339 -41.23 19.60 -9.44
C ASP A 339 -40.78 18.17 -9.42
N GLY A 340 -40.12 17.75 -8.34
CA GLY A 340 -39.68 16.37 -8.18
C GLY A 340 -40.83 15.46 -7.89
N ALA A 341 -41.85 16.02 -7.24
CA ALA A 341 -43.03 15.27 -6.89
C ALA A 341 -43.95 15.14 -8.10
N TYR A 342 -44.07 16.21 -8.86
CA TYR A 342 -44.79 16.21 -10.14
C TYR A 342 -44.12 15.33 -11.20
N ALA A 343 -42.80 15.32 -11.25
CA ALA A 343 -42.05 14.51 -12.20
C ALA A 343 -42.20 13.05 -11.86
N LYS A 344 -42.21 12.76 -10.56
CA LYS A 344 -42.39 11.38 -10.11
C LYS A 344 -43.76 10.84 -10.54
N GLN A 345 -44.77 11.70 -10.42
CA GLN A 345 -46.16 11.35 -10.73
C GLN A 345 -46.26 10.96 -12.20
N ARG A 346 -45.77 11.84 -13.07
CA ARG A 346 -45.78 11.62 -14.52
C ARG A 346 -45.01 10.39 -14.93
N PHE A 347 -43.93 10.13 -14.22
CA PHE A 347 -43.13 8.95 -14.46
C PHE A 347 -43.79 7.67 -13.95
N LEU A 348 -44.42 7.74 -12.78
CA LEU A 348 -45.19 6.63 -12.28
C LEU A 348 -46.37 6.32 -13.20
N GLU A 349 -47.03 7.38 -13.68
CA GLU A 349 -48.09 7.24 -14.69
C GLU A 349 -47.56 6.64 -16.02
N MET A 350 -46.38 7.04 -16.46
CA MET A 350 -45.79 6.45 -17.65
C MET A 350 -45.55 4.93 -17.51
N GLN A 351 -45.21 4.51 -16.29
CA GLN A 351 -44.96 3.11 -15.93
C GLN A 351 -46.21 2.20 -15.97
N GLN A 352 -47.39 2.82 -15.87
CA GLN A 352 -48.69 2.14 -16.00
C GLN A 352 -48.94 1.78 -17.45
N ARG A 353 -48.43 2.62 -18.37
CA ARG A 353 -48.55 2.38 -19.83
C ARG A 353 -47.30 1.71 -20.42
N HIS A 354 -46.12 2.15 -19.99
CA HIS A 354 -44.86 1.55 -20.42
C HIS A 354 -44.30 0.59 -19.35
N PRO A 355 -44.45 -0.73 -19.58
CA PRO A 355 -43.99 -1.73 -18.61
C PRO A 355 -42.46 -1.86 -18.52
N MET A 356 -41.76 -1.35 -19.53
CA MET A 356 -40.30 -1.39 -19.58
C MET A 356 -39.67 -0.57 -18.46
N ILE A 357 -40.40 0.40 -17.95
CA ILE A 357 -39.92 1.25 -16.87
C ILE A 357 -40.12 0.49 -15.57
N GLY A 358 -39.12 -0.31 -15.22
CA GLY A 358 -39.15 -1.12 -14.02
C GLY A 358 -39.22 -0.43 -12.67
N ASP A 359 -38.49 0.67 -12.53
CA ASP A 359 -38.45 1.38 -11.26
C ASP A 359 -38.41 2.87 -11.52
N VAL A 360 -39.11 3.64 -10.68
CA VAL A 360 -39.10 5.10 -10.77
C VAL A 360 -38.63 5.63 -9.41
N ARG A 361 -37.36 6.03 -9.37
CA ARG A 361 -36.73 6.59 -8.17
C ARG A 361 -36.58 8.09 -8.33
N MET A 362 -37.03 8.86 -7.34
CA MET A 362 -37.08 10.31 -7.49
C MET A 362 -37.17 11.01 -6.17
N TRP A 363 -36.26 11.93 -5.97
CA TRP A 363 -36.23 12.79 -4.80
C TRP A 363 -35.84 14.16 -5.26
N GLY A 364 -36.83 15.04 -5.46
CA GLY A 364 -36.56 16.36 -6.05
C GLY A 364 -36.32 16.15 -7.51
N LEU A 365 -35.83 17.18 -8.19
CA LEU A 365 -35.58 17.10 -9.62
C LEU A 365 -34.35 16.26 -9.86
N ASN A 366 -34.44 15.04 -9.35
CA ASN A 366 -33.32 14.16 -9.15
C ASN A 366 -33.89 12.73 -9.16
N GLY A 367 -33.84 12.10 -10.31
CA GLY A 367 -34.39 10.77 -10.45
C GLY A 367 -33.71 9.79 -11.40
N GLY A 368 -33.99 8.50 -11.17
CA GLY A 368 -33.46 7.44 -11.99
C GLY A 368 -34.61 6.61 -12.53
N ILE A 369 -34.67 6.49 -13.85
CA ILE A 369 -35.73 5.71 -14.51
C ILE A 369 -35.18 4.38 -15.01
N GLU A 370 -35.24 3.37 -14.14
CA GLU A 370 -34.62 2.07 -14.40
C GLU A 370 -35.49 1.29 -15.41
N LEU A 371 -34.91 1.03 -16.58
CA LEU A 371 -35.60 0.27 -17.61
C LEU A 371 -35.16 -1.21 -17.67
N VAL A 372 -36.17 -2.09 -17.82
CA VAL A 372 -35.95 -3.54 -17.88
C VAL A 372 -36.66 -4.21 -19.07
N LYS A 373 -36.25 -5.44 -19.36
CA LYS A 373 -36.86 -6.24 -20.42
C LYS A 373 -38.16 -6.90 -19.97
N ASP A 374 -38.21 -7.23 -18.68
CA ASP A 374 -39.40 -7.76 -18.06
C ASP A 374 -39.56 -7.25 -16.62
N PRO A 375 -40.75 -6.76 -16.23
CA PRO A 375 -40.95 -6.23 -14.87
C PRO A 375 -40.72 -7.21 -13.74
N LYS A 376 -40.92 -8.50 -14.01
CA LYS A 376 -40.78 -9.54 -12.99
C LYS A 376 -39.36 -10.13 -12.90
N THR A 377 -38.61 -10.12 -13.99
CA THR A 377 -37.21 -10.59 -14.00
C THR A 377 -36.23 -9.47 -13.58
N LYS A 378 -36.58 -8.21 -13.90
CA LYS A 378 -35.81 -7.00 -13.60
C LYS A 378 -34.47 -6.99 -14.35
N GLU A 379 -34.41 -7.72 -15.45
CA GLU A 379 -33.20 -7.84 -16.23
C GLU A 379 -32.87 -6.48 -16.88
N PRO A 380 -31.63 -6.00 -16.70
CA PRO A 380 -31.30 -4.69 -17.23
C PRO A 380 -31.51 -4.63 -18.73
N ASP A 381 -32.11 -3.55 -19.19
CA ASP A 381 -32.29 -3.32 -20.61
C ASP A 381 -31.52 -2.06 -21.04
N SER A 382 -30.25 -2.26 -21.39
CA SER A 382 -29.42 -1.18 -21.89
C SER A 382 -29.89 -0.69 -23.24
N ASP A 383 -30.36 -1.62 -24.06
CA ASP A 383 -30.82 -1.25 -25.38
C ASP A 383 -32.03 -0.35 -25.40
N ALA A 384 -33.06 -0.68 -24.62
CA ALA A 384 -34.26 0.18 -24.54
C ALA A 384 -33.83 1.60 -24.07
N ALA A 385 -33.09 1.65 -22.98
CA ALA A 385 -32.55 2.89 -22.43
C ALA A 385 -31.70 3.69 -23.43
N THR A 386 -30.82 2.98 -24.11
CA THR A 386 -29.93 3.62 -25.08
C THR A 386 -30.77 4.23 -26.20
N LYS A 387 -31.73 3.46 -26.67
CA LYS A 387 -32.62 3.96 -27.72
C LYS A 387 -33.47 5.16 -27.28
N VAL A 388 -33.91 5.18 -26.02
CA VAL A 388 -34.78 6.24 -25.53
C VAL A 388 -34.09 7.59 -25.58
N ILE A 389 -32.84 7.63 -25.12
CA ILE A 389 -32.05 8.86 -25.09
C ILE A 389 -31.74 9.44 -26.47
N TYR A 390 -31.40 8.56 -27.41
CA TYR A 390 -31.10 8.99 -28.77
C TYR A 390 -32.33 9.60 -29.43
N TYR A 391 -33.49 9.01 -29.17
CA TYR A 391 -34.74 9.54 -29.68
C TYR A 391 -34.89 10.92 -29.05
N ALA A 392 -34.50 11.02 -27.77
CA ALA A 392 -34.58 12.28 -27.05
C ALA A 392 -33.68 13.35 -27.67
N PHE A 393 -32.40 13.01 -27.89
CA PHE A 393 -31.43 13.91 -28.50
C PHE A 393 -31.90 14.47 -29.86
N ALA A 394 -32.25 13.55 -30.76
CA ALA A 394 -32.82 13.94 -32.06
C ALA A 394 -34.09 14.78 -31.96
N HIS A 395 -34.78 14.71 -30.82
CA HIS A 395 -35.99 15.51 -30.51
C HIS A 395 -35.81 16.65 -29.46
N GLY A 396 -34.57 17.15 -29.31
CA GLY A 396 -34.29 18.33 -28.47
C GLY A 396 -34.29 18.13 -26.96
N VAL A 397 -33.85 16.95 -26.52
CA VAL A 397 -33.73 16.63 -25.10
C VAL A 397 -32.42 15.92 -24.91
N VAL A 398 -31.60 16.44 -24.02
CA VAL A 398 -30.33 15.82 -23.73
C VAL A 398 -30.50 15.09 -22.41
N ILE A 399 -30.37 13.77 -22.48
CA ILE A 399 -30.40 12.95 -21.29
C ILE A 399 -29.48 11.75 -21.51
N ILE A 400 -28.88 11.24 -20.43
CA ILE A 400 -27.92 10.14 -20.53
C ILE A 400 -28.36 9.01 -19.57
N THR A 401 -27.50 8.00 -19.44
CA THR A 401 -27.78 6.87 -18.60
C THR A 401 -26.73 6.68 -17.53
N LEU A 402 -27.12 5.90 -16.53
CA LEU A 402 -26.30 5.49 -15.43
C LEU A 402 -26.43 3.97 -15.38
N ALA A 403 -25.29 3.28 -15.28
CA ALA A 403 -25.24 1.80 -15.18
C ALA A 403 -25.87 1.13 -16.41
N GLY A 404 -25.75 1.76 -17.58
CA GLY A 404 -26.28 1.26 -18.85
C GLY A 404 -27.79 1.44 -19.09
N ASN A 405 -28.59 0.91 -18.19
CA ASN A 405 -30.04 0.81 -18.37
C ASN A 405 -30.93 1.81 -17.58
N ILE A 406 -30.32 2.72 -16.80
CA ILE A 406 -31.09 3.70 -15.99
C ILE A 406 -30.94 5.08 -16.57
N LEU A 407 -32.07 5.72 -16.87
CA LEU A 407 -32.11 7.11 -17.36
C LEU A 407 -31.77 8.07 -16.21
N ARG A 408 -30.80 8.95 -16.43
CA ARG A 408 -30.40 9.95 -15.47
C ARG A 408 -31.19 11.23 -15.72
N PHE A 409 -32.01 11.61 -14.76
CA PHE A 409 -32.88 12.78 -14.84
C PHE A 409 -32.47 13.84 -13.81
N GLN A 410 -31.72 14.85 -14.25
CA GLN A 410 -31.19 15.88 -13.33
C GLN A 410 -31.08 17.21 -14.03
N PRO A 411 -32.22 17.78 -14.49
CA PRO A 411 -32.16 19.09 -15.12
C PRO A 411 -31.80 20.18 -14.15
N PRO A 412 -31.46 21.35 -14.68
CA PRO A 412 -31.29 22.50 -13.83
C PRO A 412 -32.54 22.71 -12.98
N LEU A 413 -32.35 22.98 -11.70
CA LEU A 413 -33.48 23.24 -10.76
C LEU A 413 -34.44 24.37 -11.18
N VAL A 414 -33.90 25.35 -11.90
CA VAL A 414 -34.68 26.50 -12.39
C VAL A 414 -35.52 26.18 -13.62
N ILE A 415 -35.53 24.92 -14.04
CA ILE A 415 -36.27 24.55 -15.25
C ILE A 415 -37.74 25.03 -15.16
N PRO A 416 -38.19 25.75 -16.19
CA PRO A 416 -39.58 26.16 -16.28
C PRO A 416 -40.51 24.99 -16.53
N ARG A 417 -41.73 25.09 -16.01
CA ARG A 417 -42.67 23.97 -16.06
C ARG A 417 -43.08 23.64 -17.49
N GLU A 418 -43.13 24.67 -18.33
CA GLU A 418 -43.38 24.51 -19.75
C GLU A 418 -42.33 23.55 -20.37
N GLN A 419 -41.05 23.78 -20.06
CA GLN A 419 -39.93 22.97 -20.61
C GLN A 419 -39.83 21.56 -20.04
N LEU A 420 -40.30 21.40 -18.80
CA LEU A 420 -40.35 20.09 -18.16
C LEU A 420 -41.40 19.18 -18.81
N ASP A 421 -42.62 19.69 -19.01
CA ASP A 421 -43.70 18.94 -19.68
C ASP A 421 -43.32 18.65 -21.12
N GLN A 422 -42.58 19.57 -21.71
CA GLN A 422 -42.07 19.42 -23.05
C GLN A 422 -41.05 18.28 -23.09
N ALA A 423 -40.24 18.17 -22.03
CA ALA A 423 -39.23 17.13 -21.92
C ALA A 423 -39.83 15.79 -21.54
N LEU A 424 -40.73 15.80 -20.56
CA LEU A 424 -41.42 14.61 -20.12
C LEU A 424 -42.26 13.97 -21.22
N GLN A 425 -42.74 14.79 -22.17
CA GLN A 425 -43.50 14.32 -23.32
C GLN A 425 -42.64 13.57 -24.32
N VAL A 426 -41.47 14.13 -24.61
CA VAL A 426 -40.55 13.51 -25.58
C VAL A 426 -40.14 12.13 -25.11
N LEU A 427 -39.97 11.96 -23.80
CA LEU A 427 -39.72 10.65 -23.25
C LEU A 427 -40.92 9.71 -23.39
N ASP A 428 -42.12 10.24 -23.17
CA ASP A 428 -43.35 9.45 -23.35
C ASP A 428 -43.47 8.89 -24.75
N ASP A 429 -43.05 9.72 -25.71
CA ASP A 429 -43.01 9.31 -27.09
C ASP A 429 -41.90 8.31 -27.33
N ALA A 430 -40.75 8.55 -26.69
CA ALA A 430 -39.60 7.67 -26.84
C ALA A 430 -39.94 6.26 -26.45
N PHE A 431 -40.70 6.10 -25.39
CA PHE A 431 -41.06 4.78 -24.93
C PHE A 431 -41.93 4.03 -25.94
N THR A 432 -43.02 4.68 -26.36
CA THR A 432 -43.89 4.20 -27.46
C THR A 432 -43.04 3.90 -28.71
N ALA A 433 -42.26 4.89 -29.13
CA ALA A 433 -41.35 4.75 -30.28
C ALA A 433 -40.46 3.51 -30.17
N VAL A 434 -39.95 3.23 -28.96
CA VAL A 434 -39.09 2.07 -28.71
C VAL A 434 -39.92 0.79 -28.77
N GLU A 435 -41.11 0.82 -28.13
CA GLU A 435 -42.00 -0.36 -28.04
C GLU A 435 -42.46 -0.80 -29.41
N ASN A 436 -42.79 0.18 -30.25
CA ASN A 436 -43.24 -0.08 -31.62
C ASN A 436 -42.05 -0.29 -32.58
N GLY A 437 -40.89 -0.70 -32.05
CA GLY A 437 -39.65 -0.87 -32.82
C GLY A 437 -39.32 0.20 -33.86
N GLU A 438 -39.15 1.45 -33.44
CA GLU A 438 -38.90 2.56 -34.40
C GLU A 438 -37.55 3.29 -34.24
N VAL A 439 -36.65 2.72 -33.45
CA VAL A 439 -35.39 3.37 -33.18
C VAL A 439 -34.29 2.36 -33.41
N THR A 440 -33.31 2.78 -34.23
CA THR A 440 -32.23 1.90 -34.67
C THR A 440 -30.95 2.74 -34.85
N ILE A 441 -30.52 3.32 -33.74
CA ILE A 441 -29.17 3.92 -33.51
C ILE A 441 -28.05 3.63 -34.55
N GLY B 2 -2.85 52.06 12.61
CA GLY B 2 -2.71 50.76 11.90
C GLY B 2 -2.95 50.90 10.40
N LYS B 3 -1.93 50.57 9.61
CA LYS B 3 -2.07 50.52 8.17
C LYS B 3 -3.00 49.35 7.78
N LEU B 4 -3.02 48.31 8.61
CA LEU B 4 -3.78 47.09 8.40
C LEU B 4 -4.99 46.94 9.32
N ASP B 5 -5.71 48.03 9.57
CA ASP B 5 -6.87 47.99 10.46
C ASP B 5 -8.02 47.06 10.03
N LYS B 6 -8.35 47.04 8.75
CA LYS B 6 -9.41 46.15 8.23
C LYS B 6 -8.89 44.74 8.05
N ALA B 7 -7.79 44.61 7.33
CA ALA B 7 -7.16 43.30 7.07
C ALA B 7 -7.07 42.40 8.32
N SER B 8 -6.63 42.97 9.44
CA SER B 8 -6.54 42.25 10.72
C SER B 8 -7.88 41.79 11.27
N LYS B 9 -8.89 42.66 11.15
CA LYS B 9 -10.25 42.36 11.62
C LYS B 9 -10.93 41.23 10.81
N LEU B 10 -10.70 41.24 9.51
CA LEU B 10 -11.28 40.28 8.61
C LEU B 10 -10.63 38.89 8.81
N ILE B 11 -9.30 38.87 8.95
CA ILE B 11 -8.54 37.61 9.10
C ILE B 11 -8.89 36.89 10.41
N ASP B 12 -9.14 37.68 11.45
CA ASP B 12 -9.61 37.21 12.77
C ASP B 12 -10.92 36.43 12.67
N GLU B 13 -11.84 36.89 11.81
CA GLU B 13 -13.06 36.15 11.53
C GLU B 13 -12.81 34.93 10.63
N GLU B 14 -12.10 35.11 9.52
CA GLU B 14 -11.78 33.99 8.60
C GLU B 14 -11.15 32.79 9.31
N ASN B 15 -10.25 33.06 10.27
CA ASN B 15 -9.59 32.00 11.01
C ASN B 15 -10.54 31.13 11.87
N LYS B 16 -11.78 31.55 12.01
CA LYS B 16 -12.80 30.79 12.72
C LYS B 16 -13.52 29.79 11.82
N TYR B 17 -13.68 30.15 10.54
CA TYR B 17 -14.45 29.35 9.59
C TYR B 17 -13.57 28.59 8.60
N TYR B 18 -12.29 28.96 8.46
CA TYR B 18 -11.41 28.43 7.38
C TYR B 18 -10.13 27.76 7.96
N ALA B 19 -10.01 26.44 7.70
CA ALA B 19 -8.95 25.56 8.24
C ALA B 19 -7.58 26.17 8.11
N ARG B 20 -6.75 25.95 9.14
CA ARG B 20 -5.42 26.58 9.16
C ARG B 20 -4.39 25.87 8.33
N SER B 21 -4.69 24.63 7.95
CA SER B 21 -3.87 23.80 7.07
C SER B 21 -3.96 24.21 5.59
N ALA B 22 -4.98 25.02 5.30
CA ALA B 22 -5.19 25.56 3.96
C ALA B 22 -4.42 26.85 3.64
N ARG B 23 -3.50 27.29 4.51
CA ARG B 23 -2.75 28.53 4.29
C ARG B 23 -1.48 28.56 5.11
N ILE B 24 -0.39 28.97 4.45
CA ILE B 24 0.92 29.21 5.07
C ILE B 24 0.90 30.69 5.39
N ASN B 25 0.79 31.02 6.68
CA ASN B 25 0.64 32.42 7.10
C ASN B 25 1.98 33.18 7.09
N TYR B 26 1.93 34.39 6.54
CA TYR B 26 3.07 35.33 6.48
C TYR B 26 2.68 36.67 7.09
N TYR B 27 1.80 37.39 6.40
CA TYR B 27 1.40 38.75 6.75
C TYR B 27 -0.10 38.84 6.63
N ASN B 28 -0.68 39.79 7.36
CA ASN B 28 -2.11 40.06 7.27
C ASN B 28 -2.37 40.83 5.97
N LEU B 29 -2.56 40.09 4.89
CA LEU B 29 -2.77 40.68 3.58
C LEU B 29 -4.11 40.30 2.95
N VAL B 30 -5.07 41.21 3.06
CA VAL B 30 -6.37 41.05 2.42
C VAL B 30 -6.34 41.91 1.14
N ILE B 31 -6.15 41.22 0.03
CA ILE B 31 -6.03 41.89 -1.25
C ILE B 31 -7.42 42.32 -1.69
N ASP B 32 -7.55 43.55 -2.17
CA ASP B 32 -8.80 44.07 -2.72
C ASP B 32 -8.81 43.92 -4.22
N HIS B 33 -7.78 44.46 -4.87
CA HIS B 33 -7.65 44.36 -6.32
C HIS B 33 -6.19 44.46 -6.73
N ALA B 34 -5.92 44.12 -7.99
CA ALA B 34 -4.58 44.17 -8.50
C ALA B 34 -4.53 44.36 -10.00
N HIS B 35 -3.38 44.80 -10.48
CA HIS B 35 -3.14 44.93 -11.90
C HIS B 35 -1.67 44.86 -12.14
N GLY B 36 -1.26 44.09 -13.15
CA GLY B 36 0.17 43.90 -13.44
C GLY B 36 0.93 43.28 -12.28
N ALA B 37 1.89 44.03 -11.74
CA ALA B 37 2.62 43.65 -10.56
C ALA B 37 2.22 44.51 -9.38
N THR B 38 1.10 45.23 -9.50
CA THR B 38 0.55 46.07 -8.42
C THR B 38 -0.64 45.42 -7.74
N LEU B 39 -0.54 45.32 -6.41
CA LEU B 39 -1.59 44.80 -5.52
C LEU B 39 -2.09 45.90 -4.59
N VAL B 40 -3.39 45.91 -4.29
CA VAL B 40 -3.97 46.94 -3.41
C VAL B 40 -4.87 46.26 -2.39
N ASP B 41 -4.54 46.38 -1.11
CA ASP B 41 -5.34 45.74 -0.05
C ASP B 41 -6.57 46.58 0.25
N VAL B 42 -7.45 46.03 1.07
CA VAL B 42 -8.68 46.70 1.47
C VAL B 42 -8.48 48.02 2.24
N ASP B 43 -7.30 48.20 2.86
CA ASP B 43 -6.93 49.45 3.52
C ASP B 43 -6.46 50.54 2.56
N GLY B 44 -6.20 50.22 1.30
CA GLY B 44 -5.73 51.20 0.32
C GLY B 44 -4.22 51.21 0.08
N ASN B 45 -3.51 50.28 0.70
CA ASN B 45 -2.06 50.15 0.52
C ASN B 45 -1.71 49.41 -0.74
N LYS B 46 -0.68 49.90 -1.42
CA LYS B 46 -0.23 49.38 -2.69
C LYS B 46 1.08 48.65 -2.50
N TYR B 47 1.24 47.51 -3.20
CA TYR B 47 2.46 46.73 -3.10
C TYR B 47 2.92 46.27 -4.44
N ILE B 48 4.21 45.99 -4.50
CA ILE B 48 4.84 45.35 -5.67
C ILE B 48 4.83 43.85 -5.42
N ASP B 49 4.29 43.11 -6.38
CA ASP B 49 4.12 41.68 -6.26
C ASP B 49 5.35 40.88 -6.75
N LEU B 50 6.19 40.44 -5.83
CA LEU B 50 7.32 39.55 -6.20
C LEU B 50 7.03 38.03 -6.06
N LEU B 51 5.77 37.70 -5.78
CA LEU B 51 5.34 36.32 -5.60
C LEU B 51 4.45 35.80 -6.76
N ALA B 52 3.73 36.72 -7.41
CA ALA B 52 2.82 36.39 -8.49
C ALA B 52 1.86 35.24 -8.15
N SER B 53 1.41 35.22 -6.91
CA SER B 53 0.51 34.17 -6.43
C SER B 53 1.08 32.77 -6.67
N ALA B 54 2.36 32.61 -6.32
CA ALA B 54 3.12 31.37 -6.52
C ALA B 54 3.24 31.08 -8.02
N SER B 55 3.75 32.06 -8.76
CA SER B 55 3.95 31.92 -10.21
C SER B 55 2.69 31.47 -10.99
N ALA B 56 1.53 31.89 -10.50
CA ALA B 56 0.27 31.63 -11.16
C ALA B 56 -0.20 32.87 -11.97
N ILE B 57 0.56 33.96 -11.90
CA ILE B 57 0.23 35.19 -12.58
C ILE B 57 1.44 35.66 -13.37
N ASN B 58 1.80 34.88 -14.39
CA ASN B 58 2.93 35.19 -15.25
C ASN B 58 2.72 36.45 -16.07
N VAL B 59 1.48 36.62 -16.53
CA VAL B 59 1.13 37.75 -17.37
C VAL B 59 0.57 38.94 -16.59
N GLY B 60 0.70 38.94 -15.26
CA GLY B 60 0.26 40.08 -14.47
C GLY B 60 -1.22 40.02 -14.15
N HIS B 61 -1.55 40.65 -13.04
CA HIS B 61 -2.92 40.67 -12.54
C HIS B 61 -3.89 41.44 -13.41
N THR B 62 -5.07 40.87 -13.57
CA THR B 62 -6.14 41.51 -14.33
C THR B 62 -5.73 42.01 -15.71
N HIS B 63 -5.03 41.19 -16.47
CA HIS B 63 -4.66 41.61 -17.81
C HIS B 63 -5.97 41.79 -18.55
N GLU B 64 -6.10 42.90 -19.27
CA GLU B 64 -7.36 43.19 -19.94
C GLU B 64 -7.82 42.12 -20.94
N LYS B 65 -6.90 41.51 -21.67
CA LYS B 65 -7.24 40.39 -22.57
C LYS B 65 -7.78 39.19 -21.79
N VAL B 66 -7.19 38.87 -20.66
CA VAL B 66 -7.64 37.76 -19.84
C VAL B 66 -9.01 38.07 -19.23
N VAL B 67 -9.14 39.26 -18.66
CA VAL B 67 -10.41 39.71 -18.03
C VAL B 67 -11.58 39.70 -19.02
N LYS B 68 -11.31 40.16 -20.21
CA LYS B 68 -12.29 40.21 -21.27
C LYS B 68 -12.74 38.82 -21.70
N ALA B 69 -11.80 37.90 -21.92
CA ALA B 69 -12.10 36.51 -22.33
C ALA B 69 -12.95 35.85 -21.25
N ILE B 70 -12.61 36.13 -19.99
CA ILE B 70 -13.38 35.60 -18.84
C ILE B 70 -14.79 36.11 -18.85
N ALA B 71 -14.99 37.40 -19.09
CA ALA B 71 -16.34 38.02 -19.11
C ALA B 71 -17.17 37.66 -20.35
N ASP B 72 -16.51 37.61 -21.49
CA ASP B 72 -17.20 37.24 -22.75
C ASP B 72 -17.70 35.79 -22.77
N GLN B 73 -16.82 34.88 -22.38
CA GLN B 73 -17.10 33.45 -22.35
C GLN B 73 -18.16 33.10 -21.33
N ALA B 74 -18.10 33.74 -20.17
CA ALA B 74 -19.04 33.47 -19.09
C ALA B 74 -20.47 33.78 -19.51
N GLN B 75 -20.65 34.89 -20.23
CA GLN B 75 -21.97 35.25 -20.67
C GLN B 75 -22.57 34.21 -21.61
N LYS B 76 -21.78 33.74 -22.58
CA LYS B 76 -22.27 32.71 -23.50
C LYS B 76 -22.49 31.35 -22.86
N LEU B 77 -21.50 30.89 -22.10
CA LEU B 77 -21.56 29.61 -21.42
C LEU B 77 -20.62 29.57 -20.22
N ILE B 78 -21.16 29.51 -19.01
CA ILE B 78 -20.33 29.45 -17.82
C ILE B 78 -19.67 28.09 -17.69
N HIS B 79 -20.41 27.04 -17.99
CA HIS B 79 -19.88 25.69 -17.90
C HIS B 79 -20.72 24.64 -18.55
N TYR B 80 -20.02 23.66 -19.09
CA TYR B 80 -20.58 22.36 -19.43
C TYR B 80 -19.42 21.39 -19.51
N THR B 81 -19.42 20.40 -18.61
CA THR B 81 -18.33 19.39 -18.52
C THR B 81 -17.81 18.83 -19.88
N PRO B 82 -16.50 18.93 -20.11
CA PRO B 82 -15.83 18.21 -21.21
C PRO B 82 -15.75 16.69 -20.99
N ALA B 83 -16.01 16.24 -19.76
CA ALA B 83 -16.05 14.79 -19.40
C ALA B 83 -17.24 14.02 -20.03
N TYR B 84 -18.23 14.78 -20.51
CA TYR B 84 -19.37 14.21 -21.19
C TYR B 84 -19.61 14.85 -22.56
N PHE B 85 -19.36 16.15 -22.66
CA PHE B 85 -19.62 16.93 -23.88
C PHE B 85 -18.49 17.89 -24.28
N HIS B 86 -18.64 18.49 -25.47
CA HIS B 86 -17.65 19.40 -26.01
C HIS B 86 -18.08 20.87 -26.15
N HIS B 87 -17.13 21.77 -25.92
CA HIS B 87 -17.28 23.21 -26.06
C HIS B 87 -16.04 23.73 -26.82
N VAL B 88 -16.27 24.68 -27.72
CA VAL B 88 -15.22 25.22 -28.61
C VAL B 88 -13.92 25.75 -27.92
N PRO B 89 -14.05 26.58 -26.86
CA PRO B 89 -12.83 27.07 -26.20
C PRO B 89 -11.82 25.96 -25.77
N GLY B 90 -12.32 24.82 -25.34
CA GLY B 90 -11.48 23.72 -24.85
C GLY B 90 -10.85 22.88 -25.94
N MET B 91 -11.60 22.64 -27.01
CA MET B 91 -11.06 22.00 -28.20
C MET B 91 -9.88 22.74 -28.80
N GLU B 92 -9.92 24.05 -28.70
CA GLU B 92 -8.90 24.93 -29.26
C GLU B 92 -7.63 24.93 -28.38
N LEU B 93 -7.84 24.92 -27.06
CA LEU B 93 -6.75 25.02 -26.11
C LEU B 93 -5.94 23.74 -26.07
N SER B 94 -6.64 22.60 -26.08
CA SER B 94 -6.01 21.27 -26.12
C SER B 94 -5.15 21.10 -27.37
N GLU B 95 -5.61 21.66 -28.48
CA GLU B 95 -4.79 21.69 -29.68
C GLU B 95 -3.51 22.55 -29.53
N LYS B 96 -3.67 23.77 -29.00
CA LYS B 96 -2.54 24.70 -28.80
C LYS B 96 -1.51 24.18 -27.80
N LEU B 97 -1.98 23.62 -26.71
CA LEU B 97 -1.09 23.04 -25.72
C LEU B 97 -0.37 21.81 -26.27
N ALA B 98 -0.94 21.17 -27.27
CA ALA B 98 -0.29 20.01 -27.87
C ALA B 98 0.93 20.41 -28.70
N LYS B 99 0.81 21.50 -29.45
CA LYS B 99 1.91 21.93 -30.31
C LYS B 99 3.01 22.76 -29.62
N ILE B 100 2.61 23.64 -28.70
CA ILE B 100 3.58 24.45 -27.97
C ILE B 100 4.37 23.65 -26.94
N ALA B 101 3.90 22.47 -26.62
CA ALA B 101 4.64 21.56 -25.76
C ALA B 101 6.03 21.26 -26.31
N PRO B 102 7.02 21.13 -25.44
CA PRO B 102 8.36 20.90 -25.92
C PRO B 102 8.54 19.59 -26.71
N GLY B 103 9.47 19.58 -27.64
CA GLY B 103 9.68 18.43 -28.52
C GLY B 103 8.79 18.41 -29.74
N ASN B 104 9.06 17.48 -30.64
CA ASN B 104 8.33 17.39 -31.92
C ASN B 104 7.41 16.19 -32.05
N SER B 105 7.49 15.22 -31.13
CA SER B 105 6.63 14.03 -31.18
C SER B 105 5.18 14.46 -31.04
N PRO B 106 4.26 13.85 -31.81
CA PRO B 106 2.83 14.11 -31.58
C PRO B 106 2.41 13.95 -30.13
N LYS B 107 1.47 14.78 -29.69
CA LYS B 107 1.05 14.79 -28.31
C LYS B 107 -0.43 14.89 -28.17
N MET B 108 -0.93 14.40 -27.02
CA MET B 108 -2.31 14.60 -26.63
C MET B 108 -2.32 15.19 -25.25
N VAL B 109 -3.45 15.84 -24.96
CA VAL B 109 -3.64 16.66 -23.76
C VAL B 109 -4.78 16.09 -22.95
N SER B 110 -4.69 16.19 -21.65
CA SER B 110 -5.84 15.90 -20.84
C SER B 110 -5.96 17.01 -19.79
N PHE B 111 -7.14 17.62 -19.67
CA PHE B 111 -7.31 18.72 -18.73
C PHE B 111 -7.62 18.24 -17.32
N GLY B 112 -7.29 19.10 -16.37
CA GLY B 112 -7.57 18.91 -14.93
C GLY B 112 -7.92 20.29 -14.34
N ASN B 113 -7.97 20.39 -13.01
CA ASN B 113 -8.23 21.68 -12.35
C ASN B 113 -7.00 22.28 -11.70
N SER B 114 -6.20 21.43 -11.12
CA SER B 114 -5.03 21.87 -10.40
C SER B 114 -3.79 21.13 -10.82
N GLY B 115 -2.63 21.77 -10.59
CA GLY B 115 -1.32 21.08 -10.74
C GLY B 115 -1.28 19.71 -10.08
N SER B 116 -1.89 19.59 -8.90
CA SER B 116 -1.96 18.31 -8.16
C SER B 116 -2.61 17.16 -8.91
N ASP B 117 -3.78 17.40 -9.47
CA ASP B 117 -4.45 16.35 -10.24
C ASP B 117 -3.73 16.02 -11.55
N ALA B 118 -2.93 16.94 -12.06
CA ALA B 118 -2.13 16.72 -13.29
C ALA B 118 -1.06 15.66 -13.08
N ASN B 119 -0.24 15.85 -12.06
CA ASN B 119 0.72 14.86 -11.63
C ASN B 119 0.06 13.56 -11.21
N ASP B 120 -1.10 13.63 -10.61
CA ASP B 120 -1.85 12.40 -10.30
C ASP B 120 -2.06 11.62 -11.60
N ALA B 121 -2.48 12.34 -12.65
CA ALA B 121 -2.61 11.75 -14.01
C ALA B 121 -1.29 11.17 -14.55
N ILE B 122 -0.18 11.84 -14.29
CA ILE B 122 1.07 11.35 -14.78
C ILE B 122 1.30 9.93 -14.30
N ILE B 123 1.02 9.71 -13.02
CA ILE B 123 1.21 8.39 -12.41
C ILE B 123 0.38 7.34 -13.16
N LYS B 124 -0.90 7.62 -13.30
CA LYS B 124 -1.81 6.73 -14.02
C LYS B 124 -1.31 6.41 -15.43
N PHE B 125 -1.10 7.46 -16.23
CA PHE B 125 -0.74 7.31 -17.65
C PHE B 125 0.55 6.53 -17.80
N ALA B 126 1.47 6.77 -16.90
CA ALA B 126 2.75 6.07 -16.88
C ALA B 126 2.56 4.62 -16.52
N ARG B 127 1.85 4.38 -15.44
CA ARG B 127 1.52 3.03 -15.06
C ARG B 127 0.77 2.27 -16.12
N ALA B 128 -0.24 2.90 -16.70
CA ALA B 128 -1.04 2.29 -17.75
C ALA B 128 -0.29 1.98 -19.03
N TYR B 129 0.56 2.90 -19.45
CA TYR B 129 1.35 2.69 -20.64
C TYR B 129 2.47 1.64 -20.49
N THR B 130 3.24 1.71 -19.41
CA THR B 130 4.36 0.83 -19.25
C THR B 130 3.98 -0.55 -18.74
N GLY B 131 2.90 -0.62 -18.01
CA GLY B 131 2.51 -1.87 -17.36
C GLY B 131 3.31 -2.13 -16.11
N ARG B 132 3.99 -1.11 -15.61
CA ARG B 132 4.83 -1.21 -14.42
C ARG B 132 4.21 -0.34 -13.33
N GLN B 133 4.49 -0.67 -12.08
CA GLN B 133 3.84 0.06 -10.99
C GLN B 133 4.67 1.11 -10.30
N TYR B 134 5.97 0.95 -10.32
CA TYR B 134 6.85 1.83 -9.53
C TYR B 134 7.00 3.19 -10.15
N ILE B 135 7.02 4.19 -9.27
CA ILE B 135 7.21 5.60 -9.61
C ILE B 135 8.34 6.15 -8.78
N VAL B 136 9.28 6.86 -9.44
CA VAL B 136 10.43 7.54 -8.82
C VAL B 136 10.23 9.06 -8.85
N SER B 137 10.35 9.70 -7.69
CA SER B 137 10.28 11.18 -7.55
C SER B 137 11.43 11.65 -6.64
N TYR B 138 11.58 12.96 -6.50
CA TYR B 138 12.74 13.51 -5.83
C TYR B 138 12.39 14.10 -4.49
N MET B 139 13.35 13.99 -3.56
CA MET B 139 13.29 14.73 -2.32
C MET B 139 13.36 16.20 -2.68
N GLY B 140 12.65 17.01 -1.91
CA GLY B 140 12.63 18.44 -2.05
C GLY B 140 11.65 18.90 -3.11
N SER B 141 10.92 17.97 -3.69
CA SER B 141 9.99 18.30 -4.75
C SER B 141 8.66 18.64 -4.19
N TYR B 142 7.80 19.17 -5.07
CA TYR B 142 6.39 19.44 -4.77
C TYR B 142 5.54 19.16 -6.02
N HIS B 143 4.61 18.23 -5.92
CA HIS B 143 3.78 17.95 -7.07
C HIS B 143 2.30 18.16 -6.85
N GLY B 144 1.86 18.24 -5.60
CA GLY B 144 0.47 18.52 -5.33
C GLY B 144 -0.03 18.03 -4.00
N SER B 145 -1.31 18.26 -3.79
CA SER B 145 -1.94 17.96 -2.54
C SER B 145 -3.02 16.92 -2.67
N THR B 146 -2.97 16.14 -3.74
CA THR B 146 -3.84 14.99 -3.89
C THR B 146 -3.00 13.76 -3.56
N TYR B 147 -3.65 12.70 -3.10
CA TYR B 147 -2.95 11.51 -2.60
C TYR B 147 -1.83 11.00 -3.52
N GLY B 148 -2.03 10.99 -4.83
CA GLY B 148 -0.93 10.64 -5.73
C GLY B 148 0.26 11.61 -5.66
N SER B 149 0.05 12.85 -6.11
CA SER B 149 1.08 13.90 -6.13
C SER B 149 1.74 14.21 -4.76
N GLN B 150 0.96 14.15 -3.70
CA GLN B 150 1.49 14.35 -2.36
C GLN B 150 2.47 13.25 -1.97
N THR B 151 2.21 12.03 -2.43
CA THR B 151 3.15 10.96 -2.18
C THR B 151 4.46 11.22 -2.95
N LEU B 152 4.36 11.75 -4.15
CA LEU B 152 5.56 12.06 -4.92
C LEU B 152 6.41 13.21 -4.35
N SER B 153 5.76 14.16 -3.71
CA SER B 153 6.41 15.27 -3.12
C SER B 153 7.34 14.92 -1.97
N GLY B 154 8.33 15.78 -1.74
CA GLY B 154 9.32 15.61 -0.69
C GLY B 154 9.87 16.91 -0.11
N SER B 155 9.01 17.90 0.06
CA SER B 155 9.47 19.19 0.55
C SER B 155 8.94 19.64 1.91
N SER B 156 7.98 18.91 2.47
CA SER B 156 7.35 19.29 3.73
C SER B 156 6.89 18.05 4.48
N LEU B 157 7.42 17.87 5.69
CA LEU B 157 7.07 16.73 6.52
C LEU B 157 5.58 16.73 6.91
N ASN B 158 4.92 17.87 6.83
CA ASN B 158 3.48 17.96 7.13
C ASN B 158 2.60 17.55 5.92
N MET B 159 3.23 17.03 4.85
CA MET B 159 2.50 16.49 3.72
C MET B 159 2.48 14.95 3.80
N THR B 160 3.12 14.39 4.81
CA THR B 160 3.16 12.98 5.07
C THR B 160 2.48 12.72 6.40
N ARG B 161 2.67 13.65 7.34
CA ARG B 161 2.17 13.49 8.71
C ARG B 161 0.67 13.38 8.88
N LYS B 162 0.29 12.32 9.58
CA LYS B 162 -1.09 11.98 9.99
C LYS B 162 -2.09 11.63 8.89
N ILE B 163 -1.64 11.46 7.66
CA ILE B 163 -2.52 11.13 6.57
C ILE B 163 -2.13 9.81 5.94
N GLY B 164 -1.15 9.15 6.54
CA GLY B 164 -0.71 7.87 6.01
C GLY B 164 -1.74 6.77 6.16
N PRO B 165 -1.61 5.68 5.41
CA PRO B 165 -0.52 5.41 4.49
C PRO B 165 -0.69 6.10 3.19
N MET B 166 0.45 6.41 2.57
CA MET B 166 0.49 7.08 1.27
C MET B 166 0.41 6.06 0.14
N LEU B 167 0.49 6.50 -1.10
CA LEU B 167 0.41 5.61 -2.29
C LEU B 167 1.64 4.69 -2.38
N PRO B 168 1.41 3.38 -2.57
CA PRO B 168 2.51 2.44 -2.66
C PRO B 168 3.21 2.52 -4.02
N SER B 169 4.33 1.80 -4.08
CA SER B 169 5.25 1.76 -5.21
C SER B 169 5.82 3.14 -5.59
N VAL B 170 6.32 3.87 -4.60
CA VAL B 170 6.93 5.19 -4.86
C VAL B 170 8.24 5.24 -4.12
N VAL B 171 9.31 5.58 -4.84
CA VAL B 171 10.67 5.67 -4.32
C VAL B 171 11.21 7.10 -4.50
N HIS B 172 11.87 7.62 -3.46
CA HIS B 172 12.43 8.97 -3.50
C HIS B 172 13.94 8.93 -3.64
N VAL B 173 14.47 9.84 -4.47
CA VAL B 173 15.91 9.96 -4.68
C VAL B 173 16.33 11.43 -4.42
N PRO B 174 17.61 11.64 -4.04
CA PRO B 174 18.13 12.98 -3.81
C PRO B 174 18.27 13.81 -5.10
N TYR B 175 17.82 15.06 -5.04
CA TYR B 175 17.95 16.01 -6.12
C TYR B 175 19.29 16.74 -6.05
N PRO B 176 19.96 16.93 -7.17
CA PRO B 176 21.31 17.50 -7.12
C PRO B 176 21.31 18.92 -6.58
N ASP B 177 22.20 19.15 -5.62
CA ASP B 177 22.33 20.39 -4.85
C ASP B 177 23.69 20.93 -5.27
N SER B 178 23.70 22.12 -5.86
CA SER B 178 24.95 22.74 -6.31
C SER B 178 25.52 23.77 -5.37
N TYR B 179 24.89 24.02 -4.23
CA TYR B 179 25.40 25.01 -3.28
C TYR B 179 26.12 24.29 -2.14
N ARG B 180 25.39 23.41 -1.45
CA ARG B 180 25.97 22.63 -0.31
C ARG B 180 26.61 21.35 -0.82
N THR B 181 27.79 21.52 -1.38
CA THR B 181 28.50 20.42 -1.95
C THR B 181 29.71 20.12 -1.07
N TYR B 182 30.57 19.21 -1.55
CA TYR B 182 31.82 18.85 -0.87
C TYR B 182 32.98 19.69 -1.44
N PRO B 183 34.05 19.90 -0.63
CA PRO B 183 35.18 20.78 -1.01
C PRO B 183 35.82 20.37 -2.28
N GLY B 184 35.85 21.26 -3.25
CA GLY B 184 36.45 20.99 -4.57
C GLY B 184 35.54 20.39 -5.62
N GLU B 185 34.28 20.10 -5.28
CA GLU B 185 33.37 19.50 -6.23
C GLU B 185 32.99 20.41 -7.40
N THR B 186 33.32 19.97 -8.60
CA THR B 186 32.97 20.67 -9.84
C THR B 186 31.54 20.30 -10.13
N GLU B 187 30.95 20.89 -11.18
CA GLU B 187 29.64 20.50 -11.60
C GLU B 187 29.64 19.04 -12.06
N HIS B 188 30.70 18.64 -12.75
CA HIS B 188 30.80 17.27 -13.21
C HIS B 188 30.79 16.31 -12.00
N ASP B 189 31.52 16.66 -10.94
CA ASP B 189 31.52 15.85 -9.71
C ASP B 189 30.11 15.72 -9.14
N VAL B 190 29.40 16.84 -9.05
CA VAL B 190 28.03 16.86 -8.55
C VAL B 190 27.12 15.92 -9.37
N SER B 191 27.11 16.10 -10.68
CA SER B 191 26.30 15.27 -11.56
C SER B 191 26.53 13.78 -11.35
N LEU B 192 27.79 13.39 -11.31
CA LEU B 192 28.15 11.98 -11.08
C LEU B 192 27.74 11.47 -9.69
N ARG B 193 27.97 12.28 -8.66
CA ARG B 193 27.64 11.88 -7.30
C ARG B 193 26.14 11.65 -7.20
N TYR B 194 25.36 12.55 -7.78
CA TYR B 194 23.93 12.46 -7.61
C TYR B 194 23.31 11.39 -8.52
N PHE B 195 23.87 11.24 -9.71
CA PHE B 195 23.48 10.16 -10.59
C PHE B 195 23.83 8.81 -9.99
N ASN B 196 24.90 8.78 -9.24
CA ASN B 196 25.26 7.57 -8.54
C ASN B 196 24.29 7.25 -7.37
N GLU B 197 23.78 8.25 -6.65
CA GLU B 197 22.74 8.03 -5.64
C GLU B 197 21.47 7.59 -6.35
N PHE B 198 21.21 8.18 -7.51
CA PHE B 198 20.06 7.83 -8.34
C PHE B 198 20.01 6.35 -8.67
N LYS B 199 21.17 5.77 -8.95
CA LYS B 199 21.26 4.38 -9.36
C LYS B 199 21.09 3.37 -8.23
N LYS B 200 21.62 3.68 -7.04
CA LYS B 200 21.63 2.77 -5.90
C LYS B 200 20.35 1.97 -5.73
N PRO B 201 19.18 2.65 -5.74
CA PRO B 201 17.98 1.83 -5.56
C PRO B 201 17.80 0.83 -6.70
N PHE B 202 18.06 1.25 -7.94
CA PHE B 202 18.01 0.35 -9.14
C PHE B 202 19.05 -0.79 -9.09
N GLU B 203 20.09 -0.57 -8.29
CA GLU B 203 21.12 -1.58 -8.09
C GLU B 203 20.84 -2.46 -6.88
N SER B 204 19.76 -2.17 -6.16
CA SER B 204 19.44 -2.97 -4.99
C SER B 204 18.03 -3.58 -4.95
N PHE B 205 17.01 -2.75 -4.70
CA PHE B 205 15.64 -3.25 -4.57
C PHE B 205 14.60 -2.79 -5.60
N LEU B 206 14.92 -1.79 -6.40
CA LEU B 206 13.96 -1.25 -7.36
C LEU B 206 14.31 -1.67 -8.76
N PRO B 207 13.57 -2.61 -9.34
CA PRO B 207 13.80 -3.03 -10.73
C PRO B 207 13.58 -1.90 -11.75
N ALA B 208 14.57 -1.64 -12.57
CA ALA B 208 14.45 -0.64 -13.61
C ALA B 208 13.32 -1.05 -14.53
N ASP B 209 13.22 -2.35 -14.79
CA ASP B 209 12.13 -2.92 -15.61
C ASP B 209 10.73 -2.81 -15.01
N GLU B 210 10.63 -2.55 -13.71
CA GLU B 210 9.34 -2.31 -13.08
C GLU B 210 9.07 -0.86 -12.65
N THR B 211 9.84 0.09 -13.17
CA THR B 211 9.67 1.48 -12.87
C THR B 211 8.92 2.11 -14.01
N ALA B 212 7.75 2.64 -13.72
CA ALA B 212 6.89 3.20 -14.76
C ALA B 212 7.45 4.51 -15.29
N CYS B 213 7.90 5.37 -14.38
CA CYS B 213 8.49 6.62 -14.77
C CYS B 213 9.31 7.32 -13.69
N VAL B 214 10.15 8.25 -14.12
CA VAL B 214 10.82 9.17 -13.22
C VAL B 214 10.09 10.49 -13.44
N LEU B 215 9.61 11.11 -12.35
CA LEU B 215 9.07 12.47 -12.41
C LEU B 215 10.04 13.49 -11.80
N ILE B 216 10.25 14.58 -12.51
CA ILE B 216 11.23 15.57 -12.12
C ILE B 216 10.86 16.99 -12.54
N GLU B 217 11.30 17.90 -11.69
CA GLU B 217 11.25 19.30 -11.90
C GLU B 217 12.58 19.69 -12.49
N PRO B 218 12.58 20.14 -13.75
CA PRO B 218 13.86 20.68 -14.30
C PRO B 218 14.53 21.70 -13.34
N ILE B 219 13.72 22.49 -12.66
CA ILE B 219 14.19 23.30 -11.55
C ILE B 219 13.21 23.10 -10.42
N GLN B 220 13.70 22.67 -9.26
CA GLN B 220 12.82 22.49 -8.12
C GLN B 220 12.36 23.84 -7.65
N GLY B 221 11.07 24.08 -7.64
CA GLY B 221 10.57 25.37 -7.14
C GLY B 221 10.51 25.53 -5.63
N ASP B 222 9.50 24.91 -5.04
CA ASP B 222 9.39 24.86 -3.61
C ASP B 222 10.66 24.34 -2.90
N GLY B 223 11.48 23.54 -3.58
CA GLY B 223 12.75 23.08 -3.01
C GLY B 223 13.83 24.12 -2.79
N GLY B 224 13.53 25.37 -3.15
CA GLY B 224 14.49 26.44 -3.03
C GLY B 224 15.06 26.97 -4.34
N ILE B 225 14.33 26.75 -5.44
CA ILE B 225 14.73 27.19 -6.78
C ILE B 225 16.08 26.64 -7.25
N ILE B 226 16.23 25.32 -7.15
CA ILE B 226 17.44 24.62 -7.55
C ILE B 226 17.34 24.00 -8.96
N LYS B 227 18.34 24.23 -9.80
CA LYS B 227 18.36 23.69 -11.15
C LYS B 227 19.29 22.51 -11.18
N ALA B 228 18.82 21.43 -11.81
CA ALA B 228 19.62 20.23 -11.97
C ALA B 228 20.74 20.50 -12.98
N PRO B 229 22.00 20.09 -12.69
CA PRO B 229 23.07 20.27 -13.67
C PRO B 229 22.78 19.54 -14.98
N GLU B 230 23.20 20.15 -16.09
CA GLU B 230 23.00 19.66 -17.46
C GLU B 230 23.33 18.22 -17.58
N GLU B 231 24.53 17.88 -17.14
CA GLU B 231 25.00 16.49 -17.28
C GLU B 231 24.15 15.49 -16.47
N TYR B 232 23.78 15.85 -15.24
CA TYR B 232 22.88 15.02 -14.41
C TYR B 232 21.58 14.66 -15.17
N MET B 233 20.95 15.68 -15.73
CA MET B 233 19.68 15.51 -16.41
C MET B 233 19.85 14.59 -17.60
N GLN B 234 20.95 14.72 -18.31
CA GLN B 234 21.27 13.85 -19.46
C GLN B 234 21.50 12.39 -19.03
N LEU B 235 22.23 12.21 -17.94
CA LEU B 235 22.41 10.85 -17.40
C LEU B 235 21.08 10.18 -17.08
N VAL B 236 20.23 10.94 -16.38
CA VAL B 236 18.93 10.43 -15.98
C VAL B 236 18.10 10.14 -17.20
N TYR B 237 18.06 11.10 -18.12
CA TYR B 237 17.25 11.00 -19.32
C TYR B 237 17.64 9.78 -20.15
N LYS B 238 18.95 9.55 -20.29
CA LYS B 238 19.44 8.40 -21.01
C LYS B 238 19.05 7.10 -20.31
N PHE B 239 19.24 7.04 -18.98
CA PHE B 239 18.97 5.83 -18.19
C PHE B 239 17.54 5.40 -18.35
N CYS B 240 16.62 6.36 -18.37
CA CYS B 240 15.21 6.03 -18.55
C CYS B 240 14.92 5.33 -19.89
N HIS B 241 15.43 5.91 -20.97
CA HIS B 241 15.27 5.36 -22.34
C HIS B 241 15.87 3.98 -22.53
N GLU B 242 17.08 3.81 -22.07
CA GLU B 242 17.73 2.50 -22.08
C GLU B 242 17.00 1.43 -21.28
N HIS B 243 16.06 1.81 -20.42
CA HIS B 243 15.33 0.87 -19.56
C HIS B 243 13.82 0.89 -19.72
N GLY B 244 13.32 1.68 -20.65
CA GLY B 244 11.88 1.70 -20.92
C GLY B 244 11.08 2.46 -19.90
N ILE B 245 11.74 3.37 -19.17
CA ILE B 245 11.09 4.13 -18.14
C ILE B 245 10.66 5.45 -18.74
N LEU B 246 9.40 5.85 -18.53
CA LEU B 246 8.94 7.15 -19.02
C LEU B 246 9.64 8.26 -18.29
N PHE B 247 9.99 9.32 -19.02
CA PHE B 247 10.63 10.50 -18.46
C PHE B 247 9.59 11.62 -18.35
N ALA B 248 9.17 11.95 -17.12
CA ALA B 248 8.14 12.95 -16.90
C ALA B 248 8.69 14.17 -16.24
N ILE B 249 8.08 15.29 -16.54
CA ILE B 249 8.52 16.61 -15.98
C ILE B 249 7.35 17.34 -15.35
N ASP B 250 7.61 18.07 -14.28
CA ASP B 250 6.60 18.92 -13.67
C ASP B 250 6.91 20.36 -14.07
N GLU B 251 6.07 20.96 -14.91
CA GLU B 251 6.27 22.32 -15.39
C GLU B 251 5.21 23.29 -14.85
N VAL B 252 4.58 22.88 -13.77
CA VAL B 252 3.46 23.63 -13.17
C VAL B 252 3.92 24.99 -12.63
N ASN B 253 5.12 25.00 -12.07
CA ASN B 253 5.75 26.19 -11.50
C ASN B 253 6.72 26.90 -12.46
N GLN B 254 7.64 26.13 -13.03
CA GLN B 254 8.67 26.66 -13.85
C GLN B 254 8.30 26.85 -15.31
N GLY B 255 7.09 26.47 -15.69
CA GLY B 255 6.69 26.58 -17.08
C GLY B 255 6.20 27.97 -17.47
N LEU B 256 5.70 28.01 -18.71
CA LEU B 256 5.04 29.19 -19.31
C LEU B 256 5.87 30.46 -19.24
N GLY B 257 7.15 30.34 -19.59
CA GLY B 257 8.00 31.50 -19.71
C GLY B 257 8.60 31.98 -18.42
N ARG B 258 8.38 31.23 -17.36
CA ARG B 258 8.95 31.62 -16.09
C ARG B 258 10.49 31.60 -16.05
N THR B 259 11.12 30.61 -16.69
CA THR B 259 12.57 30.49 -16.63
C THR B 259 13.33 31.26 -17.73
N GLY B 260 12.60 31.89 -18.65
CA GLY B 260 13.25 32.58 -19.78
C GLY B 260 13.12 31.83 -21.09
N LYS B 261 12.54 30.64 -21.02
CA LYS B 261 12.08 29.86 -22.18
C LYS B 261 10.65 29.41 -21.92
N MET B 262 10.00 28.80 -22.89
CA MET B 262 8.59 28.45 -22.75
C MET B 262 8.49 27.45 -21.61
N TRP B 263 9.40 26.49 -21.63
CA TRP B 263 9.43 25.40 -20.64
C TRP B 263 10.79 25.26 -19.96
N ALA B 264 10.76 25.07 -18.66
CA ALA B 264 11.98 24.90 -17.91
C ALA B 264 12.89 23.81 -18.50
N ILE B 265 12.30 22.77 -19.06
CA ILE B 265 13.08 21.68 -19.70
C ILE B 265 13.94 22.11 -20.90
N GLN B 266 13.53 23.19 -21.56
CA GLN B 266 14.27 23.75 -22.71
C GLN B 266 15.55 24.46 -22.30
N GLN B 267 15.80 24.56 -20.99
CA GLN B 267 17.10 24.99 -20.43
C GLN B 267 18.11 23.84 -20.50
N PHE B 268 17.64 22.66 -20.92
CA PHE B 268 18.49 21.50 -21.09
C PHE B 268 18.53 21.15 -22.57
N LYS B 269 19.63 20.56 -23.00
CA LYS B 269 19.80 20.26 -24.41
C LYS B 269 19.10 19.02 -24.94
N ASP B 270 18.30 19.22 -25.98
CA ASP B 270 17.62 18.14 -26.71
C ASP B 270 16.82 17.12 -25.90
N ILE B 271 16.03 17.58 -24.94
CA ILE B 271 15.24 16.65 -24.15
C ILE B 271 13.75 16.79 -24.36
N GLU B 272 13.10 15.69 -24.75
CA GLU B 272 11.66 15.72 -24.92
C GLU B 272 11.00 14.74 -23.93
N PRO B 273 10.13 15.24 -23.06
CA PRO B 273 9.53 14.38 -22.06
C PRO B 273 8.43 13.49 -22.61
N ASP B 274 8.19 12.39 -21.95
CA ASP B 274 7.10 11.51 -22.36
C ASP B 274 5.81 12.08 -21.78
N LEU B 275 5.91 12.75 -20.64
CA LEU B 275 4.76 13.30 -19.96
C LEU B 275 5.19 14.57 -19.26
N MET B 276 4.29 15.54 -19.20
CA MET B 276 4.55 16.79 -18.47
C MET B 276 3.26 17.35 -17.86
N SER B 277 3.37 18.04 -16.72
CA SER B 277 2.20 18.64 -16.05
C SER B 277 2.25 20.13 -16.13
N VAL B 278 1.11 20.74 -16.36
CA VAL B 278 0.96 22.19 -16.48
C VAL B 278 -0.16 22.66 -15.58
N GLY B 279 -0.02 23.85 -15.06
CA GLY B 279 -1.11 24.51 -14.32
C GLY B 279 -0.83 25.96 -13.97
N LYS B 280 -1.44 26.43 -12.90
CA LYS B 280 -1.18 27.78 -12.35
C LYS B 280 -1.38 28.88 -13.39
N SER B 281 -0.26 29.40 -13.91
CA SER B 281 -0.26 30.45 -14.93
C SER B 281 -0.93 30.06 -16.20
N LEU B 282 -1.36 28.81 -16.35
CA LEU B 282 -1.99 28.35 -17.58
C LEU B 282 -3.15 29.19 -17.94
N ALA B 283 -3.97 29.54 -16.94
CA ALA B 283 -5.15 30.40 -17.12
C ALA B 283 -5.17 31.66 -16.22
N SER B 284 -3.98 32.21 -15.96
CA SER B 284 -3.84 33.41 -15.11
C SER B 284 -4.38 33.27 -13.67
N GLY B 285 -4.38 32.04 -13.17
CA GLY B 285 -4.86 31.76 -11.81
C GLY B 285 -6.21 31.06 -11.77
N MET B 286 -7.01 31.12 -12.85
CA MET B 286 -8.22 30.33 -12.97
C MET B 286 -7.87 28.82 -12.86
N PRO B 287 -8.78 28.01 -12.25
CA PRO B 287 -8.40 26.63 -12.02
C PRO B 287 -8.42 25.82 -13.29
N LEU B 288 -7.22 25.56 -13.79
CA LEU B 288 -7.05 24.78 -14.98
C LEU B 288 -5.64 24.21 -15.03
N SER B 289 -5.55 22.91 -15.17
CA SER B 289 -4.28 22.23 -15.36
C SER B 289 -4.38 21.32 -16.57
N ALA B 290 -3.27 20.69 -16.90
CA ALA B 290 -3.28 19.76 -18.00
C ALA B 290 -2.08 18.87 -17.89
N VAL B 291 -2.26 17.63 -18.33
CA VAL B 291 -1.13 16.70 -18.46
C VAL B 291 -0.97 16.59 -19.97
N ILE B 292 0.25 16.79 -20.47
CA ILE B 292 0.55 16.65 -21.88
C ILE B 292 1.64 15.61 -22.02
N GLY B 293 1.39 14.63 -22.89
CA GLY B 293 2.36 13.58 -23.16
C GLY B 293 2.34 13.07 -24.58
N LYS B 294 3.37 12.31 -24.92
CA LYS B 294 3.46 11.72 -26.22
C LYS B 294 2.20 10.93 -26.51
N LYS B 295 1.70 11.09 -27.72
CA LYS B 295 0.40 10.55 -28.12
C LYS B 295 0.09 9.10 -27.69
N GLU B 296 1.01 8.19 -27.98
CA GLU B 296 0.88 6.75 -27.65
C GLU B 296 0.78 6.43 -26.15
N VAL B 297 1.31 7.31 -25.33
CA VAL B 297 1.18 7.16 -23.90
C VAL B 297 -0.21 7.54 -23.45
N MET B 298 -0.70 8.68 -23.91
CA MET B 298 -2.03 9.16 -23.52
C MET B 298 -3.16 8.22 -23.90
N GLN B 299 -2.92 7.39 -24.92
CA GLN B 299 -3.94 6.49 -25.42
C GLN B 299 -4.04 5.22 -24.63
N SER B 300 -3.12 5.01 -23.71
CA SER B 300 -3.07 3.79 -22.90
C SER B 300 -4.18 3.60 -21.86
N LEU B 301 -5.06 4.59 -21.67
CA LEU B 301 -6.15 4.51 -20.71
C LEU B 301 -7.53 4.67 -21.32
N ASP B 302 -8.49 3.89 -20.80
CA ASP B 302 -9.93 4.04 -21.11
C ASP B 302 -10.68 4.98 -20.13
N ALA B 303 -11.86 5.42 -20.53
CA ALA B 303 -12.70 6.27 -19.67
C ALA B 303 -13.41 5.44 -18.59
N PRO B 304 -13.86 6.08 -17.51
CA PRO B 304 -13.35 7.38 -17.06
C PRO B 304 -12.18 7.24 -16.09
N ALA B 305 -11.02 6.83 -16.60
CA ALA B 305 -9.85 6.66 -15.77
C ALA B 305 -9.41 7.98 -15.17
N HIS B 306 -9.52 9.03 -15.97
CA HIS B 306 -9.10 10.37 -15.57
C HIS B 306 -9.95 11.52 -16.09
N LEU B 307 -10.86 11.99 -15.25
CA LEU B 307 -11.67 13.15 -15.58
C LEU B 307 -12.18 13.84 -14.33
N PHE B 308 -12.49 15.12 -14.50
CA PHE B 308 -13.12 15.92 -13.45
C PHE B 308 -14.25 16.71 -14.07
N THR B 309 -15.36 16.82 -13.34
CA THR B 309 -16.59 17.53 -13.78
C THR B 309 -16.29 18.96 -14.32
N THR B 310 -15.44 19.67 -13.60
CA THR B 310 -15.13 21.06 -13.90
C THR B 310 -13.77 21.27 -14.60
N ALA B 311 -13.01 20.21 -14.83
CA ALA B 311 -11.72 20.31 -15.52
C ALA B 311 -12.02 20.64 -16.95
N GLY B 312 -11.35 21.67 -17.46
CA GLY B 312 -11.55 22.11 -18.83
C GLY B 312 -12.75 23.04 -18.92
N ASN B 313 -12.97 23.74 -17.83
CA ASN B 313 -14.04 24.70 -17.76
C ASN B 313 -13.88 25.68 -18.93
N PRO B 314 -14.99 25.97 -19.68
CA PRO B 314 -14.97 26.87 -20.84
C PRO B 314 -14.51 28.29 -20.53
N VAL B 315 -14.87 28.82 -19.36
CA VAL B 315 -14.39 30.14 -18.93
C VAL B 315 -12.89 30.08 -18.71
N CYS B 316 -12.43 29.04 -18.00
CA CYS B 316 -10.99 28.87 -17.77
C CYS B 316 -10.22 28.63 -19.07
N SER B 317 -10.81 27.89 -20.01
CA SER B 317 -10.19 27.67 -21.30
C SER B 317 -10.00 28.99 -22.07
N ALA B 318 -11.02 29.83 -22.07
CA ALA B 318 -10.91 31.15 -22.68
C ALA B 318 -9.80 31.96 -22.02
N ALA B 319 -9.82 31.93 -20.69
CA ALA B 319 -8.81 32.61 -19.90
C ALA B 319 -7.41 32.17 -20.31
N SER B 320 -7.23 30.85 -20.44
CA SER B 320 -5.94 30.26 -20.82
C SER B 320 -5.49 30.65 -22.23
N LEU B 321 -6.38 30.57 -23.20
CA LEU B 321 -6.03 31.05 -24.54
C LEU B 321 -5.58 32.51 -24.57
N ALA B 322 -6.27 33.37 -23.85
CA ALA B 322 -5.87 34.78 -23.76
C ALA B 322 -4.51 34.92 -23.09
N THR B 323 -4.27 34.09 -22.09
CA THR B 323 -3.02 34.07 -21.36
C THR B 323 -1.89 33.72 -22.31
N LEU B 324 -2.05 32.62 -23.03
CA LEU B 324 -1.00 32.18 -23.95
C LEU B 324 -0.71 33.20 -25.02
N ASP B 325 -1.75 33.95 -25.43
CA ASP B 325 -1.60 35.05 -26.40
C ASP B 325 -0.79 36.22 -25.86
N VAL B 326 -1.05 36.61 -24.62
CA VAL B 326 -0.28 37.67 -23.99
C VAL B 326 1.21 37.34 -23.92
N ILE B 327 1.51 36.09 -23.59
CA ILE B 327 2.91 35.64 -23.48
C ILE B 327 3.60 35.75 -24.84
N GLU B 328 2.87 35.39 -25.88
CA GLU B 328 3.38 35.44 -27.23
C GLU B 328 3.54 36.91 -27.63
N TYR B 329 2.44 37.67 -27.56
CA TYR B 329 2.43 39.04 -28.10
C TYR B 329 3.27 40.06 -27.37
N GLU B 330 3.25 40.03 -26.04
CA GLU B 330 4.13 40.91 -25.26
C GLU B 330 5.54 40.36 -25.10
N GLY B 331 5.78 39.20 -25.71
CA GLY B 331 7.09 38.54 -25.75
C GLY B 331 7.65 38.21 -24.37
N LEU B 332 6.74 37.77 -23.48
CA LEU B 332 7.07 37.59 -22.06
C LEU B 332 8.18 36.62 -21.83
N VAL B 333 8.30 35.62 -22.70
CA VAL B 333 9.39 34.62 -22.57
C VAL B 333 10.75 35.35 -22.66
N GLU B 334 10.93 36.14 -23.70
CA GLU B 334 12.13 36.92 -23.85
C GLU B 334 12.29 37.90 -22.69
N LYS B 335 11.20 38.53 -22.29
CA LYS B 335 11.27 39.51 -21.20
C LYS B 335 11.77 38.86 -19.90
N SER B 336 11.32 37.66 -19.66
CA SER B 336 11.77 36.95 -18.48
C SER B 336 13.28 36.72 -18.55
N ALA B 337 13.74 36.29 -19.72
CA ALA B 337 15.15 36.02 -19.93
C ALA B 337 16.01 37.28 -19.77
N THR B 338 15.53 38.38 -20.32
CA THR B 338 16.23 39.66 -20.19
C THR B 338 16.17 40.21 -18.73
N ASP B 339 14.97 40.42 -18.21
CA ASP B 339 14.83 40.91 -16.83
C ASP B 339 15.37 39.93 -15.79
N GLY B 340 15.36 38.65 -16.14
CA GLY B 340 15.95 37.61 -15.29
C GLY B 340 17.43 37.83 -15.19
N ALA B 341 18.06 37.85 -16.37
CA ALA B 341 19.48 38.16 -16.48
C ALA B 341 19.85 39.43 -15.71
N TYR B 342 18.96 40.45 -15.78
CA TYR B 342 19.13 41.77 -15.09
C TYR B 342 19.08 41.62 -13.57
N ALA B 343 18.04 40.93 -13.14
CA ALA B 343 17.86 40.63 -11.72
C ALA B 343 19.03 39.86 -11.13
N LYS B 344 19.48 38.86 -11.87
CA LYS B 344 20.56 38.00 -11.45
C LYS B 344 21.83 38.82 -11.19
N GLN B 345 22.20 39.64 -12.16
CA GLN B 345 23.37 40.50 -11.93
C GLN B 345 23.12 41.41 -10.72
N ARG B 346 21.97 42.04 -10.66
CA ARG B 346 21.71 42.97 -9.57
C ARG B 346 21.92 42.27 -8.23
N PHE B 347 21.33 41.07 -8.11
CA PHE B 347 21.46 40.28 -6.87
C PHE B 347 22.89 39.80 -6.59
N LEU B 348 23.62 39.44 -7.63
CA LEU B 348 25.04 39.07 -7.48
C LEU B 348 25.88 40.21 -6.97
N GLU B 349 25.54 41.44 -7.39
CA GLU B 349 26.24 42.68 -6.93
C GLU B 349 25.89 42.91 -5.44
N MET B 350 24.60 42.79 -5.10
CA MET B 350 24.16 42.88 -3.70
C MET B 350 24.89 41.87 -2.81
N GLN B 351 25.14 40.68 -3.34
CA GLN B 351 25.83 39.65 -2.59
C GLN B 351 27.25 40.08 -2.25
N GLN B 352 27.82 40.95 -3.07
CA GLN B 352 29.18 41.45 -2.83
C GLN B 352 29.30 42.39 -1.64
N ARG B 353 28.21 43.09 -1.32
CA ARG B 353 28.16 44.02 -0.20
C ARG B 353 27.50 43.42 1.04
N HIS B 354 26.69 42.37 0.84
CA HIS B 354 25.92 41.71 1.89
C HIS B 354 26.30 40.24 1.98
N PRO B 355 27.27 39.87 2.81
CA PRO B 355 27.67 38.46 2.87
C PRO B 355 26.61 37.48 3.44
N MET B 356 25.45 37.99 3.91
CA MET B 356 24.42 37.11 4.41
C MET B 356 23.81 36.34 3.25
N ILE B 357 23.97 36.89 2.02
CA ILE B 357 23.49 36.25 0.81
C ILE B 357 24.49 35.21 0.37
N GLY B 358 24.23 33.96 0.69
CA GLY B 358 25.20 32.89 0.48
C GLY B 358 25.24 32.36 -0.94
N ASP B 359 24.12 32.48 -1.64
CA ASP B 359 23.96 31.92 -2.99
C ASP B 359 22.86 32.61 -3.76
N VAL B 360 23.14 32.95 -5.02
CA VAL B 360 22.17 33.56 -5.92
C VAL B 360 21.86 32.63 -7.11
N ARG B 361 20.67 32.04 -7.09
CA ARG B 361 20.21 31.13 -8.13
C ARG B 361 19.15 31.84 -8.95
N MET B 362 19.31 31.90 -10.28
CA MET B 362 18.36 32.60 -11.13
C MET B 362 18.35 32.16 -12.56
N TRP B 363 17.16 31.89 -13.08
CA TRP B 363 16.91 31.51 -14.48
C TRP B 363 15.60 32.13 -14.90
N GLY B 364 15.66 33.20 -15.67
CA GLY B 364 14.51 34.00 -16.02
C GLY B 364 14.15 34.85 -14.81
N LEU B 365 12.92 35.34 -14.68
CA LEU B 365 12.51 36.06 -13.46
C LEU B 365 11.98 35.06 -12.40
N ASN B 366 12.85 34.13 -12.02
CA ASN B 366 12.64 33.02 -11.20
C ASN B 366 13.94 32.89 -10.46
N GLY B 367 13.95 33.27 -9.21
CA GLY B 367 15.16 33.21 -8.39
C GLY B 367 15.05 32.82 -6.92
N GLY B 368 16.14 32.22 -6.40
CA GLY B 368 16.28 31.91 -4.98
C GLY B 368 17.53 32.60 -4.41
N ILE B 369 17.32 33.45 -3.42
CA ILE B 369 18.42 34.16 -2.82
C ILE B 369 18.62 33.58 -1.45
N GLU B 370 19.56 32.65 -1.34
CA GLU B 370 19.71 31.88 -0.12
C GLU B 370 20.53 32.61 0.94
N LEU B 371 19.88 32.90 2.06
CA LEU B 371 20.52 33.62 3.15
C LEU B 371 21.15 32.69 4.16
N VAL B 372 22.39 33.00 4.59
CA VAL B 372 23.17 32.17 5.51
C VAL B 372 23.90 33.01 6.53
N LYS B 373 24.16 32.40 7.68
CA LYS B 373 24.80 33.10 8.80
C LYS B 373 26.28 33.36 8.52
N ASP B 374 26.94 32.35 7.98
CA ASP B 374 28.35 32.40 7.70
C ASP B 374 28.59 31.79 6.30
N PRO B 375 29.08 32.59 5.35
CA PRO B 375 29.34 32.12 3.99
C PRO B 375 30.20 30.87 3.90
N LYS B 376 31.09 30.63 4.86
CA LYS B 376 31.93 29.43 4.85
C LYS B 376 31.14 28.17 5.32
N THR B 377 30.39 28.28 6.41
CA THR B 377 29.65 27.12 6.93
C THR B 377 28.37 26.88 6.15
N LYS B 378 27.93 27.88 5.39
CA LYS B 378 26.63 27.85 4.68
C LYS B 378 25.40 27.51 5.56
N GLU B 379 25.50 27.75 6.87
CA GLU B 379 24.43 27.46 7.80
C GLU B 379 23.21 28.35 7.47
N PRO B 380 22.02 27.74 7.32
CA PRO B 380 20.82 28.50 6.96
C PRO B 380 20.45 29.54 7.98
N ASP B 381 19.95 30.69 7.53
CA ASP B 381 19.59 31.83 8.40
C ASP B 381 18.15 32.19 8.14
N SER B 382 17.25 31.38 8.71
CA SER B 382 15.83 31.64 8.61
C SER B 382 15.38 32.95 9.26
N ASP B 383 16.05 33.28 10.37
CA ASP B 383 15.74 34.48 11.13
C ASP B 383 16.00 35.76 10.30
N ALA B 384 17.12 35.76 9.58
CA ALA B 384 17.45 36.88 8.69
C ALA B 384 16.45 37.05 7.55
N ALA B 385 16.13 35.95 6.89
CA ALA B 385 15.17 35.95 5.78
C ALA B 385 13.78 36.37 6.20
N THR B 386 13.38 36.01 7.42
CA THR B 386 12.13 36.53 8.00
C THR B 386 12.16 38.06 8.20
N LYS B 387 13.24 38.55 8.75
CA LYS B 387 13.44 39.97 8.88
C LYS B 387 13.38 40.75 7.54
N VAL B 388 14.04 40.22 6.51
CA VAL B 388 14.11 40.88 5.18
C VAL B 388 12.71 41.06 4.56
N ILE B 389 11.96 39.97 4.61
CA ILE B 389 10.65 39.91 4.01
C ILE B 389 9.64 40.76 4.74
N TYR B 390 9.73 40.77 6.08
CA TYR B 390 8.85 41.62 6.91
C TYR B 390 9.18 43.11 6.77
N TYR B 391 10.45 43.46 6.65
CA TYR B 391 10.84 44.82 6.29
C TYR B 391 10.31 45.23 4.90
N ALA B 392 10.45 44.33 3.94
CA ALA B 392 9.95 44.56 2.60
C ALA B 392 8.44 44.79 2.56
N PHE B 393 7.70 44.02 3.36
CA PHE B 393 6.25 44.18 3.42
C PHE B 393 5.86 45.60 3.91
N ALA B 394 6.47 45.99 5.02
CA ALA B 394 6.37 47.35 5.52
C ALA B 394 6.78 48.44 4.48
N HIS B 395 7.65 48.10 3.53
CA HIS B 395 8.05 49.04 2.50
C HIS B 395 7.44 48.74 1.14
N GLY B 396 6.23 48.23 1.13
CA GLY B 396 5.48 48.14 -0.11
C GLY B 396 5.95 47.11 -1.12
N VAL B 397 6.50 45.98 -0.62
CA VAL B 397 6.97 44.89 -1.46
C VAL B 397 6.61 43.57 -0.79
N VAL B 398 5.79 42.77 -1.50
CA VAL B 398 5.38 41.44 -1.03
C VAL B 398 6.33 40.36 -1.53
N ILE B 399 6.89 39.59 -0.61
CA ILE B 399 7.76 38.52 -0.98
C ILE B 399 7.83 37.51 0.14
N ILE B 400 7.67 36.22 -0.19
CA ILE B 400 7.75 35.13 0.82
C ILE B 400 9.06 34.33 0.67
N THR B 401 9.16 33.25 1.43
CA THR B 401 10.32 32.41 1.44
C THR B 401 10.09 30.94 1.06
N LEU B 402 11.20 30.23 0.87
CA LEU B 402 11.18 28.79 0.61
C LEU B 402 12.18 28.21 1.58
N ALA B 403 11.86 27.04 2.13
CA ALA B 403 12.71 26.29 3.04
C ALA B 403 13.19 27.14 4.21
N GLY B 404 12.42 28.16 4.61
CA GLY B 404 12.85 29.09 5.68
C GLY B 404 13.92 30.17 5.40
N ASN B 405 14.99 29.88 4.67
CA ASN B 405 16.08 30.85 4.49
C ASN B 405 16.28 31.39 3.04
N ILE B 406 15.46 30.96 2.11
CA ILE B 406 15.66 31.34 0.72
C ILE B 406 14.56 32.31 0.34
N LEU B 407 14.95 33.47 -0.15
CA LEU B 407 14.00 34.45 -0.63
C LEU B 407 13.48 34.01 -1.96
N ARG B 408 12.16 34.03 -2.11
CA ARG B 408 11.53 33.58 -3.34
C ARG B 408 11.29 34.76 -4.28
N PHE B 409 11.95 34.74 -5.43
CA PHE B 409 11.81 35.82 -6.42
C PHE B 409 11.07 35.36 -7.68
N GLN B 410 9.75 35.56 -7.72
CA GLN B 410 8.93 35.22 -8.88
C GLN B 410 7.78 36.23 -9.16
N PRO B 411 8.13 37.43 -9.58
CA PRO B 411 7.06 38.38 -9.90
C PRO B 411 6.41 38.14 -11.27
N PRO B 412 5.25 38.72 -11.51
CA PRO B 412 4.67 38.63 -12.84
C PRO B 412 5.66 39.03 -13.95
N LEU B 413 5.73 38.25 -15.01
CA LEU B 413 6.73 38.50 -16.06
C LEU B 413 6.63 39.90 -16.73
N VAL B 414 5.45 40.49 -16.62
CA VAL B 414 5.14 41.77 -17.22
C VAL B 414 5.53 42.96 -16.37
N ILE B 415 6.18 42.69 -15.23
CA ILE B 415 6.56 43.76 -14.32
C ILE B 415 7.39 44.81 -15.02
N PRO B 416 6.99 46.07 -14.83
CA PRO B 416 7.67 47.20 -15.43
C PRO B 416 9.02 47.42 -14.78
N ARG B 417 10.03 47.72 -15.57
CA ARG B 417 11.38 47.93 -15.05
C ARG B 417 11.50 48.88 -13.83
N GLU B 418 10.71 49.96 -13.80
CA GLU B 418 10.74 50.91 -12.66
C GLU B 418 10.32 50.25 -11.35
N GLN B 419 9.30 49.36 -11.42
CA GLN B 419 8.83 48.59 -10.24
C GLN B 419 9.80 47.45 -9.84
N LEU B 420 10.40 46.82 -10.84
CA LEU B 420 11.45 45.86 -10.59
C LEU B 420 12.62 46.50 -9.85
N ASP B 421 12.95 47.71 -10.25
CA ASP B 421 14.01 48.46 -9.59
C ASP B 421 13.64 48.98 -8.19
N GLN B 422 12.38 49.37 -7.98
CA GLN B 422 11.95 49.74 -6.64
C GLN B 422 12.13 48.57 -5.67
N ALA B 423 11.55 47.44 -6.05
CA ALA B 423 11.61 46.23 -5.24
C ALA B 423 13.01 45.82 -4.90
N LEU B 424 13.86 45.75 -5.92
CA LEU B 424 15.28 45.45 -5.72
C LEU B 424 15.96 46.39 -4.70
N GLN B 425 15.57 47.65 -4.70
CA GLN B 425 16.15 48.65 -3.79
C GLN B 425 15.64 48.46 -2.37
N VAL B 426 14.34 48.21 -2.26
CA VAL B 426 13.76 47.84 -0.94
C VAL B 426 14.48 46.61 -0.37
N LEU B 427 14.70 45.59 -1.21
CA LEU B 427 15.45 44.41 -0.81
C LEU B 427 16.87 44.74 -0.37
N ASP B 428 17.56 45.53 -1.17
CA ASP B 428 18.88 45.98 -0.81
C ASP B 428 18.85 46.69 0.53
N ASP B 429 17.88 47.60 0.69
CA ASP B 429 17.74 48.37 1.94
C ASP B 429 17.50 47.39 3.06
N ALA B 430 16.57 46.46 2.81
CA ALA B 430 16.29 45.36 3.78
C ALA B 430 17.53 44.64 4.30
N PHE B 431 18.42 44.28 3.38
CA PHE B 431 19.67 43.64 3.77
C PHE B 431 20.53 44.50 4.71
N THR B 432 20.68 45.77 4.37
CA THR B 432 21.43 46.68 5.20
C THR B 432 20.74 46.82 6.57
N ALA B 433 19.43 47.02 6.53
CA ALA B 433 18.63 47.18 7.76
C ALA B 433 18.82 45.98 8.70
N VAL B 434 18.77 44.76 8.14
CA VAL B 434 18.99 43.54 8.94
C VAL B 434 20.40 43.42 9.49
N GLU B 435 21.39 43.83 8.71
CA GLU B 435 22.77 43.82 9.19
C GLU B 435 22.93 44.72 10.40
N ASN B 436 22.35 45.91 10.32
CA ASN B 436 22.39 46.87 11.45
C ASN B 436 21.42 46.56 12.62
N GLY B 437 20.73 45.42 12.59
CA GLY B 437 19.84 45.04 13.67
C GLY B 437 18.71 46.02 13.88
N GLU B 438 18.22 46.61 12.80
CA GLU B 438 17.08 47.54 12.85
C GLU B 438 15.72 46.86 12.69
N VAL B 439 15.72 45.58 12.35
CA VAL B 439 14.47 44.86 12.07
C VAL B 439 14.23 43.83 13.16
N THR B 440 13.03 43.88 13.73
CA THR B 440 12.64 42.94 14.76
C THR B 440 11.45 42.10 14.26
N ILE B 441 11.56 40.79 14.45
CA ILE B 441 10.53 39.83 14.01
C ILE B 441 9.52 39.62 15.15
N GLY C 2 31.21 -40.34 -12.43
CA GLY C 2 32.17 -40.83 -11.40
C GLY C 2 32.20 -39.97 -10.13
N LYS C 3 32.43 -38.67 -10.31
CA LYS C 3 32.56 -37.71 -9.19
C LYS C 3 31.23 -37.08 -8.81
N LEU C 4 30.41 -36.77 -9.81
CA LEU C 4 29.08 -36.17 -9.64
C LEU C 4 28.02 -36.79 -10.59
N ASP C 5 28.25 -38.03 -11.05
CA ASP C 5 27.34 -38.67 -12.03
C ASP C 5 26.02 -39.07 -11.36
N LYS C 6 26.11 -39.66 -10.17
CA LYS C 6 24.91 -39.99 -9.39
C LYS C 6 24.14 -38.72 -9.02
N ALA C 7 24.86 -37.70 -8.57
CA ALA C 7 24.25 -36.38 -8.24
C ALA C 7 23.55 -35.69 -9.42
N SER C 8 24.09 -35.80 -10.63
CA SER C 8 23.48 -35.22 -11.85
C SER C 8 22.14 -35.86 -12.28
N LYS C 9 21.88 -37.10 -11.85
CA LYS C 9 20.61 -37.81 -12.12
C LYS C 9 19.54 -37.48 -11.09
N LEU C 10 19.94 -37.33 -9.83
CA LEU C 10 19.03 -36.92 -8.77
C LEU C 10 18.55 -35.47 -8.98
N ILE C 11 19.50 -34.62 -9.40
CA ILE C 11 19.25 -33.20 -9.64
C ILE C 11 18.42 -32.98 -10.90
N ASP C 12 18.71 -33.73 -11.96
CA ASP C 12 17.89 -33.71 -13.20
C ASP C 12 16.43 -34.04 -12.96
N GLU C 13 16.19 -35.00 -12.04
CA GLU C 13 14.86 -35.40 -11.61
C GLU C 13 14.18 -34.41 -10.64
N GLU C 14 14.93 -33.88 -9.67
CA GLU C 14 14.40 -32.84 -8.78
C GLU C 14 13.98 -31.55 -9.49
N ASN C 15 14.70 -31.20 -10.55
CA ASN C 15 14.36 -29.99 -11.33
C ASN C 15 13.00 -30.05 -12.05
N LYS C 16 12.51 -31.28 -12.26
CA LYS C 16 11.20 -31.50 -12.86
C LYS C 16 10.07 -31.18 -11.87
N TYR C 17 10.33 -31.40 -10.57
CA TYR C 17 9.35 -31.24 -9.44
C TYR C 17 9.60 -30.07 -8.48
N TYR C 18 10.84 -29.60 -8.35
CA TYR C 18 11.19 -28.52 -7.42
C TYR C 18 11.47 -27.22 -8.18
N ALA C 19 10.66 -26.17 -7.87
CA ALA C 19 10.71 -24.86 -8.56
C ALA C 19 12.13 -24.22 -8.52
N ARG C 20 12.52 -23.63 -9.66
CA ARG C 20 13.87 -23.05 -9.83
C ARG C 20 14.13 -21.83 -8.94
N SER C 21 13.04 -21.19 -8.51
CA SER C 21 13.02 -20.01 -7.64
C SER C 21 13.47 -20.26 -6.20
N ALA C 22 13.50 -21.54 -5.80
CA ALA C 22 13.84 -21.94 -4.43
C ALA C 22 15.30 -22.31 -4.30
N ARG C 23 16.09 -22.03 -5.32
CA ARG C 23 17.49 -22.35 -5.27
C ARG C 23 18.35 -21.50 -6.19
N ILE C 24 19.46 -21.05 -5.61
CA ILE C 24 20.59 -20.41 -6.28
C ILE C 24 21.60 -21.51 -6.66
N ASN C 25 21.66 -21.79 -7.96
CA ASN C 25 22.41 -22.93 -8.48
C ASN C 25 23.89 -22.58 -8.59
N TYR C 26 24.71 -23.44 -8.01
CA TYR C 26 26.18 -23.33 -8.14
C TYR C 26 26.76 -24.64 -8.70
N TYR C 27 26.65 -25.71 -7.91
CA TYR C 27 27.26 -26.99 -8.20
C TYR C 27 26.27 -28.13 -7.97
N ASN C 28 26.57 -29.28 -8.56
CA ASN C 28 25.84 -30.51 -8.34
C ASN C 28 26.29 -31.21 -7.06
N LEU C 29 26.06 -30.51 -5.95
CA LEU C 29 26.42 -31.01 -4.61
C LEU C 29 25.20 -31.67 -3.98
N VAL C 30 25.13 -33.00 -4.09
CA VAL C 30 24.11 -33.79 -3.44
C VAL C 30 24.75 -34.45 -2.21
N ILE C 31 24.49 -33.84 -1.05
CA ILE C 31 25.05 -34.28 0.20
C ILE C 31 24.34 -35.52 0.71
N ASP C 32 25.11 -36.47 1.22
CA ASP C 32 24.57 -37.65 1.91
C ASP C 32 24.59 -37.45 3.42
N HIS C 33 25.73 -37.01 3.92
CA HIS C 33 25.91 -36.71 5.31
C HIS C 33 27.03 -35.71 5.48
N ALA C 34 27.18 -35.23 6.70
CA ALA C 34 28.21 -34.25 7.01
C ALA C 34 28.49 -34.22 8.46
N HIS C 35 29.66 -33.74 8.84
CA HIS C 35 30.01 -33.56 10.24
C HIS C 35 31.10 -32.55 10.38
N GLY C 36 31.00 -31.69 11.40
CA GLY C 36 31.93 -30.56 11.58
C GLY C 36 31.91 -29.65 10.35
N ALA C 37 33.06 -29.52 9.70
CA ALA C 37 33.20 -28.79 8.47
C ALA C 37 33.37 -29.72 7.26
N THR C 38 33.02 -30.99 7.43
CA THR C 38 33.17 -31.97 6.34
C THR C 38 31.80 -32.34 5.75
N LEU C 39 31.73 -32.28 4.43
CA LEU C 39 30.56 -32.66 3.67
C LEU C 39 30.92 -33.88 2.80
N VAL C 40 30.02 -34.86 2.76
CA VAL C 40 30.22 -36.05 1.92
C VAL C 40 29.03 -36.30 1.01
N ASP C 41 29.29 -36.29 -0.30
CA ASP C 41 28.23 -36.54 -1.26
C ASP C 41 27.91 -38.03 -1.34
N VAL C 42 26.85 -38.35 -2.09
CA VAL C 42 26.43 -39.74 -2.36
C VAL C 42 27.54 -40.65 -2.96
N ASP C 43 28.45 -40.06 -3.74
CA ASP C 43 29.62 -40.79 -4.28
C ASP C 43 30.80 -41.02 -3.30
N GLY C 44 30.70 -40.50 -2.07
CA GLY C 44 31.76 -40.63 -1.06
C GLY C 44 32.82 -39.54 -1.14
N ASN C 45 32.60 -38.50 -1.94
CA ASN C 45 33.54 -37.39 -2.02
C ASN C 45 33.44 -36.48 -0.81
N LYS C 46 34.59 -36.05 -0.31
CA LYS C 46 34.69 -35.17 0.83
C LYS C 46 34.88 -33.72 0.39
N TYR C 47 34.23 -32.80 1.09
CA TYR C 47 34.47 -31.41 0.89
C TYR C 47 34.58 -30.66 2.18
N ILE C 48 35.40 -29.62 2.14
CA ILE C 48 35.49 -28.71 3.24
C ILE C 48 34.42 -27.62 3.04
N ASP C 49 33.55 -27.50 4.03
CA ASP C 49 32.45 -26.50 4.02
C ASP C 49 32.92 -25.13 4.44
N LEU C 50 32.85 -24.18 3.51
CA LEU C 50 33.12 -22.76 3.81
C LEU C 50 31.89 -21.86 3.73
N LEU C 51 30.73 -22.48 3.57
CA LEU C 51 29.46 -21.81 3.46
C LEU C 51 28.66 -21.99 4.75
N ALA C 52 28.95 -23.06 5.49
CA ALA C 52 28.16 -23.43 6.69
C ALA C 52 26.66 -23.32 6.44
N SER C 53 26.24 -23.68 5.23
CA SER C 53 24.85 -23.58 4.78
C SER C 53 24.17 -22.24 5.11
N ALA C 54 24.72 -21.18 4.55
CA ALA C 54 24.31 -19.80 4.81
C ALA C 54 24.52 -19.44 6.28
N SER C 55 25.65 -19.87 6.84
CA SER C 55 26.01 -19.63 8.24
C SER C 55 24.92 -20.08 9.19
N ALA C 56 24.28 -21.20 8.89
CA ALA C 56 23.31 -21.83 9.80
C ALA C 56 23.92 -23.00 10.64
N ILE C 57 25.19 -23.29 10.42
CA ILE C 57 25.85 -24.41 11.08
C ILE C 57 27.10 -23.85 11.80
N ASN C 58 26.90 -22.89 12.69
CA ASN C 58 27.99 -22.32 13.44
C ASN C 58 28.72 -23.36 14.27
N VAL C 59 27.97 -24.31 14.84
CA VAL C 59 28.59 -25.36 15.67
C VAL C 59 29.01 -26.64 14.91
N GLY C 60 29.14 -26.53 13.58
CA GLY C 60 29.51 -27.64 12.71
C GLY C 60 28.35 -28.63 12.49
N HIS C 61 28.44 -29.36 11.39
CA HIS C 61 27.42 -30.34 11.01
C HIS C 61 27.33 -31.50 11.96
N THR C 62 26.09 -31.91 12.25
CA THR C 62 25.84 -33.06 13.10
C THR C 62 26.59 -33.06 14.41
N HIS C 63 26.51 -31.99 15.19
CA HIS C 63 27.23 -32.00 16.46
C HIS C 63 26.59 -33.11 17.26
N GLU C 64 27.40 -33.91 17.95
CA GLU C 64 26.86 -35.04 18.70
C GLU C 64 25.87 -34.65 19.80
N LYS C 65 26.16 -33.57 20.51
CA LYS C 65 25.27 -33.10 21.56
C LYS C 65 23.92 -32.68 20.98
N VAL C 66 23.94 -32.06 19.80
CA VAL C 66 22.74 -31.62 19.16
C VAL C 66 21.93 -32.83 18.64
N VAL C 67 22.63 -33.82 18.07
CA VAL C 67 22.00 -35.01 17.52
C VAL C 67 21.27 -35.78 18.61
N LYS C 68 21.96 -35.98 19.73
CA LYS C 68 21.38 -36.59 20.90
C LYS C 68 20.18 -35.74 21.36
N ALA C 69 20.35 -34.42 21.44
CA ALA C 69 19.24 -33.55 21.78
C ALA C 69 18.01 -33.76 20.90
N ILE C 70 18.24 -33.89 19.59
CA ILE C 70 17.17 -34.12 18.61
C ILE C 70 16.47 -35.47 18.84
N ALA C 71 17.25 -36.54 18.86
CA ALA C 71 16.73 -37.90 18.95
C ALA C 71 16.06 -38.13 20.28
N ASP C 72 16.72 -37.77 21.37
CA ASP C 72 16.09 -37.95 22.68
C ASP C 72 14.73 -37.26 22.72
N GLN C 73 14.69 -36.01 22.30
CA GLN C 73 13.48 -35.23 22.39
C GLN C 73 12.40 -35.80 21.47
N ALA C 74 12.78 -36.15 20.24
CA ALA C 74 11.81 -36.69 19.25
C ALA C 74 11.01 -37.85 19.84
N GLN C 75 11.68 -38.68 20.63
CA GLN C 75 11.04 -39.75 21.36
C GLN C 75 10.06 -39.32 22.48
N LYS C 76 10.41 -38.29 23.24
CA LYS C 76 9.49 -37.78 24.25
C LYS C 76 8.27 -37.04 23.65
N LEU C 77 8.54 -36.12 22.74
CA LEU C 77 7.50 -35.34 22.08
C LEU C 77 7.95 -34.71 20.76
N ILE C 78 7.44 -35.19 19.64
CA ILE C 78 7.81 -34.59 18.36
C ILE C 78 7.31 -33.14 18.25
N HIS C 79 6.09 -32.90 18.71
CA HIS C 79 5.53 -31.56 18.70
C HIS C 79 4.24 -31.36 19.45
N TYR C 80 4.13 -30.18 20.04
CA TYR C 80 2.85 -29.67 20.44
C TYR C 80 2.99 -28.15 20.43
N THR C 81 2.15 -27.47 19.65
CA THR C 81 2.30 -26.03 19.43
C THR C 81 2.27 -25.19 20.72
N PRO C 82 3.31 -24.36 20.95
CA PRO C 82 3.29 -23.34 22.00
C PRO C 82 2.31 -22.17 21.77
N ALA C 83 1.70 -22.14 20.60
CA ALA C 83 0.68 -21.16 20.30
C ALA C 83 -0.46 -21.41 21.29
N TYR C 84 -0.74 -22.68 21.58
CA TYR C 84 -1.77 -23.04 22.54
C TYR C 84 -1.25 -23.59 23.88
N PHE C 85 -0.23 -24.45 23.83
CA PHE C 85 0.30 -25.14 25.03
C PHE C 85 1.81 -25.03 25.27
N HIS C 86 2.27 -25.58 26.40
CA HIS C 86 3.68 -25.48 26.78
C HIS C 86 4.51 -26.77 26.83
N HIS C 87 5.81 -26.64 26.56
CA HIS C 87 6.74 -27.74 26.68
C HIS C 87 8.06 -27.20 27.26
N VAL C 88 8.63 -27.98 28.18
CA VAL C 88 9.82 -27.56 28.94
C VAL C 88 10.99 -27.02 28.07
N PRO C 89 11.38 -27.75 26.99
CA PRO C 89 12.48 -27.28 26.11
C PRO C 89 12.34 -25.81 25.63
N GLY C 90 11.12 -25.39 25.28
CA GLY C 90 10.85 -24.07 24.75
C GLY C 90 10.89 -23.04 25.84
N MET C 91 10.35 -23.42 27.00
CA MET C 91 10.32 -22.55 28.17
C MET C 91 11.74 -22.21 28.63
N GLU C 92 12.65 -23.20 28.53
CA GLU C 92 14.08 -23.02 28.89
C GLU C 92 14.80 -22.16 27.88
N LEU C 93 14.46 -22.37 26.62
CA LEU C 93 15.09 -21.63 25.54
C LEU C 93 14.74 -20.15 25.56
N SER C 94 13.44 -19.88 25.74
CA SER C 94 12.93 -18.50 25.71
C SER C 94 13.51 -17.75 26.89
N GLU C 95 13.69 -18.44 28.00
CA GLU C 95 14.34 -17.83 29.15
C GLU C 95 15.83 -17.50 28.89
N LYS C 96 16.53 -18.41 28.26
CA LYS C 96 17.96 -18.25 28.01
C LYS C 96 18.29 -17.21 26.96
N LEU C 97 17.47 -17.16 25.92
CA LEU C 97 17.65 -16.18 24.88
C LEU C 97 17.52 -14.76 25.41
N ALA C 98 16.57 -14.57 26.33
CA ALA C 98 16.26 -13.28 26.92
C ALA C 98 17.39 -12.75 27.78
N LYS C 99 18.26 -13.63 28.25
CA LYS C 99 19.44 -13.27 29.06
C LYS C 99 20.76 -13.15 28.31
N ILE C 100 20.96 -13.98 27.29
CA ILE C 100 22.25 -13.92 26.56
C ILE C 100 22.23 -12.82 25.50
N ALA C 101 21.06 -12.24 25.26
CA ALA C 101 20.87 -11.09 24.38
C ALA C 101 21.66 -9.84 24.87
N PRO C 102 22.24 -9.07 23.94
CA PRO C 102 23.09 -7.95 24.37
C PRO C 102 22.25 -6.89 25.07
N GLY C 103 22.89 -6.29 26.06
CA GLY C 103 22.26 -5.29 26.90
C GLY C 103 21.71 -5.91 28.15
N ASN C 104 21.56 -5.03 29.15
CA ASN C 104 21.08 -5.40 30.51
C ASN C 104 19.58 -5.13 30.73
N SER C 105 18.90 -4.57 29.72
CA SER C 105 17.48 -4.25 29.83
C SER C 105 16.69 -5.53 29.72
N PRO C 106 15.68 -5.75 30.58
CA PRO C 106 14.89 -6.98 30.49
C PRO C 106 14.28 -7.17 29.14
N LYS C 107 14.25 -8.41 28.69
CA LYS C 107 13.68 -8.75 27.41
C LYS C 107 12.60 -9.82 27.49
N MET C 108 11.83 -9.90 26.40
CA MET C 108 10.90 -10.99 26.12
C MET C 108 11.14 -11.49 24.71
N VAL C 109 11.01 -12.79 24.52
CA VAL C 109 11.27 -13.42 23.26
C VAL C 109 9.93 -13.81 22.65
N SER C 110 9.95 -14.10 21.37
CA SER C 110 8.82 -14.67 20.64
C SER C 110 9.36 -15.60 19.53
N PHE C 111 8.91 -16.84 19.45
CA PHE C 111 9.48 -17.81 18.52
C PHE C 111 8.83 -17.72 17.15
N GLY C 112 9.61 -18.02 16.14
CA GLY C 112 9.13 -18.20 14.78
C GLY C 112 9.88 -19.38 14.17
N ASN C 113 9.73 -19.60 12.86
CA ASN C 113 10.48 -20.68 12.15
C ASN C 113 11.67 -20.23 11.31
N SER C 114 11.68 -18.96 10.93
CA SER C 114 12.73 -18.47 10.04
C SER C 114 13.07 -17.03 10.37
N GLY C 115 14.31 -16.67 10.06
CA GLY C 115 14.76 -15.29 10.13
C GLY C 115 13.75 -14.34 9.53
N SER C 116 13.13 -14.75 8.42
CA SER C 116 12.10 -13.97 7.77
C SER C 116 10.93 -13.59 8.65
N ASP C 117 10.28 -14.56 9.26
CA ASP C 117 9.13 -14.26 10.08
C ASP C 117 9.58 -13.41 11.33
N ALA C 118 10.81 -13.67 11.82
CA ALA C 118 11.41 -12.81 12.90
C ALA C 118 11.47 -11.34 12.50
N ASN C 119 11.95 -11.11 11.30
CA ASN C 119 11.91 -9.76 10.76
C ASN C 119 10.53 -9.18 10.50
N ASP C 120 9.58 -9.99 10.04
CA ASP C 120 8.19 -9.52 9.93
C ASP C 120 7.68 -9.12 11.31
N ALA C 121 8.05 -9.91 12.33
CA ALA C 121 7.68 -9.63 13.72
C ALA C 121 8.25 -8.29 14.17
N ILE C 122 9.51 -8.01 13.84
CA ILE C 122 10.08 -6.72 14.19
C ILE C 122 9.21 -5.56 13.69
N ILE C 123 8.79 -5.64 12.44
CA ILE C 123 7.93 -4.60 11.90
C ILE C 123 6.69 -4.38 12.81
N LYS C 124 6.05 -5.50 13.16
CA LYS C 124 4.84 -5.53 13.94
C LYS C 124 5.03 -4.90 15.32
N PHE C 125 6.08 -5.36 16.01
CA PHE C 125 6.37 -4.90 17.34
C PHE C 125 6.69 -3.44 17.38
N ALA C 126 7.54 -2.99 16.46
CA ALA C 126 7.89 -1.60 16.41
C ALA C 126 6.64 -0.74 16.11
N ARG C 127 5.82 -1.18 15.18
CA ARG C 127 4.67 -0.40 14.79
C ARG C 127 3.68 -0.34 15.94
N ALA C 128 3.51 -1.48 16.59
CA ALA C 128 2.58 -1.58 17.70
C ALA C 128 2.99 -0.77 18.91
N TYR C 129 4.27 -0.84 19.27
CA TYR C 129 4.78 -0.08 20.40
C TYR C 129 4.77 1.44 20.17
N THR C 130 5.27 1.90 19.03
CA THR C 130 5.42 3.33 18.76
C THR C 130 4.13 3.99 18.35
N GLY C 131 3.19 3.23 17.82
CA GLY C 131 2.03 3.82 17.16
C GLY C 131 2.33 4.41 15.78
N ARG C 132 3.59 4.36 15.35
CA ARG C 132 4.02 4.93 14.08
C ARG C 132 4.07 3.85 13.01
N GLN C 133 3.92 4.22 11.74
CA GLN C 133 3.86 3.20 10.70
C GLN C 133 5.13 2.99 9.84
N TYR C 134 5.85 4.06 9.51
CA TYR C 134 7.00 3.96 8.61
C TYR C 134 8.19 3.13 9.17
N ILE C 135 8.74 2.25 8.35
CA ILE C 135 9.91 1.44 8.70
C ILE C 135 11.06 1.84 7.78
N VAL C 136 12.27 1.96 8.32
CA VAL C 136 13.45 2.24 7.52
C VAL C 136 14.44 1.05 7.49
N SER C 137 14.80 0.60 6.30
CA SER C 137 15.76 -0.46 6.14
C SER C 137 16.80 -0.01 5.15
N TYR C 138 17.83 -0.84 4.96
CA TYR C 138 18.96 -0.48 4.08
C TYR C 138 19.02 -1.19 2.72
N MET C 139 19.66 -0.54 1.75
CA MET C 139 19.91 -1.17 0.47
C MET C 139 21.07 -2.12 0.66
N GLY C 140 21.09 -3.18 -0.15
CA GLY C 140 22.09 -4.20 -0.02
C GLY C 140 21.81 -5.14 1.13
N SER C 141 20.70 -4.93 1.82
CA SER C 141 20.36 -5.78 2.94
C SER C 141 19.54 -7.01 2.48
N TYR C 142 19.54 -8.05 3.28
CA TYR C 142 18.59 -9.13 3.12
C TYR C 142 18.04 -9.51 4.46
N HIS C 143 16.71 -9.44 4.60
CA HIS C 143 16.03 -9.76 5.84
C HIS C 143 15.02 -10.93 5.77
N GLY C 144 14.67 -11.37 4.54
CA GLY C 144 13.80 -12.51 4.39
C GLY C 144 12.99 -12.59 3.15
N SER C 145 12.25 -13.70 3.06
CA SER C 145 11.45 -14.00 1.89
C SER C 145 9.96 -13.89 2.11
N THR C 146 9.55 -13.50 3.31
CA THR C 146 8.15 -13.21 3.59
C THR C 146 7.83 -11.81 3.16
N TYR C 147 6.59 -11.50 2.88
CA TYR C 147 6.26 -10.18 2.34
C TYR C 147 6.74 -8.96 3.12
N GLY C 148 6.80 -9.03 4.43
CA GLY C 148 7.28 -7.90 5.23
C GLY C 148 8.79 -7.79 5.10
N SER C 149 9.45 -8.85 5.52
CA SER C 149 10.91 -8.88 5.51
C SER C 149 11.51 -8.79 4.13
N GLN C 150 10.79 -9.21 3.10
CA GLN C 150 11.24 -9.08 1.75
C GLN C 150 11.15 -7.68 1.27
N THR C 151 10.20 -6.93 1.82
CA THR C 151 10.07 -5.52 1.45
C THR C 151 11.22 -4.74 2.08
N LEU C 152 11.62 -5.11 3.28
CA LEU C 152 12.70 -4.37 3.90
C LEU C 152 14.00 -4.64 3.18
N SER C 153 14.10 -5.86 2.69
CA SER C 153 15.27 -6.33 1.99
C SER C 153 15.64 -5.48 0.77
N GLY C 154 16.91 -5.46 0.47
CA GLY C 154 17.39 -4.72 -0.66
C GLY C 154 18.52 -5.31 -1.43
N SER C 155 18.83 -6.57 -1.27
CA SER C 155 19.92 -7.16 -1.98
C SER C 155 19.67 -7.88 -3.29
N SER C 156 18.46 -7.95 -3.80
CA SER C 156 18.19 -8.65 -5.04
C SER C 156 17.02 -8.10 -5.81
N LEU C 157 17.15 -7.97 -7.10
CA LEU C 157 16.06 -7.43 -7.91
C LEU C 157 14.92 -8.42 -8.10
N ASN C 158 15.27 -9.70 -8.10
CA ASN C 158 14.28 -10.78 -8.22
C ASN C 158 13.41 -10.98 -6.97
N MET C 159 13.76 -10.33 -5.87
CA MET C 159 12.95 -10.32 -4.68
C MET C 159 11.90 -9.23 -4.75
N THR C 160 11.83 -8.50 -5.83
CA THR C 160 10.77 -7.49 -5.98
C THR C 160 9.97 -7.72 -7.25
N ARG C 161 10.64 -8.25 -8.27
CA ARG C 161 10.04 -8.47 -9.56
C ARG C 161 8.85 -9.38 -9.53
N LYS C 162 7.81 -8.99 -10.26
CA LYS C 162 6.64 -9.79 -10.48
C LYS C 162 5.77 -10.04 -9.27
N ILE C 163 6.12 -9.49 -8.11
CA ILE C 163 5.40 -9.85 -6.90
C ILE C 163 4.73 -8.74 -6.15
N GLY C 164 4.84 -7.52 -6.63
CA GLY C 164 4.33 -6.37 -5.90
C GLY C 164 2.87 -6.17 -6.16
N PRO C 165 2.24 -5.22 -5.50
CA PRO C 165 2.83 -4.27 -4.58
C PRO C 165 3.33 -4.90 -3.34
N MET C 166 4.39 -4.29 -2.78
CA MET C 166 5.03 -4.71 -1.57
C MET C 166 4.41 -3.96 -0.39
N LEU C 167 4.96 -4.21 0.81
CA LEU C 167 4.35 -3.70 2.03
C LEU C 167 4.57 -2.21 2.03
N PRO C 168 3.53 -1.43 2.31
CA PRO C 168 3.68 0.01 2.28
C PRO C 168 4.43 0.58 3.48
N SER C 169 4.69 1.87 3.41
CA SER C 169 5.41 2.63 4.43
C SER C 169 6.77 2.04 4.78
N VAL C 170 7.61 1.91 3.76
CA VAL C 170 8.99 1.48 3.92
C VAL C 170 9.96 2.33 3.07
N VAL C 171 11.04 2.79 3.70
CA VAL C 171 12.06 3.58 3.01
C VAL C 171 13.41 2.89 3.19
N HIS C 172 14.16 2.88 2.09
CA HIS C 172 15.50 2.28 2.05
C HIS C 172 16.52 3.43 2.01
N VAL C 173 17.63 3.21 2.70
CA VAL C 173 18.75 4.16 2.76
C VAL C 173 20.08 3.44 2.46
N PRO C 174 21.07 4.17 1.89
CA PRO C 174 22.31 3.52 1.53
C PRO C 174 23.06 3.07 2.78
N TYR C 175 23.72 1.92 2.64
CA TYR C 175 24.63 1.40 3.65
C TYR C 175 26.04 1.89 3.42
N PRO C 176 26.78 2.23 4.49
CA PRO C 176 28.14 2.77 4.26
C PRO C 176 29.10 1.75 3.63
N ASP C 177 29.62 2.10 2.46
CA ASP C 177 30.61 1.30 1.78
C ASP C 177 31.99 1.91 2.08
N SER C 178 32.85 1.16 2.79
CA SER C 178 34.21 1.62 3.12
C SER C 178 35.28 1.18 2.16
N TYR C 179 34.90 0.54 1.05
CA TYR C 179 35.87 0.09 0.02
C TYR C 179 35.81 0.98 -1.22
N ARG C 180 34.64 1.07 -1.85
CA ARG C 180 34.46 1.91 -3.02
C ARG C 180 34.07 3.30 -2.53
N THR C 181 35.06 4.02 -2.00
CA THR C 181 34.85 5.36 -1.51
C THR C 181 35.30 6.39 -2.55
N TYR C 182 35.11 7.67 -2.20
CA TYR C 182 35.69 8.76 -2.92
C TYR C 182 37.16 8.91 -2.49
N PRO C 183 38.04 9.31 -3.46
CA PRO C 183 39.49 9.44 -3.16
C PRO C 183 39.79 10.35 -1.94
N GLY C 184 40.58 9.85 -1.01
CA GLY C 184 40.95 10.64 0.18
C GLY C 184 40.02 10.55 1.36
N GLU C 185 38.90 9.85 1.23
CA GLU C 185 37.95 9.75 2.32
C GLU C 185 38.49 8.89 3.45
N THR C 186 38.43 9.43 4.65
CA THR C 186 38.71 8.67 5.86
C THR C 186 37.43 7.94 6.36
N GLU C 187 37.57 7.04 7.32
CA GLU C 187 36.41 6.43 7.96
C GLU C 187 35.41 7.51 8.44
N HIS C 188 35.92 8.53 9.12
CA HIS C 188 35.12 9.71 9.52
C HIS C 188 34.31 10.30 8.36
N ASP C 189 34.97 10.53 7.22
CA ASP C 189 34.32 11.11 6.05
C ASP C 189 33.23 10.18 5.56
N VAL C 190 33.56 8.90 5.47
CA VAL C 190 32.58 7.90 5.05
C VAL C 190 31.38 7.97 5.99
N SER C 191 31.64 7.93 7.29
CA SER C 191 30.59 7.88 8.26
C SER C 191 29.66 9.09 8.11
N LEU C 192 30.23 10.29 8.00
CA LEU C 192 29.44 11.54 7.86
C LEU C 192 28.67 11.58 6.54
N ARG C 193 29.29 11.15 5.45
CA ARG C 193 28.60 11.16 4.17
C ARG C 193 27.37 10.31 4.21
N TYR C 194 27.52 9.08 4.68
CA TYR C 194 26.40 8.16 4.77
C TYR C 194 25.35 8.53 5.83
N PHE C 195 25.75 9.11 6.95
CA PHE C 195 24.77 9.64 7.88
C PHE C 195 24.02 10.82 7.27
N ASN C 196 24.68 11.58 6.44
CA ASN C 196 24.02 12.68 5.78
C ASN C 196 22.97 12.16 4.79
N GLU C 197 23.25 11.06 4.08
CA GLU C 197 22.28 10.41 3.18
C GLU C 197 21.12 9.81 3.95
N PHE C 198 21.43 9.32 5.13
CA PHE C 198 20.45 8.73 6.03
C PHE C 198 19.43 9.77 6.44
N LYS C 199 19.86 11.02 6.63
CA LYS C 199 18.96 12.12 7.07
C LYS C 199 18.13 12.75 5.99
N LYS C 200 18.53 12.64 4.73
CA LYS C 200 17.81 13.31 3.68
C LYS C 200 16.31 12.95 3.63
N PRO C 201 15.97 11.67 3.76
CA PRO C 201 14.54 11.41 3.78
C PRO C 201 13.88 12.09 4.93
N PHE C 202 14.47 11.98 6.09
CA PHE C 202 13.92 12.59 7.31
C PHE C 202 13.80 14.12 7.26
N GLU C 203 14.64 14.71 6.41
CA GLU C 203 14.64 16.15 6.18
C GLU C 203 13.74 16.53 5.00
N SER C 204 13.18 15.54 4.31
CA SER C 204 12.33 15.83 3.17
C SER C 204 10.87 15.35 3.26
N PHE C 205 10.67 14.05 3.09
CA PHE C 205 9.33 13.48 3.08
C PHE C 205 8.97 12.50 4.20
N LEU C 206 9.96 12.01 4.93
CA LEU C 206 9.68 11.03 5.97
C LEU C 206 9.76 11.66 7.35
N PRO C 207 8.63 11.68 8.06
CA PRO C 207 8.62 12.29 9.36
C PRO C 207 9.25 11.36 10.37
N ALA C 208 10.31 11.82 11.03
CA ALA C 208 10.99 11.03 12.04
C ALA C 208 10.06 10.61 13.19
N ASP C 209 9.15 11.50 13.56
CA ASP C 209 8.12 11.18 14.55
C ASP C 209 7.08 10.17 14.07
N GLU C 210 7.17 9.75 12.82
CA GLU C 210 6.36 8.66 12.31
C GLU C 210 7.10 7.43 11.80
N THR C 211 8.36 7.33 12.15
CA THR C 211 9.17 6.23 11.81
C THR C 211 9.25 5.32 13.01
N ALA C 212 8.56 4.20 12.96
CA ALA C 212 8.57 3.18 14.01
C ALA C 212 9.99 2.64 14.30
N CYS C 213 10.73 2.29 13.25
CA CYS C 213 12.06 1.86 13.49
C CYS C 213 12.98 1.86 12.29
N VAL C 214 14.25 1.62 12.60
CA VAL C 214 15.30 1.44 11.68
C VAL C 214 15.86 0.03 11.90
N LEU C 215 15.70 -0.84 10.89
CA LEU C 215 16.23 -2.18 10.95
C LEU C 215 17.56 -2.17 10.24
N ILE C 216 18.58 -2.76 10.85
CA ILE C 216 19.91 -2.77 10.26
C ILE C 216 20.75 -4.04 10.64
N GLU C 217 21.59 -4.46 9.71
CA GLU C 217 22.52 -5.55 9.94
C GLU C 217 23.81 -4.91 10.41
N PRO C 218 24.26 -5.25 11.62
CA PRO C 218 25.50 -4.67 12.09
C PRO C 218 26.62 -4.85 11.08
N ILE C 219 26.61 -6.00 10.42
CA ILE C 219 27.47 -6.24 9.28
C ILE C 219 26.55 -6.88 8.25
N GLN C 220 26.50 -6.32 7.06
CA GLN C 220 25.67 -6.90 6.00
C GLN C 220 26.24 -8.18 5.48
N GLY C 221 25.44 -9.25 5.55
CA GLY C 221 25.89 -10.55 5.05
C GLY C 221 25.84 -10.62 3.55
N ASP C 222 24.66 -10.48 3.00
CA ASP C 222 24.44 -10.55 1.57
C ASP C 222 25.07 -9.46 0.79
N GLY C 223 25.13 -8.31 1.39
CA GLY C 223 25.77 -7.17 0.74
C GLY C 223 27.21 -7.39 0.38
N GLY C 224 27.90 -8.31 1.09
CA GLY C 224 29.33 -8.61 0.80
C GLY C 224 30.26 -8.59 1.98
N ILE C 225 29.71 -8.88 3.14
CA ILE C 225 30.39 -8.86 4.39
C ILE C 225 30.94 -7.48 4.60
N ILE C 226 30.04 -6.53 4.80
CA ILE C 226 30.35 -5.11 4.99
C ILE C 226 29.95 -4.64 6.38
N LYS C 227 30.93 -4.19 7.15
CA LYS C 227 30.69 -3.67 8.48
C LYS C 227 30.48 -2.19 8.41
N ALA C 228 29.45 -1.67 9.05
CA ALA C 228 29.30 -0.21 9.14
C ALA C 228 30.39 0.37 10.02
N PRO C 229 30.90 1.58 9.69
CA PRO C 229 31.91 2.19 10.55
C PRO C 229 31.32 2.48 11.89
N GLU C 230 32.14 2.32 12.94
CA GLU C 230 31.76 2.57 14.32
C GLU C 230 31.02 3.87 14.51
N GLU C 231 31.59 4.94 14.00
CA GLU C 231 30.96 6.28 14.17
C GLU C 231 29.57 6.40 13.55
N TYR C 232 29.45 5.89 12.33
CA TYR C 232 28.18 5.90 11.58
C TYR C 232 27.09 5.26 12.42
N MET C 233 27.42 4.08 12.92
CA MET C 233 26.44 3.34 13.72
C MET C 233 26.03 4.11 14.97
N GLN C 234 26.99 4.78 15.60
CA GLN C 234 26.69 5.58 16.75
C GLN C 234 25.74 6.74 16.39
N LEU C 235 25.92 7.33 15.21
CA LEU C 235 25.08 8.48 14.86
C LEU C 235 23.62 8.06 14.65
N VAL C 236 23.43 6.99 13.87
CA VAL C 236 22.10 6.40 13.61
C VAL C 236 21.40 5.96 14.89
N TYR C 237 22.17 5.26 15.73
CA TYR C 237 21.74 4.90 17.07
C TYR C 237 21.20 6.10 17.90
N LYS C 238 21.98 7.15 17.94
CA LYS C 238 21.57 8.34 18.63
C LYS C 238 20.36 9.00 18.00
N PHE C 239 20.35 9.10 16.67
CA PHE C 239 19.20 9.68 15.97
C PHE C 239 17.90 8.99 16.34
N CYS C 240 17.96 7.68 16.40
CA CYS C 240 16.80 6.87 16.76
C CYS C 240 16.29 7.16 18.17
N HIS C 241 17.20 7.26 19.15
CA HIS C 241 16.81 7.56 20.52
C HIS C 241 16.23 8.95 20.73
N GLU C 242 16.78 9.91 20.06
CA GLU C 242 16.29 11.26 20.16
C GLU C 242 14.92 11.47 19.55
N HIS C 243 14.53 10.66 18.56
CA HIS C 243 13.26 10.82 17.89
C HIS C 243 12.25 9.71 18.21
N GLY C 244 12.56 8.89 19.20
CA GLY C 244 11.66 7.80 19.61
C GLY C 244 11.59 6.63 18.64
N ILE C 245 12.57 6.55 17.73
CA ILE C 245 12.54 5.56 16.68
C ILE C 245 13.24 4.36 17.25
N LEU C 246 12.56 3.23 17.27
CA LEU C 246 13.20 1.99 17.69
C LEU C 246 14.42 1.62 16.83
N PHE C 247 15.43 1.10 17.50
CA PHE C 247 16.63 0.69 16.84
C PHE C 247 16.69 -0.84 16.87
N ALA C 248 16.49 -1.43 15.67
CA ALA C 248 16.47 -2.87 15.50
C ALA C 248 17.66 -3.31 14.70
N ILE C 249 18.09 -4.53 15.00
CA ILE C 249 19.19 -5.20 14.31
C ILE C 249 18.82 -6.61 13.81
N ASP C 250 19.41 -7.01 12.69
CA ASP C 250 19.28 -8.38 12.18
C ASP C 250 20.53 -9.18 12.53
N GLU C 251 20.41 -10.10 13.48
CA GLU C 251 21.53 -10.97 13.89
C GLU C 251 21.42 -12.39 13.33
N VAL C 252 20.52 -12.59 12.35
CA VAL C 252 20.27 -13.91 11.77
C VAL C 252 21.53 -14.51 11.13
N ASN C 253 22.25 -13.69 10.40
CA ASN C 253 23.44 -14.16 9.68
C ASN C 253 24.71 -13.97 10.49
N GLN C 254 24.80 -12.85 11.22
CA GLN C 254 26.04 -12.49 11.91
C GLN C 254 26.03 -12.73 13.43
N GLY C 255 24.94 -13.31 13.94
CA GLY C 255 24.85 -13.63 15.36
C GLY C 255 25.54 -14.92 15.77
N LEU C 256 25.37 -15.27 17.05
CA LEU C 256 25.89 -16.49 17.62
C LEU C 256 27.40 -16.79 17.35
N GLY C 257 28.25 -15.81 17.62
CA GLY C 257 29.69 -16.03 17.60
C GLY C 257 30.33 -15.99 16.22
N ARG C 258 29.55 -15.66 15.19
CA ARG C 258 30.07 -15.67 13.81
C ARG C 258 31.12 -14.60 13.61
N THR C 259 30.98 -13.47 14.30
CA THR C 259 31.90 -12.34 14.14
C THR C 259 33.10 -12.28 15.06
N GLY C 260 33.22 -13.22 15.99
CA GLY C 260 34.25 -13.14 17.04
C GLY C 260 33.68 -12.72 18.38
N LYS C 261 32.47 -12.19 18.37
CA LYS C 261 31.72 -11.89 19.58
C LYS C 261 30.34 -12.55 19.48
N MET C 262 29.69 -12.74 20.61
CA MET C 262 28.43 -13.42 20.61
C MET C 262 27.48 -12.76 19.60
N TRP C 263 27.36 -11.44 19.65
CA TRP C 263 26.54 -10.70 18.68
C TRP C 263 27.36 -9.72 17.84
N ALA C 264 27.00 -9.59 16.55
CA ALA C 264 27.69 -8.67 15.65
C ALA C 264 27.60 -7.24 16.13
N ILE C 265 26.49 -6.88 16.74
CA ILE C 265 26.36 -5.56 17.35
C ILE C 265 27.34 -5.27 18.51
N GLN C 266 27.82 -6.33 19.15
CA GLN C 266 28.84 -6.17 20.18
C GLN C 266 30.21 -5.83 19.58
N GLN C 267 30.31 -5.79 18.25
CA GLN C 267 31.45 -5.15 17.60
C GLN C 267 31.43 -3.62 17.72
N PHE C 268 30.40 -3.07 18.35
CA PHE C 268 30.26 -1.65 18.54
C PHE C 268 30.16 -1.38 20.03
N LYS C 269 30.36 -0.12 20.40
CA LYS C 269 30.48 0.27 21.82
C LYS C 269 29.11 0.60 22.40
N ASP C 270 28.71 -0.16 23.42
CA ASP C 270 27.47 0.02 24.22
C ASP C 270 26.21 0.39 23.45
N ILE C 271 25.83 -0.50 22.55
CA ILE C 271 24.64 -0.29 21.75
C ILE C 271 23.72 -1.42 22.10
N GLU C 272 22.62 -1.11 22.78
CA GLU C 272 21.58 -2.12 23.05
C GLU C 272 20.34 -1.91 22.14
N PRO C 273 19.95 -2.91 21.36
CA PRO C 273 18.83 -2.70 20.46
C PRO C 273 17.50 -2.77 21.18
N ASP C 274 16.49 -2.16 20.62
CA ASP C 274 15.13 -2.30 21.12
C ASP C 274 14.55 -3.64 20.65
N LEU C 275 14.88 -4.05 19.44
CA LEU C 275 14.42 -5.29 18.82
C LEU C 275 15.56 -5.92 18.08
N MET C 276 15.52 -7.22 17.94
CA MET C 276 16.53 -7.96 17.18
C MET C 276 16.01 -9.32 16.65
N SER C 277 16.59 -9.80 15.56
CA SER C 277 16.14 -11.08 14.95
C SER C 277 17.25 -12.10 14.91
N VAL C 278 16.90 -13.34 15.23
CA VAL C 278 17.87 -14.44 15.33
C VAL C 278 17.30 -15.62 14.59
N GLY C 279 18.18 -16.41 13.98
CA GLY C 279 17.77 -17.64 13.30
C GLY C 279 18.96 -18.47 12.88
N LYS C 280 18.73 -19.34 11.89
CA LYS C 280 19.78 -20.15 11.30
C LYS C 280 20.52 -21.00 12.31
N SER C 281 21.68 -20.55 12.76
CA SER C 281 22.49 -21.32 13.68
C SER C 281 21.81 -21.56 15.00
N LEU C 282 20.77 -20.78 15.31
CA LEU C 282 20.08 -20.93 16.56
C LEU C 282 19.78 -22.38 16.92
N ALA C 283 19.29 -23.13 15.93
CA ALA C 283 18.95 -24.54 16.12
C ALA C 283 19.78 -25.46 15.22
N SER C 284 21.03 -25.08 14.98
CA SER C 284 21.97 -25.87 14.18
C SER C 284 21.46 -26.26 12.79
N GLY C 285 20.54 -25.46 12.28
CA GLY C 285 19.95 -25.71 10.95
C GLY C 285 18.51 -26.14 11.01
N MET C 286 18.06 -26.62 12.17
CA MET C 286 16.66 -26.93 12.35
C MET C 286 15.87 -25.62 12.29
N PRO C 287 14.63 -25.67 11.76
CA PRO C 287 13.84 -24.46 11.56
C PRO C 287 13.34 -23.80 12.84
N LEU C 288 14.10 -22.85 13.33
CA LEU C 288 13.72 -22.07 14.50
C LEU C 288 14.27 -20.64 14.39
N SER C 289 13.43 -19.67 14.77
CA SER C 289 13.84 -18.27 14.80
C SER C 289 13.26 -17.60 16.02
N ALA C 290 13.76 -16.42 16.33
CA ALA C 290 13.21 -15.72 17.44
C ALA C 290 13.43 -14.22 17.28
N VAL C 291 12.42 -13.44 17.66
CA VAL C 291 12.54 -12.00 17.78
C VAL C 291 12.69 -11.72 19.28
N ILE C 292 13.70 -10.90 19.65
CA ILE C 292 13.98 -10.54 21.04
C ILE C 292 13.98 -9.02 21.21
N GLY C 293 13.28 -8.55 22.24
CA GLY C 293 13.16 -7.13 22.44
C GLY C 293 12.93 -6.77 23.88
N LYS C 294 13.10 -5.50 24.20
CA LYS C 294 12.82 -4.95 25.51
C LYS C 294 11.38 -5.27 25.84
N LYS C 295 11.17 -5.75 27.07
CA LYS C 295 9.87 -6.20 27.53
C LYS C 295 8.72 -5.27 27.11
N GLU C 296 8.85 -3.99 27.45
CA GLU C 296 7.78 -3.02 27.18
C GLU C 296 7.38 -2.98 25.70
N VAL C 297 8.33 -3.29 24.82
CA VAL C 297 8.06 -3.36 23.39
C VAL C 297 7.28 -4.62 23.04
N MET C 298 7.80 -5.74 23.53
CA MET C 298 7.18 -7.06 23.32
C MET C 298 5.78 -7.23 23.97
N GLN C 299 5.37 -6.31 24.83
CA GLN C 299 4.06 -6.37 25.50
C GLN C 299 2.97 -5.58 24.78
N SER C 300 3.35 -4.84 23.74
CA SER C 300 2.43 -4.06 22.95
C SER C 300 1.54 -4.84 21.98
N LEU C 301 1.66 -6.18 21.92
CA LEU C 301 0.73 -6.97 21.11
C LEU C 301 -0.07 -7.96 21.95
N ASP C 302 -1.34 -8.14 21.58
CA ASP C 302 -2.19 -9.21 22.11
C ASP C 302 -2.16 -10.39 21.15
N ALA C 303 -2.49 -11.59 21.63
CA ALA C 303 -2.53 -12.76 20.75
C ALA C 303 -3.75 -12.70 19.83
N PRO C 304 -3.74 -13.44 18.73
CA PRO C 304 -2.52 -13.96 18.10
C PRO C 304 -1.96 -13.03 17.02
N ALA C 305 -1.37 -11.91 17.42
CA ALA C 305 -0.79 -10.99 16.46
C ALA C 305 0.38 -11.62 15.70
N HIS C 306 1.17 -12.40 16.42
CA HIS C 306 2.33 -13.06 15.89
C HIS C 306 2.53 -14.42 16.51
N LEU C 307 2.23 -15.49 15.76
CA LEU C 307 2.46 -16.88 16.19
C LEU C 307 2.44 -17.88 15.03
N PHE C 308 3.13 -19.00 15.20
CA PHE C 308 3.12 -20.07 14.18
C PHE C 308 2.89 -21.43 14.81
N THR C 309 2.05 -22.25 14.18
CA THR C 309 1.74 -23.59 14.65
C THR C 309 2.98 -24.42 15.03
N THR C 310 3.94 -24.45 14.12
CA THR C 310 5.14 -25.26 14.28
C THR C 310 6.22 -24.48 14.98
N ALA C 311 6.06 -23.16 15.09
CA ALA C 311 7.08 -22.31 15.77
C ALA C 311 7.32 -22.66 17.22
N GLY C 312 8.59 -22.89 17.50
CA GLY C 312 9.04 -23.22 18.85
C GLY C 312 8.94 -24.69 19.11
N ASN C 313 9.10 -25.48 18.04
CA ASN C 313 8.96 -26.91 18.07
C ASN C 313 9.88 -27.45 19.18
N PRO C 314 9.37 -28.38 20.04
CA PRO C 314 10.13 -28.99 21.14
C PRO C 314 11.44 -29.66 20.75
N VAL C 315 11.50 -30.25 19.57
CA VAL C 315 12.77 -30.80 19.06
C VAL C 315 13.73 -29.68 18.59
N CYS C 316 13.19 -28.69 17.90
CA CYS C 316 14.01 -27.56 17.50
C CYS C 316 14.60 -26.81 18.72
N SER C 317 13.80 -26.64 19.76
CA SER C 317 14.22 -25.99 20.99
C SER C 317 15.31 -26.78 21.71
N ALA C 318 15.17 -28.11 21.69
CA ALA C 318 16.17 -28.99 22.26
C ALA C 318 17.47 -28.83 21.50
N ALA C 319 17.39 -28.91 20.17
CA ALA C 319 18.53 -28.64 19.31
C ALA C 319 19.22 -27.29 19.55
N SER C 320 18.40 -26.26 19.73
CA SER C 320 18.88 -24.91 20.06
C SER C 320 19.62 -24.85 21.43
N LEU C 321 18.95 -25.38 22.47
CA LEU C 321 19.56 -25.47 23.80
C LEU C 321 20.95 -26.11 23.73
N ALA C 322 21.07 -27.24 23.05
CA ALA C 322 22.37 -27.91 22.86
C ALA C 322 23.36 -27.05 22.09
N THR C 323 22.94 -26.45 20.95
CA THR C 323 23.80 -25.59 20.14
C THR C 323 24.37 -24.45 20.97
N LEU C 324 23.51 -23.84 21.81
CA LEU C 324 23.98 -22.78 22.73
C LEU C 324 24.97 -23.27 23.78
N ASP C 325 24.79 -24.46 24.33
CA ASP C 325 25.80 -25.02 25.25
C ASP C 325 27.12 -25.31 24.57
N VAL C 326 27.09 -25.72 23.31
CA VAL C 326 28.27 -26.06 22.54
C VAL C 326 29.09 -24.80 22.29
N ILE C 327 28.41 -23.73 21.89
CA ILE C 327 29.05 -22.43 21.66
C ILE C 327 29.79 -22.02 22.92
N GLU C 328 29.14 -22.27 24.05
CA GLU C 328 29.69 -21.87 25.32
C GLU C 328 30.80 -22.81 25.69
N TYR C 329 30.46 -24.09 25.81
CA TYR C 329 31.36 -25.13 26.22
C TYR C 329 32.65 -25.17 25.38
N GLU C 330 32.55 -24.99 24.07
CA GLU C 330 33.75 -25.09 23.21
C GLU C 330 34.47 -23.74 22.95
N GLY C 331 34.00 -22.69 23.62
CA GLY C 331 34.45 -21.33 23.41
C GLY C 331 34.44 -20.93 21.97
N LEU C 332 33.35 -21.19 21.27
CA LEU C 332 33.31 -20.94 19.82
C LEU C 332 33.43 -19.45 19.46
N VAL C 333 32.89 -18.57 20.31
CA VAL C 333 32.97 -17.13 20.10
C VAL C 333 34.42 -16.72 20.02
N GLU C 334 35.17 -17.19 21.02
CA GLU C 334 36.57 -16.88 21.10
C GLU C 334 37.29 -17.51 19.93
N LYS C 335 36.96 -18.76 19.62
CA LYS C 335 37.60 -19.44 18.49
C LYS C 335 37.30 -18.73 17.15
N SER C 336 36.13 -18.11 17.04
CA SER C 336 35.79 -17.37 15.82
C SER C 336 36.72 -16.17 15.66
N ALA C 337 36.97 -15.50 16.76
CA ALA C 337 37.88 -14.36 16.79
C ALA C 337 39.30 -14.78 16.53
N THR C 338 39.80 -15.75 17.27
CA THR C 338 41.19 -16.23 17.08
C THR C 338 41.43 -16.75 15.65
N ASP C 339 40.61 -17.71 15.19
CA ASP C 339 40.76 -18.29 13.84
C ASP C 339 40.37 -17.29 12.76
N GLY C 340 39.42 -16.39 13.05
CA GLY C 340 39.16 -15.26 12.17
C GLY C 340 40.35 -14.33 11.94
N ALA C 341 41.06 -14.02 13.03
CA ALA C 341 42.23 -13.16 12.94
C ALA C 341 43.31 -13.87 12.12
N TYR C 342 43.45 -15.17 12.32
CA TYR C 342 44.43 -15.91 11.51
C TYR C 342 44.06 -15.89 10.04
N ALA C 343 42.81 -16.23 9.73
CA ALA C 343 42.34 -16.30 8.32
C ALA C 343 42.45 -15.00 7.60
N LYS C 344 42.17 -13.93 8.32
CA LYS C 344 42.33 -12.58 7.80
C LYS C 344 43.76 -12.32 7.35
N GLN C 345 44.73 -12.74 8.15
CA GLN C 345 46.14 -12.59 7.83
C GLN C 345 46.51 -13.49 6.68
N ARG C 346 45.97 -14.69 6.66
CA ARG C 346 46.24 -15.58 5.57
C ARG C 346 45.82 -14.95 4.25
N PHE C 347 44.68 -14.25 4.27
CA PHE C 347 44.17 -13.63 3.08
C PHE C 347 44.90 -12.37 2.70
N LEU C 348 45.29 -11.59 3.68
CA LEU C 348 46.14 -10.41 3.44
C LEU C 348 47.56 -10.76 2.84
N GLU C 349 48.15 -11.87 3.30
CA GLU C 349 49.39 -12.42 2.73
C GLU C 349 49.22 -12.84 1.30
N MET C 350 48.06 -13.42 1.01
CA MET C 350 47.60 -13.74 -0.34
C MET C 350 47.40 -12.51 -1.19
N GLN C 351 46.81 -11.46 -0.62
CA GLN C 351 46.56 -10.23 -1.38
C GLN C 351 47.85 -9.58 -1.82
N GLN C 352 48.91 -9.83 -1.07
CA GLN C 352 50.20 -9.33 -1.43
C GLN C 352 50.74 -9.97 -2.75
N ARG C 353 50.51 -11.28 -2.93
CA ARG C 353 50.91 -12.02 -4.14
C ARG C 353 49.80 -12.12 -5.20
N HIS C 354 48.55 -11.80 -4.84
CA HIS C 354 47.41 -11.89 -5.74
C HIS C 354 46.68 -10.55 -5.71
N PRO C 355 47.03 -9.64 -6.64
CA PRO C 355 46.43 -8.33 -6.64
C PRO C 355 44.98 -8.28 -7.13
N MET C 356 44.47 -9.36 -7.72
CA MET C 356 43.01 -9.42 -7.99
C MET C 356 42.13 -9.33 -6.73
N ILE C 357 42.68 -9.72 -5.57
CA ILE C 357 42.01 -9.54 -4.27
C ILE C 357 42.01 -8.05 -3.91
N GLY C 358 40.94 -7.34 -4.27
CA GLY C 358 40.82 -5.90 -4.00
C GLY C 358 40.65 -5.52 -2.54
N ASP C 359 39.95 -6.35 -1.78
CA ASP C 359 39.65 -6.00 -0.39
C ASP C 359 39.51 -7.23 0.43
N VAL C 360 39.99 -7.19 1.66
CA VAL C 360 39.83 -8.30 2.60
C VAL C 360 39.03 -7.84 3.78
N ARG C 361 37.75 -8.15 3.76
CA ARG C 361 36.87 -7.79 4.85
C ARG C 361 36.70 -9.05 5.73
N MET C 362 37.01 -8.92 7.03
CA MET C 362 36.90 -10.06 7.95
C MET C 362 36.62 -9.62 9.40
N TRP C 363 35.72 -10.34 10.03
CA TRP C 363 35.38 -10.13 11.45
C TRP C 363 34.97 -11.47 12.04
N GLY C 364 35.88 -12.17 12.69
CA GLY C 364 35.63 -13.57 13.10
C GLY C 364 35.91 -14.44 11.90
N LEU C 365 35.62 -15.73 12.02
CA LEU C 365 35.72 -16.65 10.87
C LEU C 365 34.56 -16.34 9.91
N ASN C 366 34.56 -15.12 9.41
CA ASN C 366 33.41 -14.55 8.73
C ASN C 366 33.94 -13.44 7.82
N GLY C 367 34.19 -13.75 6.57
CA GLY C 367 34.78 -12.79 5.68
C GLY C 367 34.27 -12.75 4.27
N GLY C 368 34.58 -11.64 3.62
CA GLY C 368 34.30 -11.40 2.20
C GLY C 368 35.58 -10.99 1.47
N ILE C 369 36.04 -11.83 0.55
CA ILE C 369 37.26 -11.60 -0.21
C ILE C 369 36.83 -11.07 -1.57
N GLU C 370 36.74 -9.74 -1.68
CA GLU C 370 36.21 -9.11 -2.88
C GLU C 370 37.23 -9.08 -3.96
N LEU C 371 36.93 -9.75 -5.09
CA LEU C 371 37.87 -9.85 -6.19
C LEU C 371 37.61 -8.80 -7.30
N VAL C 372 38.67 -8.09 -7.73
CA VAL C 372 38.58 -6.99 -8.70
C VAL C 372 39.51 -7.13 -9.91
N LYS C 373 39.13 -6.53 -11.03
CA LYS C 373 39.96 -6.52 -12.23
C LYS C 373 41.25 -5.67 -12.13
N ASP C 374 41.22 -4.62 -11.31
CA ASP C 374 42.34 -3.71 -11.12
C ASP C 374 42.20 -2.99 -9.77
N PRO C 375 43.27 -2.98 -8.96
CA PRO C 375 43.17 -2.34 -7.63
C PRO C 375 42.85 -0.85 -7.62
N LYS C 376 43.27 -0.14 -8.68
CA LYS C 376 43.04 1.32 -8.81
C LYS C 376 41.57 1.59 -9.12
N THR C 377 41.04 0.83 -10.07
CA THR C 377 39.70 1.02 -10.53
C THR C 377 38.68 0.34 -9.62
N LYS C 378 39.05 -0.78 -9.01
CA LYS C 378 38.15 -1.61 -8.19
C LYS C 378 36.96 -2.21 -8.95
N GLU C 379 37.11 -2.33 -10.27
CA GLU C 379 36.09 -2.89 -11.11
C GLU C 379 35.87 -4.35 -10.74
N PRO C 380 34.63 -4.78 -10.42
CA PRO C 380 34.35 -6.15 -10.02
C PRO C 380 34.78 -7.15 -11.05
N ASP C 381 35.39 -8.24 -10.59
CA ASP C 381 35.78 -9.34 -11.47
C ASP C 381 35.00 -10.60 -11.07
N SER C 382 33.80 -10.71 -11.62
CA SER C 382 32.91 -11.82 -11.30
C SER C 382 33.38 -13.09 -11.98
N ASP C 383 34.03 -12.88 -13.13
CA ASP C 383 34.59 -13.95 -13.92
C ASP C 383 35.61 -14.70 -13.06
N ALA C 384 36.54 -13.93 -12.49
CA ALA C 384 37.61 -14.49 -11.63
C ALA C 384 37.01 -15.24 -10.42
N ALA C 385 35.98 -14.66 -9.80
CA ALA C 385 35.30 -15.26 -8.64
C ALA C 385 34.71 -16.62 -8.93
N THR C 386 34.02 -16.69 -10.06
CA THR C 386 33.42 -17.91 -10.55
C THR C 386 34.50 -18.95 -10.69
N LYS C 387 35.57 -18.58 -11.38
CA LYS C 387 36.66 -19.52 -11.63
C LYS C 387 37.24 -20.05 -10.36
N VAL C 388 37.44 -19.16 -9.39
CA VAL C 388 38.03 -19.54 -8.11
C VAL C 388 37.13 -20.55 -7.40
N ILE C 389 35.84 -20.29 -7.36
CA ILE C 389 34.92 -21.16 -6.64
C ILE C 389 34.75 -22.54 -7.27
N TYR C 390 34.73 -22.62 -8.61
CA TYR C 390 34.77 -23.93 -9.33
C TYR C 390 36.10 -24.65 -9.20
N TYR C 391 37.19 -23.93 -9.22
CA TYR C 391 38.45 -24.57 -8.97
C TYR C 391 38.40 -25.13 -7.56
N ALA C 392 37.94 -24.36 -6.58
CA ALA C 392 37.83 -24.87 -5.22
C ALA C 392 36.97 -26.11 -5.06
N PHE C 393 35.78 -26.09 -5.68
CA PHE C 393 34.88 -27.21 -5.72
C PHE C 393 35.48 -28.46 -6.32
N ALA C 394 36.22 -28.32 -7.40
CA ALA C 394 36.90 -29.47 -7.98
C ALA C 394 38.00 -30.04 -7.10
N HIS C 395 38.56 -29.23 -6.21
CA HIS C 395 39.60 -29.66 -5.27
C HIS C 395 39.12 -29.79 -3.82
N GLY C 396 37.83 -30.02 -3.63
CA GLY C 396 37.33 -30.45 -2.32
C GLY C 396 37.03 -29.32 -1.37
N VAL C 397 36.81 -28.13 -1.93
CA VAL C 397 36.44 -26.99 -1.11
C VAL C 397 35.13 -26.37 -1.60
N VAL C 398 34.11 -26.35 -0.71
CA VAL C 398 32.84 -25.76 -1.07
C VAL C 398 32.81 -24.34 -0.59
N ILE C 399 32.59 -23.42 -1.53
CA ILE C 399 32.50 -21.99 -1.27
C ILE C 399 31.75 -21.28 -2.38
N ILE C 400 30.91 -20.30 -2.05
CA ILE C 400 30.14 -19.58 -3.05
C ILE C 400 30.47 -18.11 -2.94
N THR C 401 29.82 -17.31 -3.79
CA THR C 401 30.06 -15.89 -3.83
C THR C 401 28.86 -15.06 -3.39
N LEU C 402 29.15 -13.78 -3.17
CA LEU C 402 28.21 -12.75 -2.78
C LEU C 402 28.42 -11.64 -3.79
N ALA C 403 27.34 -11.15 -4.40
CA ALA C 403 27.36 -10.09 -5.40
C ALA C 403 28.21 -10.34 -6.65
N GLY C 404 28.37 -11.61 -7.01
CA GLY C 404 29.14 -12.00 -8.18
C GLY C 404 30.65 -12.03 -8.06
N ASN C 405 31.22 -11.04 -7.38
CA ASN C 405 32.71 -10.97 -7.31
C ASN C 405 33.31 -11.10 -5.90
N ILE C 406 32.49 -11.34 -4.88
CA ILE C 406 33.00 -11.47 -3.52
C ILE C 406 32.96 -12.92 -3.08
N LEU C 407 34.08 -13.42 -2.58
CA LEU C 407 34.13 -14.78 -2.10
C LEU C 407 33.57 -14.85 -0.68
N ARG C 408 32.62 -15.74 -0.45
CA ARG C 408 32.01 -15.84 0.85
C ARG C 408 32.77 -16.81 1.75
N PHE C 409 33.25 -16.33 2.88
CA PHE C 409 33.98 -17.13 3.85
C PHE C 409 33.25 -17.26 5.22
N GLN C 410 32.49 -18.32 5.41
CA GLN C 410 31.77 -18.52 6.66
C GLN C 410 31.70 -19.99 6.97
N PRO C 411 32.84 -20.62 7.26
CA PRO C 411 32.76 -22.02 7.62
C PRO C 411 32.19 -22.21 9.02
N PRO C 412 31.84 -23.48 9.31
CA PRO C 412 31.51 -23.84 10.67
C PRO C 412 32.61 -23.35 11.63
N LEU C 413 32.18 -22.74 12.75
CA LEU C 413 33.09 -22.14 13.70
C LEU C 413 34.00 -23.17 14.31
N VAL C 414 33.59 -24.44 14.31
CA VAL C 414 34.39 -25.54 14.82
C VAL C 414 35.48 -26.02 13.87
N ILE C 415 35.53 -25.52 12.65
CA ILE C 415 36.51 -25.99 11.69
C ILE C 415 37.90 -26.21 12.37
N PRO C 416 38.45 -27.44 12.24
CA PRO C 416 39.77 -27.73 12.76
C PRO C 416 40.83 -26.99 11.94
N ARG C 417 41.90 -26.57 12.61
CA ARG C 417 42.91 -25.76 11.96
C ARG C 417 43.44 -26.39 10.70
N GLU C 418 43.63 -27.69 10.76
CA GLU C 418 44.14 -28.48 9.64
C GLU C 418 43.29 -28.32 8.39
N GLN C 419 41.97 -28.49 8.55
CA GLN C 419 41.04 -28.31 7.43
C GLN C 419 41.05 -26.85 6.92
N LEU C 420 41.17 -25.91 7.85
CA LEU C 420 41.13 -24.50 7.51
C LEU C 420 42.30 -24.17 6.61
N ASP C 421 43.49 -24.62 7.00
CA ASP C 421 44.70 -24.41 6.21
C ASP C 421 44.62 -25.11 4.87
N GLN C 422 44.02 -26.29 4.88
CA GLN C 422 43.78 -27.04 3.64
C GLN C 422 42.98 -26.22 2.66
N ALA C 423 41.88 -25.66 3.17
CA ALA C 423 40.99 -24.89 2.33
C ALA C 423 41.67 -23.66 1.85
N LEU C 424 42.37 -23.00 2.78
CA LEU C 424 43.07 -21.76 2.50
C LEU C 424 44.10 -21.93 1.40
N GLN C 425 44.91 -22.98 1.53
CA GLN C 425 45.92 -23.35 0.53
C GLN C 425 45.29 -23.60 -0.85
N VAL C 426 44.16 -24.32 -0.85
CA VAL C 426 43.36 -24.47 -2.07
C VAL C 426 42.93 -23.15 -2.72
N LEU C 427 42.44 -22.18 -1.93
CA LEU C 427 42.01 -20.88 -2.49
C LEU C 427 43.20 -20.09 -3.02
N ASP C 428 44.33 -20.21 -2.35
CA ASP C 428 45.61 -19.69 -2.86
C ASP C 428 45.91 -20.32 -4.24
N ASP C 429 45.97 -21.67 -4.28
CA ASP C 429 46.09 -22.40 -5.53
C ASP C 429 45.10 -21.94 -6.62
N ALA C 430 43.91 -21.61 -6.18
CA ALA C 430 42.90 -21.09 -7.10
C ALA C 430 43.30 -19.75 -7.75
N PHE C 431 43.78 -18.83 -6.93
CA PHE C 431 44.18 -17.50 -7.44
C PHE C 431 45.33 -17.59 -8.42
N THR C 432 46.32 -18.41 -8.06
CA THR C 432 47.45 -18.65 -8.92
C THR C 432 46.95 -19.24 -10.25
N ALA C 433 46.04 -20.22 -10.16
CA ALA C 433 45.48 -20.90 -11.31
C ALA C 433 44.70 -19.96 -12.23
N VAL C 434 43.90 -19.06 -11.64
CA VAL C 434 43.16 -18.10 -12.44
C VAL C 434 44.16 -17.19 -13.14
N GLU C 435 45.14 -16.71 -12.40
CA GLU C 435 46.18 -15.82 -12.95
C GLU C 435 46.79 -16.34 -14.24
N ASN C 436 47.08 -17.64 -14.28
CA ASN C 436 47.68 -18.33 -15.42
C ASN C 436 46.65 -18.82 -16.46
N GLY C 437 45.42 -18.35 -16.38
CA GLY C 437 44.38 -18.80 -17.30
C GLY C 437 44.18 -20.31 -17.32
N GLU C 438 44.55 -21.01 -16.26
CA GLU C 438 44.40 -22.46 -16.19
C GLU C 438 42.97 -22.92 -15.86
N VAL C 439 42.02 -21.98 -15.75
CA VAL C 439 40.68 -22.34 -15.29
C VAL C 439 39.64 -21.79 -16.22
N THR C 440 38.83 -22.70 -16.74
CA THR C 440 37.70 -22.40 -17.63
C THR C 440 36.46 -23.03 -17.02
N ILE C 441 35.38 -22.26 -16.96
CA ILE C 441 34.13 -22.76 -16.40
C ILE C 441 33.55 -23.76 -17.41
N LYS D 3 -2.64 -30.97 41.39
CA LYS D 3 -2.51 -31.75 40.11
C LYS D 3 -1.78 -31.02 38.95
N LEU D 4 -1.73 -29.69 39.00
CA LEU D 4 -1.05 -28.84 38.00
C LEU D 4 0.14 -28.05 38.61
N ASP D 5 0.76 -28.59 39.65
CA ASP D 5 1.77 -27.88 40.44
C ASP D 5 2.99 -27.41 39.63
N LYS D 6 3.68 -28.41 39.05
CA LYS D 6 4.88 -28.18 38.24
C LYS D 6 4.49 -27.39 37.02
N ALA D 7 3.31 -27.69 36.48
CA ALA D 7 2.75 -26.98 35.33
C ALA D 7 2.60 -25.46 35.56
N SER D 8 1.98 -25.09 36.68
CA SER D 8 1.76 -23.68 37.03
C SER D 8 3.03 -22.94 37.42
N LYS D 9 3.94 -23.59 38.15
CA LYS D 9 5.21 -22.97 38.54
C LYS D 9 6.09 -22.63 37.33
N LEU D 10 6.06 -23.49 36.33
CA LEU D 10 6.83 -23.33 35.11
C LEU D 10 6.24 -22.21 34.23
N ILE D 11 4.92 -22.14 34.13
CA ILE D 11 4.23 -21.16 33.27
C ILE D 11 4.39 -19.73 33.81
N ASP D 12 4.38 -19.55 35.14
CA ASP D 12 4.65 -18.24 35.76
C ASP D 12 6.06 -17.72 35.39
N GLU D 13 7.02 -18.64 35.35
CA GLU D 13 8.40 -18.34 35.01
C GLU D 13 8.55 -18.08 33.49
N GLU D 14 7.77 -18.81 32.68
CA GLU D 14 7.76 -18.60 31.23
C GLU D 14 7.17 -17.24 30.85
N ASN D 15 6.06 -16.85 31.50
CA ASN D 15 5.30 -15.62 31.19
C ASN D 15 6.05 -14.31 31.39
N LYS D 16 7.21 -14.36 32.04
CA LYS D 16 8.14 -13.22 32.11
C LYS D 16 9.01 -13.05 30.86
N TYR D 17 9.17 -14.13 30.07
CA TYR D 17 10.07 -14.17 28.94
C TYR D 17 9.38 -14.38 27.63
N TYR D 18 8.32 -15.18 27.56
CA TYR D 18 7.64 -15.43 26.28
C TYR D 18 6.46 -14.46 26.05
N ALA D 19 6.51 -13.72 24.92
CA ALA D 19 5.52 -12.68 24.58
C ALA D 19 4.10 -13.26 24.63
N ARG D 20 3.18 -12.55 25.28
CA ARG D 20 1.82 -13.09 25.41
C ARG D 20 1.05 -13.22 24.09
N SER D 21 1.48 -12.45 23.08
CA SER D 21 0.93 -12.53 21.73
C SER D 21 1.28 -13.84 20.97
N ALA D 22 2.28 -14.57 21.44
CA ALA D 22 2.72 -15.84 20.85
C ALA D 22 1.90 -17.08 21.29
N ARG D 23 0.81 -16.85 22.02
CA ARG D 23 -0.03 -17.91 22.55
C ARG D 23 -1.45 -17.45 22.91
N ILE D 24 -2.42 -18.30 22.56
CA ILE D 24 -3.81 -18.20 22.98
C ILE D 24 -4.01 -19.18 24.14
N ASN D 25 -4.27 -18.64 25.34
CA ASN D 25 -4.24 -19.41 26.59
C ASN D 25 -5.53 -20.09 26.93
N TYR D 26 -5.40 -21.35 27.34
CA TYR D 26 -6.52 -22.20 27.81
C TYR D 26 -6.26 -22.81 29.20
N TYR D 27 -5.31 -23.73 29.27
CA TYR D 27 -5.06 -24.50 30.47
C TYR D 27 -3.61 -24.42 30.82
N ASN D 28 -3.31 -24.72 32.09
CA ASN D 28 -1.95 -24.86 32.59
C ASN D 28 -1.45 -26.26 32.22
N LEU D 29 -1.31 -26.48 30.91
CA LEU D 29 -0.94 -27.78 30.32
C LEU D 29 0.46 -27.71 29.75
N VAL D 30 1.39 -28.26 30.52
CA VAL D 30 2.79 -28.41 30.14
C VAL D 30 3.06 -29.87 29.81
N ILE D 31 3.15 -30.18 28.54
CA ILE D 31 3.32 -31.56 28.09
C ILE D 31 4.77 -32.01 28.19
N ASP D 32 4.99 -33.10 28.90
CA ASP D 32 6.29 -33.73 29.01
C ASP D 32 6.56 -34.66 27.81
N HIS D 33 5.61 -35.54 27.54
CA HIS D 33 5.73 -36.51 26.46
C HIS D 33 4.34 -36.93 26.04
N ALA D 34 4.26 -37.63 24.91
CA ALA D 34 2.98 -38.05 24.34
C ALA D 34 3.16 -39.18 23.34
N HIS D 35 2.06 -39.90 23.10
CA HIS D 35 2.06 -40.99 22.10
C HIS D 35 0.66 -41.24 21.55
N GLY D 36 0.54 -41.43 20.24
CA GLY D 36 -0.76 -41.51 19.59
C GLY D 36 -1.67 -40.32 19.90
N ALA D 37 -2.80 -40.61 20.50
CA ALA D 37 -3.75 -39.56 20.94
C ALA D 37 -3.69 -39.36 22.46
N THR D 38 -2.62 -39.80 23.09
CA THR D 38 -2.44 -39.65 24.55
C THR D 38 -1.37 -38.60 24.90
N LEU D 39 -1.73 -37.65 25.76
CA LEU D 39 -0.83 -36.62 26.22
C LEU D 39 -0.56 -36.87 27.67
N VAL D 40 0.65 -36.53 28.08
CA VAL D 40 1.07 -36.70 29.48
C VAL D 40 1.79 -35.45 29.94
N ASP D 41 1.23 -34.74 30.92
CA ASP D 41 1.88 -33.52 31.45
C ASP D 41 3.02 -33.90 32.39
N VAL D 42 3.81 -32.88 32.74
CA VAL D 42 4.95 -33.00 33.64
C VAL D 42 4.57 -33.43 35.06
N ASP D 43 3.27 -33.38 35.39
CA ASP D 43 2.75 -33.89 36.67
C ASP D 43 2.35 -35.37 36.69
N GLY D 44 2.31 -36.05 35.55
CA GLY D 44 1.83 -37.42 35.45
C GLY D 44 0.40 -37.57 34.94
N ASN D 45 -0.35 -36.48 34.82
CA ASN D 45 -1.72 -36.58 34.30
C ASN D 45 -1.78 -36.97 32.82
N LYS D 46 -2.73 -37.85 32.50
CA LYS D 46 -2.99 -38.29 31.10
C LYS D 46 -4.22 -37.64 30.50
N TYR D 47 -4.15 -37.35 29.19
CA TYR D 47 -5.26 -36.72 28.50
C TYR D 47 -5.39 -37.30 27.12
N ILE D 48 -6.62 -37.40 26.64
CA ILE D 48 -6.87 -37.76 25.26
C ILE D 48 -6.81 -36.47 24.44
N ASP D 49 -6.04 -36.49 23.37
CA ASP D 49 -5.88 -35.33 22.51
C ASP D 49 -7.01 -35.23 21.47
N LEU D 50 -7.80 -34.18 21.58
CA LEU D 50 -8.84 -33.83 20.55
C LEU D 50 -8.51 -32.61 19.70
N LEU D 51 -7.28 -32.14 19.84
CA LEU D 51 -6.75 -30.96 19.16
C LEU D 51 -5.64 -31.32 18.18
N ALA D 52 -4.79 -32.28 18.55
CA ALA D 52 -3.72 -32.73 17.70
C ALA D 52 -2.84 -31.55 17.26
N SER D 53 -2.48 -30.70 18.22
CA SER D 53 -1.64 -29.52 17.97
C SER D 53 -2.14 -28.72 16.77
N ALA D 54 -3.45 -28.56 16.72
CA ALA D 54 -4.12 -27.84 15.68
C ALA D 54 -4.04 -28.63 14.36
N SER D 55 -4.55 -29.86 14.37
CA SER D 55 -4.50 -30.73 13.20
C SER D 55 -3.08 -30.84 12.57
N ALA D 56 -2.06 -30.76 13.43
CA ALA D 56 -0.67 -30.91 13.01
C ALA D 56 -0.12 -32.30 13.32
N ILE D 57 -0.90 -33.13 14.00
CA ILE D 57 -0.45 -34.46 14.36
C ILE D 57 -1.46 -35.51 13.91
N ASN D 58 -1.62 -35.62 12.60
CA ASN D 58 -2.53 -36.58 12.02
C ASN D 58 -2.14 -38.02 12.28
N VAL D 59 -0.84 -38.30 12.22
CA VAL D 59 -0.34 -39.67 12.45
C VAL D 59 -0.09 -39.98 13.94
N GLY D 60 -0.61 -39.17 14.84
CA GLY D 60 -0.39 -39.37 16.27
C GLY D 60 1.00 -38.96 16.77
N HIS D 61 1.09 -38.69 18.05
CA HIS D 61 2.33 -38.27 18.66
C HIS D 61 3.35 -39.38 18.71
N THR D 62 4.62 -39.00 18.58
CA THR D 62 5.78 -39.91 18.63
C THR D 62 5.57 -41.23 17.90
N HIS D 63 5.04 -41.15 16.69
CA HIS D 63 4.83 -42.32 15.91
C HIS D 63 6.20 -42.97 15.66
N GLU D 64 6.23 -44.29 15.82
CA GLU D 64 7.46 -45.06 15.68
C GLU D 64 8.21 -44.75 14.42
N LYS D 65 7.52 -44.81 13.28
CA LYS D 65 8.08 -44.50 11.96
C LYS D 65 8.67 -43.11 11.85
N VAL D 66 7.93 -42.13 12.36
CA VAL D 66 8.28 -40.69 12.27
C VAL D 66 9.45 -40.34 13.22
N VAL D 67 9.39 -40.86 14.42
CA VAL D 67 10.47 -40.70 15.40
C VAL D 67 11.80 -41.30 14.92
N LYS D 68 11.76 -42.56 14.50
CA LYS D 68 12.94 -43.23 13.96
C LYS D 68 13.52 -42.47 12.74
N ALA D 69 12.64 -42.02 11.86
CA ALA D 69 13.09 -41.32 10.67
C ALA D 69 13.89 -40.09 11.05
N ILE D 70 13.35 -39.37 12.02
CA ILE D 70 13.99 -38.15 12.52
C ILE D 70 15.37 -38.44 13.12
N ALA D 71 15.43 -39.44 14.00
CA ALA D 71 16.68 -39.84 14.64
C ALA D 71 17.75 -40.25 13.64
N ASP D 72 17.38 -41.11 12.70
CA ASP D 72 18.35 -41.58 11.69
C ASP D 72 18.92 -40.48 10.82
N GLN D 73 18.07 -39.50 10.49
CA GLN D 73 18.45 -38.41 9.59
C GLN D 73 19.35 -37.40 10.27
N ALA D 74 19.06 -37.12 11.53
CA ALA D 74 19.86 -36.15 12.30
C ALA D 74 21.32 -36.53 12.40
N GLN D 75 21.61 -37.83 12.47
CA GLN D 75 22.99 -38.31 12.49
C GLN D 75 23.72 -38.15 11.18
N LYS D 76 23.06 -38.48 10.07
CA LYS D 76 23.69 -38.28 8.78
C LYS D 76 23.86 -36.80 8.39
N LEU D 77 22.79 -36.03 8.54
CA LEU D 77 22.81 -34.61 8.19
C LEU D 77 21.68 -33.81 8.86
N ILE D 78 21.98 -33.03 9.88
CA ILE D 78 20.93 -32.27 10.51
C ILE D 78 20.31 -31.27 9.55
N HIS D 79 21.14 -30.51 8.84
CA HIS D 79 20.64 -29.52 7.88
C HIS D 79 21.58 -29.05 6.78
N TYR D 80 21.10 -29.03 5.54
CA TYR D 80 21.82 -28.35 4.47
C TYR D 80 20.73 -27.64 3.68
N THR D 81 20.94 -26.38 3.33
CA THR D 81 19.85 -25.62 2.68
C THR D 81 19.64 -25.97 1.20
N PRO D 82 18.37 -26.32 0.83
CA PRO D 82 17.97 -26.57 -0.55
C PRO D 82 17.98 -25.34 -1.41
N ALA D 83 18.02 -24.18 -0.78
CA ALA D 83 18.13 -22.92 -1.49
C ALA D 83 19.47 -22.94 -2.24
N TYR D 84 20.50 -23.50 -1.61
CA TYR D 84 21.82 -23.62 -2.23
C TYR D 84 22.25 -25.00 -2.75
N PHE D 85 22.03 -26.05 -1.96
CA PHE D 85 22.46 -27.42 -2.29
C PHE D 85 21.39 -28.51 -2.14
N HIS D 86 21.67 -29.70 -2.66
CA HIS D 86 20.67 -30.78 -2.65
C HIS D 86 20.89 -31.89 -1.65
N HIS D 87 19.78 -32.47 -1.19
CA HIS D 87 19.83 -33.62 -0.31
C HIS D 87 18.67 -34.57 -0.63
N VAL D 88 18.94 -35.86 -0.50
CA VAL D 88 18.02 -36.94 -0.95
C VAL D 88 16.59 -36.84 -0.33
N PRO D 89 16.47 -36.79 1.02
CA PRO D 89 15.16 -36.70 1.65
C PRO D 89 14.24 -35.58 1.10
N GLY D 90 14.82 -34.46 0.68
CA GLY D 90 14.05 -33.38 0.11
C GLY D 90 13.60 -33.65 -1.31
N MET D 91 14.48 -34.27 -2.10
CA MET D 91 14.19 -34.66 -3.53
C MET D 91 13.03 -35.65 -3.67
N GLU D 92 13.01 -36.64 -2.80
CA GLU D 92 11.90 -37.57 -2.75
C GLU D 92 10.60 -36.95 -2.28
N LEU D 93 10.67 -36.08 -1.27
CA LEU D 93 9.48 -35.43 -0.75
C LEU D 93 8.82 -34.52 -1.79
N SER D 94 9.61 -33.66 -2.43
CA SER D 94 9.10 -32.72 -3.44
C SER D 94 8.49 -33.43 -4.67
N GLU D 95 9.04 -34.58 -4.99
CA GLU D 95 8.51 -35.38 -6.06
C GLU D 95 7.20 -36.10 -5.69
N LYS D 96 7.17 -36.66 -4.48
CA LYS D 96 6.03 -37.42 -4.00
C LYS D 96 4.82 -36.49 -3.86
N LEU D 97 5.00 -35.38 -3.16
CA LEU D 97 3.94 -34.39 -2.93
C LEU D 97 3.34 -33.85 -4.22
N ALA D 98 4.22 -33.62 -5.18
CA ALA D 98 3.82 -33.16 -6.50
C ALA D 98 2.82 -34.10 -7.16
N LYS D 99 2.90 -35.39 -6.84
CA LYS D 99 2.01 -36.40 -7.43
C LYS D 99 0.76 -36.76 -6.62
N ILE D 100 0.91 -36.84 -5.30
CA ILE D 100 -0.24 -37.09 -4.40
C ILE D 100 -1.18 -35.88 -4.27
N ALA D 101 -0.77 -34.71 -4.76
CA ALA D 101 -1.66 -33.54 -4.85
C ALA D 101 -2.88 -33.82 -5.75
N PRO D 102 -3.99 -33.12 -5.53
CA PRO D 102 -5.19 -33.38 -6.30
C PRO D 102 -5.03 -33.03 -7.75
N GLY D 103 -5.74 -33.72 -8.63
CA GLY D 103 -5.59 -33.52 -10.08
C GLY D 103 -4.38 -34.23 -10.67
N ASN D 104 -4.38 -34.37 -11.98
CA ASN D 104 -3.31 -35.05 -12.75
C ASN D 104 -2.45 -34.13 -13.60
N SER D 105 -2.72 -32.83 -13.59
CA SER D 105 -1.84 -31.87 -14.26
C SER D 105 -0.46 -31.94 -13.63
N PRO D 106 0.62 -31.78 -14.42
CA PRO D 106 1.99 -31.77 -13.81
C PRO D 106 2.19 -30.63 -12.80
N LYS D 107 2.87 -30.94 -11.70
CA LYS D 107 2.99 -29.99 -10.63
C LYS D 107 4.41 -29.80 -10.22
N MET D 108 4.71 -28.60 -9.73
CA MET D 108 6.01 -28.36 -9.06
C MET D 108 5.81 -27.94 -7.61
N VAL D 109 6.84 -28.18 -6.81
CA VAL D 109 6.83 -27.89 -5.38
C VAL D 109 7.91 -26.89 -4.99
N SER D 110 7.56 -26.05 -3.99
CA SER D 110 8.52 -25.17 -3.34
C SER D 110 8.33 -25.24 -1.82
N PHE D 111 9.41 -25.41 -1.07
CA PHE D 111 9.29 -25.63 0.36
C PHE D 111 9.23 -24.36 1.11
N GLY D 112 8.74 -24.44 2.33
CA GLY D 112 8.68 -23.32 3.26
C GLY D 112 8.89 -23.90 4.64
N ASN D 113 8.64 -23.14 5.67
CA ASN D 113 8.77 -23.67 7.06
C ASN D 113 7.46 -23.81 7.76
N SER D 114 6.53 -22.91 7.42
CA SER D 114 5.19 -22.90 7.99
C SER D 114 4.15 -22.58 6.94
N GLY D 115 2.91 -22.91 7.22
CA GLY D 115 1.83 -22.63 6.27
C GLY D 115 1.67 -21.16 5.90
N SER D 116 2.08 -20.29 6.82
CA SER D 116 2.09 -18.86 6.64
C SER D 116 2.91 -18.45 5.42
N ASP D 117 4.17 -18.91 5.37
CA ASP D 117 5.09 -18.52 4.29
C ASP D 117 4.70 -19.18 2.95
N ALA D 118 4.02 -20.32 3.05
CA ALA D 118 3.46 -20.98 1.89
C ALA D 118 2.35 -20.17 1.25
N ASN D 119 1.50 -19.62 2.09
CA ASN D 119 0.46 -18.73 1.61
C ASN D 119 1.02 -17.40 1.09
N ASP D 120 2.10 -16.91 1.71
CA ASP D 120 2.83 -15.78 1.13
C ASP D 120 3.32 -16.12 -0.28
N ALA D 121 3.86 -17.33 -0.45
CA ALA D 121 4.27 -17.85 -1.74
C ALA D 121 3.15 -17.85 -2.76
N ILE D 122 1.98 -18.32 -2.34
CA ILE D 122 0.85 -18.32 -3.25
C ILE D 122 0.57 -16.92 -3.86
N ILE D 123 0.66 -15.88 -3.05
CA ILE D 123 0.47 -14.53 -3.55
C ILE D 123 1.51 -14.26 -4.63
N LYS D 124 2.78 -14.60 -4.35
CA LYS D 124 3.88 -14.32 -5.24
C LYS D 124 3.68 -15.03 -6.58
N PHE D 125 3.53 -16.36 -6.53
CA PHE D 125 3.34 -17.17 -7.73
C PHE D 125 2.09 -16.74 -8.58
N ALA D 126 1.02 -16.29 -7.91
CA ALA D 126 -0.17 -15.90 -8.59
C ALA D 126 0.11 -14.61 -9.37
N ARG D 127 0.63 -13.63 -8.64
CA ARG D 127 0.95 -12.34 -9.26
C ARG D 127 1.92 -12.55 -10.39
N ALA D 128 2.98 -13.29 -10.11
CA ALA D 128 4.01 -13.55 -11.15
C ALA D 128 3.44 -14.16 -12.43
N TYR D 129 2.82 -15.30 -12.30
CA TYR D 129 2.25 -15.99 -13.45
C TYR D 129 1.20 -15.14 -14.22
N THR D 130 0.22 -14.57 -13.50
CA THR D 130 -0.84 -13.86 -14.14
C THR D 130 -0.44 -12.44 -14.54
N GLY D 131 0.62 -11.92 -13.91
CA GLY D 131 0.97 -10.49 -14.04
C GLY D 131 -0.03 -9.51 -13.39
N ARG D 132 -0.95 -10.05 -12.55
CA ARG D 132 -2.06 -9.28 -11.97
C ARG D 132 -1.69 -9.08 -10.52
N GLN D 133 -2.23 -8.04 -9.90
CA GLN D 133 -1.87 -7.76 -8.50
C GLN D 133 -2.87 -8.05 -7.42
N TYR D 134 -4.17 -7.99 -7.72
CA TYR D 134 -5.23 -8.16 -6.68
C TYR D 134 -5.41 -9.63 -6.25
N ILE D 135 -5.49 -9.84 -4.93
CA ILE D 135 -5.77 -11.16 -4.31
C ILE D 135 -7.12 -11.09 -3.59
N VAL D 136 -7.94 -12.13 -3.74
CA VAL D 136 -9.24 -12.22 -3.04
C VAL D 136 -9.17 -13.35 -2.02
N SER D 137 -9.33 -13.02 -0.74
CA SER D 137 -9.35 -14.01 0.34
C SER D 137 -10.70 -13.93 1.05
N TYR D 138 -10.96 -14.79 2.02
CA TYR D 138 -12.28 -14.81 2.67
C TYR D 138 -12.25 -14.24 4.10
N MET D 139 -13.32 -13.54 4.46
CA MET D 139 -13.58 -13.20 5.84
C MET D 139 -13.75 -14.50 6.66
N GLY D 140 -13.25 -14.52 7.88
CA GLY D 140 -13.29 -15.72 8.68
C GLY D 140 -12.21 -16.71 8.34
N SER D 141 -11.30 -16.33 7.42
CA SER D 141 -10.17 -17.17 7.09
C SER D 141 -8.97 -16.96 7.96
N TYR D 142 -8.08 -17.93 7.96
CA TYR D 142 -6.81 -17.85 8.64
C TYR D 142 -5.76 -18.47 7.77
N HIS D 143 -4.76 -17.68 7.37
CA HIS D 143 -3.71 -18.12 6.47
C HIS D 143 -2.31 -17.99 6.99
N GLY D 144 -2.11 -17.16 8.02
CA GLY D 144 -0.78 -17.08 8.64
C GLY D 144 -0.49 -15.81 9.37
N SER D 145 0.73 -15.76 9.92
CA SER D 145 1.26 -14.59 10.65
C SER D 145 2.35 -13.81 9.93
N THR D 146 2.55 -14.05 8.67
CA THR D 146 3.54 -13.31 7.90
C THR D 146 2.72 -12.29 7.14
N TYR D 147 3.29 -11.12 6.94
CA TYR D 147 2.55 -9.94 6.43
C TYR D 147 1.66 -10.25 5.22
N GLY D 148 2.12 -11.15 4.36
CA GLY D 148 1.34 -11.53 3.21
C GLY D 148 0.12 -12.32 3.63
N SER D 149 0.36 -13.41 4.35
CA SER D 149 -0.67 -14.33 4.75
C SER D 149 -1.59 -13.73 5.83
N GLN D 150 -1.02 -12.89 6.69
CA GLN D 150 -1.83 -12.14 7.64
C GLN D 150 -2.83 -11.14 7.05
N THR D 151 -2.46 -10.51 5.95
CA THR D 151 -3.35 -9.60 5.27
C THR D 151 -4.51 -10.40 4.66
N LEU D 152 -4.24 -11.59 4.13
CA LEU D 152 -5.32 -12.41 3.51
C LEU D 152 -6.28 -12.95 4.54
N SER D 153 -5.80 -13.08 5.77
CA SER D 153 -6.60 -13.58 6.86
C SER D 153 -7.73 -12.66 7.23
N GLY D 154 -8.74 -13.25 7.83
CA GLY D 154 -9.94 -12.54 8.33
C GLY D 154 -10.61 -13.14 9.56
N SER D 155 -9.87 -13.78 10.45
CA SER D 155 -10.52 -14.40 11.59
C SER D 155 -10.26 -13.78 12.94
N SER D 156 -9.47 -12.73 13.02
CA SER D 156 -9.17 -12.11 14.30
C SER D 156 -8.69 -10.70 14.07
N LEU D 157 -9.48 -9.77 14.61
CA LEU D 157 -9.16 -8.34 14.57
C LEU D 157 -7.80 -8.02 15.16
N ASN D 158 -7.30 -8.86 16.06
CA ASN D 158 -5.96 -8.70 16.60
C ASN D 158 -4.81 -8.95 15.64
N MET D 159 -5.15 -9.52 14.47
CA MET D 159 -4.21 -9.74 13.38
C MET D 159 -4.05 -8.47 12.46
N THR D 160 -4.92 -7.49 12.63
CA THR D 160 -4.83 -6.28 11.85
C THR D 160 -4.37 -5.09 12.70
N ARG D 161 -4.81 -5.07 13.96
CA ARG D 161 -4.59 -3.95 14.89
C ARG D 161 -3.14 -3.60 15.09
N LYS D 162 -2.89 -2.32 15.14
CA LYS D 162 -1.62 -1.76 15.57
C LYS D 162 -0.41 -2.15 14.75
N ILE D 163 -0.58 -2.79 13.60
CA ILE D 163 0.56 -3.27 12.78
C ILE D 163 0.51 -2.92 11.28
N GLY D 164 -0.41 -2.06 10.89
CA GLY D 164 -0.67 -1.78 9.50
C GLY D 164 0.20 -0.63 9.12
N PRO D 165 0.17 -0.22 7.84
CA PRO D 165 -0.65 -0.81 6.78
C PRO D 165 -0.27 -2.25 6.38
N MET D 166 -1.27 -3.01 5.95
CA MET D 166 -1.09 -4.36 5.49
C MET D 166 -0.65 -4.43 4.00
N LEU D 167 -0.55 -5.65 3.46
CA LEU D 167 -0.23 -5.80 2.08
C LEU D 167 -1.30 -5.19 1.15
N PRO D 168 -0.89 -4.39 0.20
CA PRO D 168 -1.91 -3.81 -0.69
C PRO D 168 -2.52 -4.79 -1.69
N SER D 169 -3.61 -4.33 -2.29
CA SER D 169 -4.33 -5.07 -3.32
C SER D 169 -4.94 -6.42 -2.86
N VAL D 170 -5.63 -6.37 -1.73
CA VAL D 170 -6.29 -7.52 -1.18
C VAL D 170 -7.74 -7.15 -0.92
N VAL D 171 -8.66 -8.01 -1.37
CA VAL D 171 -10.08 -7.84 -1.17
C VAL D 171 -10.67 -9.08 -0.47
N HIS D 172 -11.50 -8.81 0.55
CA HIS D 172 -12.09 -9.82 1.40
C HIS D 172 -13.56 -9.96 1.04
N VAL D 173 -13.96 -11.22 0.85
CA VAL D 173 -15.32 -11.56 0.49
C VAL D 173 -15.84 -12.46 1.59
N PRO D 174 -17.17 -12.46 1.79
CA PRO D 174 -17.75 -13.31 2.84
C PRO D 174 -17.73 -14.78 2.48
N TYR D 175 -17.62 -15.64 3.50
CA TYR D 175 -17.61 -17.07 3.32
C TYR D 175 -19.00 -17.63 3.64
N PRO D 176 -19.50 -18.56 2.81
CA PRO D 176 -20.82 -19.06 3.02
C PRO D 176 -21.02 -19.72 4.39
N ASP D 177 -22.01 -19.21 5.11
CA ASP D 177 -22.43 -19.64 6.45
C ASP D 177 -23.75 -20.40 6.29
N SER D 178 -23.67 -21.72 6.38
CA SER D 178 -24.86 -22.55 6.33
C SER D 178 -25.76 -22.51 7.57
N TYR D 179 -25.14 -22.52 8.75
CA TYR D 179 -25.91 -22.53 9.99
C TYR D 179 -26.75 -21.30 10.30
N ARG D 180 -26.19 -20.12 10.19
CA ARG D 180 -26.95 -18.93 10.47
C ARG D 180 -27.34 -18.35 9.15
N THR D 181 -28.57 -18.61 8.77
CA THR D 181 -29.11 -18.12 7.50
C THR D 181 -30.30 -17.22 7.75
N TYR D 182 -30.95 -16.80 6.68
CA TYR D 182 -32.22 -16.06 6.75
C TYR D 182 -33.38 -17.07 6.79
N PRO D 183 -34.58 -16.66 7.29
CA PRO D 183 -35.73 -17.57 7.38
C PRO D 183 -36.09 -18.26 6.04
N GLY D 184 -36.20 -19.58 6.10
CA GLY D 184 -36.56 -20.38 4.93
C GLY D 184 -35.53 -20.50 3.81
N GLU D 185 -34.25 -20.33 4.13
CA GLU D 185 -33.21 -20.54 3.13
C GLU D 185 -32.75 -21.99 3.03
N THR D 186 -32.61 -22.43 1.80
CA THR D 186 -32.09 -23.72 1.49
C THR D 186 -30.60 -23.55 1.21
N GLU D 187 -29.86 -24.66 1.17
CA GLU D 187 -28.46 -24.63 0.78
C GLU D 187 -28.32 -23.92 -0.58
N HIS D 188 -29.29 -24.11 -1.47
CA HIS D 188 -29.25 -23.51 -2.80
C HIS D 188 -29.27 -21.96 -2.72
N ASP D 189 -30.13 -21.43 -1.83
CA ASP D 189 -30.22 -19.98 -1.57
C ASP D 189 -28.92 -19.39 -0.96
N VAL D 190 -28.34 -20.11 -0.01
CA VAL D 190 -27.07 -19.76 0.59
C VAL D 190 -25.99 -19.70 -0.46
N SER D 191 -25.87 -20.76 -1.24
CA SER D 191 -24.93 -20.75 -2.31
C SER D 191 -25.12 -19.56 -3.23
N LEU D 192 -26.34 -19.29 -3.67
CA LEU D 192 -26.57 -18.16 -4.60
C LEU D 192 -26.38 -16.78 -3.99
N ARG D 193 -26.80 -16.62 -2.75
CA ARG D 193 -26.58 -15.39 -2.03
C ARG D 193 -25.09 -15.10 -1.89
N TYR D 194 -24.33 -16.07 -1.39
CA TYR D 194 -22.88 -15.83 -1.14
C TYR D 194 -22.05 -15.67 -2.39
N PHE D 195 -22.43 -16.39 -3.45
CA PHE D 195 -21.83 -16.16 -4.78
C PHE D 195 -22.24 -14.82 -5.38
N ASN D 196 -23.39 -14.32 -4.93
CA ASN D 196 -23.85 -12.98 -5.28
C ASN D 196 -23.02 -11.85 -4.57
N GLU D 197 -22.68 -12.04 -3.29
CA GLU D 197 -21.74 -11.14 -2.58
C GLU D 197 -20.33 -11.17 -3.17
N PHE D 198 -19.89 -12.38 -3.51
CA PHE D 198 -18.63 -12.61 -4.19
C PHE D 198 -18.49 -11.80 -5.48
N LYS D 199 -19.59 -11.61 -6.21
CA LYS D 199 -19.51 -10.91 -7.49
C LYS D 199 -19.47 -9.40 -7.31
N LYS D 200 -20.20 -8.90 -6.33
CA LYS D 200 -20.35 -7.46 -6.18
C LYS D 200 -19.04 -6.67 -6.38
N PRO D 201 -17.94 -7.10 -5.74
CA PRO D 201 -16.73 -6.34 -5.91
C PRO D 201 -16.26 -6.36 -7.36
N PHE D 202 -16.34 -7.49 -8.04
CA PHE D 202 -15.96 -7.59 -9.45
C PHE D 202 -16.88 -6.79 -10.37
N GLU D 203 -18.06 -6.46 -9.86
CA GLU D 203 -19.01 -5.66 -10.61
C GLU D 203 -18.94 -4.17 -10.25
N SER D 204 -18.08 -3.82 -9.30
CA SER D 204 -17.94 -2.42 -8.91
C SER D 204 -16.51 -1.85 -9.00
N PHE D 205 -15.63 -2.27 -8.10
CA PHE D 205 -14.27 -1.74 -8.07
C PHE D 205 -13.12 -2.72 -8.34
N LEU D 206 -13.40 -4.01 -8.32
CA LEU D 206 -12.36 -5.00 -8.52
C LEU D 206 -12.43 -5.60 -9.93
N PRO D 207 -11.47 -5.30 -10.77
CA PRO D 207 -11.48 -5.90 -12.08
C PRO D 207 -11.05 -7.41 -12.05
N ALA D 208 -11.94 -8.26 -12.50
CA ALA D 208 -11.61 -9.65 -12.71
C ALA D 208 -10.33 -9.85 -13.49
N ASP D 209 -10.15 -9.08 -14.55
CA ASP D 209 -8.95 -9.15 -15.41
C ASP D 209 -7.67 -8.76 -14.70
N GLU D 210 -7.77 -8.09 -13.55
CA GLU D 210 -6.63 -7.79 -12.73
C GLU D 210 -6.56 -8.52 -11.41
N THR D 211 -7.38 -9.55 -11.26
CA THR D 211 -7.33 -10.43 -10.10
C THR D 211 -6.48 -11.67 -10.37
N ALA D 212 -5.34 -11.74 -9.68
CA ALA D 212 -4.37 -12.85 -9.78
C ALA D 212 -4.90 -14.17 -9.29
N CYS D 213 -5.59 -14.14 -8.16
CA CYS D 213 -6.19 -15.35 -7.64
C CYS D 213 -7.20 -15.16 -6.52
N VAL D 214 -7.84 -16.28 -6.18
CA VAL D 214 -8.72 -16.37 -5.06
C VAL D 214 -8.18 -17.50 -4.23
N LEU D 215 -7.86 -17.22 -2.98
CA LEU D 215 -7.42 -18.18 -1.99
C LEU D 215 -8.62 -18.46 -1.12
N ILE D 216 -8.87 -19.75 -0.91
CA ILE D 216 -10.00 -20.21 -0.10
C ILE D 216 -9.66 -21.50 0.64
N GLU D 217 -10.17 -21.63 1.86
CA GLU D 217 -10.04 -22.88 2.57
C GLU D 217 -11.26 -23.71 2.16
N PRO D 218 -11.07 -24.90 1.56
CA PRO D 218 -12.22 -25.74 1.20
C PRO D 218 -13.22 -25.90 2.38
N ILE D 219 -12.68 -26.04 3.59
CA ILE D 219 -13.42 -25.97 4.83
C ILE D 219 -12.66 -25.02 5.76
N GLN D 220 -13.30 -23.93 6.21
CA GLN D 220 -12.63 -22.94 7.06
C GLN D 220 -12.41 -23.56 8.38
N GLY D 221 -11.15 -23.57 8.83
CA GLY D 221 -10.79 -24.16 10.13
C GLY D 221 -11.12 -23.22 11.25
N ASP D 222 -10.50 -22.05 11.22
CA ASP D 222 -10.63 -21.07 12.30
C ASP D 222 -12.04 -20.47 12.36
N GLY D 223 -12.69 -20.40 11.19
CA GLY D 223 -14.07 -19.92 11.08
C GLY D 223 -15.05 -20.76 11.89
N GLY D 224 -14.73 -22.05 12.06
CA GLY D 224 -15.51 -22.97 12.92
C GLY D 224 -15.87 -24.29 12.28
N ILE D 225 -14.96 -24.80 11.47
CA ILE D 225 -15.18 -25.99 10.69
C ILE D 225 -16.40 -25.77 9.82
N ILE D 226 -16.29 -24.79 8.91
CA ILE D 226 -17.40 -24.39 8.03
C ILE D 226 -17.07 -24.87 6.63
N LYS D 227 -17.89 -25.72 6.06
CA LYS D 227 -17.68 -26.18 4.71
C LYS D 227 -18.60 -25.44 3.83
N ALA D 228 -18.08 -25.02 2.69
CA ALA D 228 -18.84 -24.26 1.73
C ALA D 228 -19.66 -25.21 0.87
N PRO D 229 -20.87 -24.80 0.53
CA PRO D 229 -21.69 -25.66 -0.28
C PRO D 229 -20.98 -26.11 -1.56
N GLU D 230 -21.15 -27.36 -1.94
CA GLU D 230 -20.70 -27.84 -3.26
C GLU D 230 -21.03 -26.85 -4.40
N GLU D 231 -22.25 -26.34 -4.41
CA GLU D 231 -22.71 -25.47 -5.49
C GLU D 231 -21.97 -24.15 -5.53
N TYR D 232 -21.73 -23.63 -4.33
CA TYR D 232 -21.00 -22.40 -4.18
C TYR D 232 -19.60 -22.56 -4.81
N MET D 233 -18.86 -23.53 -4.28
CA MET D 233 -17.49 -23.73 -4.70
C MET D 233 -17.40 -23.76 -6.24
N GLN D 234 -18.20 -24.63 -6.84
CA GLN D 234 -18.27 -24.77 -8.31
C GLN D 234 -18.49 -23.44 -9.02
N LEU D 235 -19.46 -22.66 -8.54
CA LEU D 235 -19.69 -21.29 -9.07
C LEU D 235 -18.42 -20.40 -9.02
N VAL D 236 -17.72 -20.46 -7.90
CA VAL D 236 -16.46 -19.73 -7.72
C VAL D 236 -15.34 -20.22 -8.64
N TYR D 237 -15.14 -21.52 -8.63
CA TYR D 237 -14.12 -22.16 -9.45
C TYR D 237 -14.37 -21.86 -10.91
N LYS D 238 -15.60 -22.03 -11.36
CA LYS D 238 -15.95 -21.77 -12.76
C LYS D 238 -15.68 -20.30 -13.13
N PHE D 239 -16.08 -19.39 -12.25
CA PHE D 239 -15.86 -17.95 -12.44
C PHE D 239 -14.38 -17.62 -12.63
N CYS D 240 -13.54 -18.24 -11.81
CA CYS D 240 -12.12 -18.04 -11.86
C CYS D 240 -11.50 -18.42 -13.20
N HIS D 241 -11.90 -19.57 -13.70
CA HIS D 241 -11.43 -20.02 -14.98
C HIS D 241 -11.89 -19.16 -16.15
N GLU D 242 -13.10 -18.66 -16.07
CA GLU D 242 -13.63 -17.80 -17.11
C GLU D 242 -12.99 -16.42 -17.12
N HIS D 243 -12.28 -16.06 -16.08
CA HIS D 243 -11.67 -14.76 -16.00
C HIS D 243 -10.13 -14.79 -15.88
N GLY D 244 -9.53 -15.98 -15.97
CA GLY D 244 -8.10 -16.11 -15.92
C GLY D 244 -7.56 -15.98 -14.54
N ILE D 245 -8.44 -16.08 -13.53
CA ILE D 245 -8.11 -15.93 -12.10
C ILE D 245 -7.69 -17.28 -11.56
N LEU D 246 -6.49 -17.39 -11.05
CA LEU D 246 -6.07 -18.65 -10.45
C LEU D 246 -6.93 -19.00 -9.25
N PHE D 247 -7.05 -20.30 -9.01
CA PHE D 247 -7.94 -20.83 -8.01
C PHE D 247 -7.00 -21.50 -7.04
N ALA D 248 -6.90 -20.94 -5.83
CA ALA D 248 -5.96 -21.43 -4.84
C ALA D 248 -6.71 -21.92 -3.63
N ILE D 249 -6.12 -22.91 -2.95
CA ILE D 249 -6.73 -23.52 -1.81
C ILE D 249 -5.71 -23.59 -0.71
N ASP D 250 -6.20 -23.52 0.52
CA ASP D 250 -5.37 -23.59 1.66
C ASP D 250 -5.68 -24.90 2.31
N GLU D 251 -4.79 -25.88 2.11
CA GLU D 251 -4.92 -27.22 2.71
C GLU D 251 -4.11 -27.41 3.99
N VAL D 252 -3.51 -26.34 4.48
CA VAL D 252 -2.65 -26.39 5.67
C VAL D 252 -3.32 -27.07 6.86
N ASN D 253 -4.60 -26.82 7.06
CA ASN D 253 -5.33 -27.30 8.21
C ASN D 253 -6.19 -28.53 7.94
N GLN D 254 -6.87 -28.54 6.79
CA GLN D 254 -7.88 -29.54 6.44
C GLN D 254 -7.34 -30.61 5.48
N GLY D 255 -6.05 -30.58 5.19
CA GLY D 255 -5.46 -31.52 4.24
C GLY D 255 -4.98 -32.78 4.89
N LEU D 256 -4.20 -33.56 4.14
CA LEU D 256 -3.58 -34.79 4.67
C LEU D 256 -4.54 -35.76 5.43
N GLY D 257 -5.75 -35.93 4.87
CA GLY D 257 -6.67 -36.91 5.40
C GLY D 257 -7.57 -36.44 6.52
N ARG D 258 -7.30 -35.25 7.05
CA ARG D 258 -8.11 -34.67 8.13
C ARG D 258 -9.62 -34.83 7.88
N THR D 259 -10.05 -34.64 6.64
CA THR D 259 -11.48 -34.62 6.34
C THR D 259 -12.08 -35.97 5.89
N GLY D 260 -11.26 -37.02 5.85
CA GLY D 260 -11.70 -38.30 5.34
C GLY D 260 -11.45 -38.50 3.86
N LYS D 261 -10.70 -37.59 3.27
CA LYS D 261 -10.21 -37.75 1.92
C LYS D 261 -8.86 -37.13 2.00
N MET D 262 -8.01 -37.32 1.01
CA MET D 262 -6.64 -36.84 1.14
C MET D 262 -6.60 -35.32 1.36
N TRP D 263 -7.37 -34.62 0.52
CA TRP D 263 -7.42 -33.17 0.55
C TRP D 263 -8.88 -32.69 0.72
N ALA D 264 -9.06 -31.69 1.58
CA ALA D 264 -10.37 -31.09 1.75
C ALA D 264 -10.98 -30.65 0.41
N ILE D 265 -10.18 -30.19 -0.53
CA ILE D 265 -10.75 -29.83 -1.83
C ILE D 265 -11.44 -31.03 -2.54
N GLN D 266 -10.92 -32.23 -2.31
CA GLN D 266 -11.50 -33.44 -2.91
C GLN D 266 -12.89 -33.82 -2.38
N GLN D 267 -13.32 -33.13 -1.33
CA GLN D 267 -14.69 -33.22 -0.87
C GLN D 267 -15.65 -32.60 -1.88
N PHE D 268 -15.11 -31.94 -2.89
CA PHE D 268 -15.92 -31.34 -3.94
C PHE D 268 -15.59 -32.08 -5.21
N LYS D 269 -16.42 -31.88 -6.22
CA LYS D 269 -16.33 -32.62 -7.48
C LYS D 269 -15.44 -31.98 -8.56
N ASP D 270 -14.46 -32.75 -9.02
CA ASP D 270 -13.61 -32.40 -10.14
C ASP D 270 -13.05 -31.00 -10.07
N ILE D 271 -12.36 -30.75 -8.96
CA ILE D 271 -11.75 -29.47 -8.74
C ILE D 271 -10.27 -29.65 -8.51
N GLU D 272 -9.47 -29.10 -9.41
CA GLU D 272 -8.02 -29.11 -9.29
C GLU D 272 -7.55 -27.68 -9.12
N PRO D 273 -6.89 -27.36 -8.02
CA PRO D 273 -6.39 -26.02 -7.82
C PRO D 273 -5.12 -25.71 -8.61
N ASP D 274 -4.97 -24.45 -9.00
CA ASP D 274 -3.76 -23.98 -9.65
C ASP D 274 -2.59 -23.90 -8.67
N LEU D 275 -2.92 -23.65 -7.39
CA LEU D 275 -1.98 -23.52 -6.28
C LEU D 275 -2.60 -24.02 -5.03
N MET D 276 -1.81 -24.66 -4.19
CA MET D 276 -2.29 -25.14 -2.90
C MET D 276 -1.21 -25.05 -1.83
N SER D 277 -1.59 -24.64 -0.63
CA SER D 277 -0.63 -24.57 0.48
C SER D 277 -0.79 -25.79 1.36
N VAL D 278 0.34 -26.29 1.84
CA VAL D 278 0.38 -27.48 2.71
C VAL D 278 1.27 -27.15 3.90
N GLY D 279 0.91 -27.64 5.08
CA GLY D 279 1.68 -27.33 6.26
C GLY D 279 1.29 -28.20 7.43
N LYS D 280 1.65 -27.78 8.65
CA LYS D 280 1.22 -28.49 9.84
C LYS D 280 1.65 -29.94 9.97
N SER D 281 0.69 -30.83 9.72
CA SER D 281 0.81 -32.28 9.83
C SER D 281 1.70 -32.99 8.80
N LEU D 282 2.17 -32.27 7.79
CA LEU D 282 2.99 -32.84 6.74
C LEU D 282 4.26 -33.51 7.30
N ALA D 283 4.89 -32.90 8.29
CA ALA D 283 6.07 -33.45 8.94
C ALA D 283 5.77 -33.88 10.38
N SER D 284 4.51 -34.15 10.70
CA SER D 284 4.13 -34.50 12.08
C SER D 284 4.39 -33.39 13.13
N GLY D 285 4.38 -32.15 12.69
CA GLY D 285 4.59 -31.01 13.59
C GLY D 285 5.98 -30.38 13.52
N MET D 286 6.93 -31.05 12.87
CA MET D 286 8.18 -30.44 12.52
C MET D 286 7.90 -29.27 11.55
N PRO D 287 8.69 -28.19 11.62
CA PRO D 287 8.53 -27.05 10.72
C PRO D 287 8.83 -27.37 9.24
N LEU D 288 7.79 -27.58 8.45
CA LEU D 288 7.95 -27.79 7.02
C LEU D 288 6.66 -27.49 6.33
N SER D 289 6.72 -26.75 5.26
CA SER D 289 5.51 -26.47 4.51
C SER D 289 5.84 -26.54 3.06
N ALA D 290 4.79 -26.42 2.24
CA ALA D 290 5.01 -26.37 0.82
C ALA D 290 3.90 -25.72 0.09
N VAL D 291 4.23 -25.16 -1.07
CA VAL D 291 3.25 -24.68 -2.01
C VAL D 291 3.39 -25.61 -3.21
N ILE D 292 2.27 -26.23 -3.61
CA ILE D 292 2.21 -27.09 -4.79
C ILE D 292 1.30 -26.47 -5.85
N GLY D 293 1.84 -26.29 -7.06
CA GLY D 293 1.07 -25.70 -8.16
C GLY D 293 1.35 -26.37 -9.48
N LYS D 294 0.51 -26.06 -10.45
CA LYS D 294 0.64 -26.53 -11.81
C LYS D 294 1.94 -26.02 -12.33
N LYS D 295 2.76 -26.90 -12.92
CA LYS D 295 4.11 -26.55 -13.39
C LYS D 295 4.23 -25.16 -14.03
N GLU D 296 3.34 -24.82 -14.95
CA GLU D 296 3.45 -23.51 -15.66
C GLU D 296 3.35 -22.31 -14.70
N VAL D 297 2.64 -22.51 -13.60
CA VAL D 297 2.47 -21.49 -12.59
C VAL D 297 3.71 -21.36 -11.77
N MET D 298 4.33 -22.47 -11.41
CA MET D 298 5.53 -22.48 -10.55
C MET D 298 6.83 -22.07 -11.25
N GLN D 299 6.91 -22.27 -12.55
CA GLN D 299 8.05 -21.81 -13.33
C GLN D 299 8.05 -20.30 -13.60
N SER D 300 6.98 -19.59 -13.23
CA SER D 300 6.93 -18.13 -13.40
C SER D 300 7.84 -17.27 -12.49
N LEU D 301 8.57 -17.88 -11.56
CA LEU D 301 9.49 -17.15 -10.70
C LEU D 301 10.95 -17.58 -10.85
N ASP D 302 11.84 -16.58 -10.73
CA ASP D 302 13.29 -16.75 -10.78
C ASP D 302 13.86 -16.62 -9.38
N ALA D 303 15.02 -17.20 -9.14
CA ALA D 303 15.67 -17.13 -7.84
C ALA D 303 16.21 -15.73 -7.54
N PRO D 304 16.40 -15.41 -6.26
CA PRO D 304 15.69 -16.04 -5.16
C PRO D 304 14.42 -15.28 -4.77
N ALA D 305 13.40 -15.29 -5.61
CA ALA D 305 12.18 -14.56 -5.30
C ALA D 305 11.53 -15.12 -4.05
N HIS D 306 11.61 -16.43 -3.89
CA HIS D 306 10.99 -17.14 -2.77
C HIS D 306 11.82 -18.38 -2.28
N LEU D 307 12.39 -18.27 -1.08
CA LEU D 307 13.17 -19.36 -0.45
C LEU D 307 13.53 -19.04 1.03
N PHE D 308 13.98 -20.08 1.75
CA PHE D 308 14.26 -19.98 3.18
C PHE D 308 15.43 -20.89 3.50
N THR D 309 16.23 -20.48 4.48
CA THR D 309 17.44 -21.21 4.84
C THR D 309 17.12 -22.59 5.40
N THR D 310 16.29 -22.63 6.42
CA THR D 310 15.92 -23.88 7.10
C THR D 310 14.79 -24.65 6.37
N ALA D 311 14.13 -24.01 5.39
CA ALA D 311 13.08 -24.67 4.60
C ALA D 311 13.61 -25.84 3.79
N GLY D 312 12.86 -26.93 3.81
CA GLY D 312 13.29 -28.14 3.12
C GLY D 312 14.42 -28.79 3.88
N ASN D 313 14.34 -28.67 5.19
CA ASN D 313 15.33 -29.24 6.07
C ASN D 313 15.28 -30.77 5.91
N PRO D 314 16.46 -31.46 5.80
CA PRO D 314 16.55 -32.91 5.63
C PRO D 314 15.89 -33.74 6.75
N VAL D 315 16.07 -33.33 7.99
CA VAL D 315 15.39 -33.98 9.11
C VAL D 315 13.85 -33.83 9.01
N CYS D 316 13.37 -32.63 8.71
CA CYS D 316 11.94 -32.40 8.58
C CYS D 316 11.42 -33.03 7.29
N SER D 317 12.29 -33.26 6.31
CA SER D 317 11.88 -33.92 5.06
C SER D 317 11.68 -35.41 5.28
N ALA D 318 12.56 -36.00 6.06
CA ALA D 318 12.48 -37.41 6.42
C ALA D 318 11.26 -37.69 7.22
N ALA D 319 11.02 -36.81 8.19
CA ALA D 319 9.86 -36.93 9.04
C ALA D 319 8.58 -36.91 8.22
N SER D 320 8.55 -36.10 7.17
CA SER D 320 7.40 -35.99 6.31
C SER D 320 7.21 -37.27 5.49
N LEU D 321 8.29 -37.74 4.83
CA LEU D 321 8.23 -39.02 4.07
C LEU D 321 7.64 -40.14 4.91
N ALA D 322 8.04 -40.23 6.16
CA ALA D 322 7.52 -41.21 7.08
C ALA D 322 6.07 -40.95 7.46
N THR D 323 5.75 -39.67 7.63
CA THR D 323 4.38 -39.28 7.93
C THR D 323 3.43 -39.72 6.81
N LEU D 324 3.77 -39.41 5.58
CA LEU D 324 2.97 -39.85 4.42
C LEU D 324 2.87 -41.38 4.27
N ASP D 325 3.94 -42.07 4.59
CA ASP D 325 3.90 -43.51 4.66
C ASP D 325 2.89 -44.04 5.66
N VAL D 326 2.81 -43.43 6.84
CA VAL D 326 1.83 -43.82 7.83
C VAL D 326 0.37 -43.62 7.33
N ILE D 327 0.09 -42.42 6.83
CA ILE D 327 -1.24 -42.11 6.26
C ILE D 327 -1.68 -43.20 5.27
N GLU D 328 -0.72 -43.59 4.40
CA GLU D 328 -0.95 -44.63 3.41
C GLU D 328 -1.01 -46.03 4.02
N TYR D 329 0.05 -46.45 4.71
CA TYR D 329 0.15 -47.82 5.26
C TYR D 329 -0.94 -48.14 6.29
N GLU D 330 -1.18 -47.17 7.21
CA GLU D 330 -2.23 -47.31 8.26
C GLU D 330 -3.66 -46.96 7.78
N GLY D 331 -3.83 -46.69 6.47
CA GLY D 331 -5.11 -46.29 5.88
C GLY D 331 -5.85 -45.13 6.58
N LEU D 332 -5.14 -44.08 6.99
CA LEU D 332 -5.68 -43.01 7.83
C LEU D 332 -6.67 -42.11 7.12
N VAL D 333 -6.56 -41.98 5.79
CA VAL D 333 -7.59 -41.25 5.08
C VAL D 333 -8.96 -41.89 5.25
N GLU D 334 -9.01 -43.21 4.98
CA GLU D 334 -10.25 -44.04 5.12
C GLU D 334 -10.70 -44.10 6.58
N LYS D 335 -9.74 -44.19 7.48
CA LYS D 335 -10.04 -44.28 8.92
C LYS D 335 -10.75 -43.01 9.39
N SER D 336 -10.21 -41.89 8.94
CA SER D 336 -10.79 -40.57 9.21
C SER D 336 -12.21 -40.44 8.65
N ALA D 337 -12.43 -40.92 7.43
CA ALA D 337 -13.76 -40.88 6.79
C ALA D 337 -14.78 -41.67 7.57
N THR D 338 -14.37 -42.86 8.02
CA THR D 338 -15.22 -43.78 8.81
C THR D 338 -15.51 -43.31 10.24
N ASP D 339 -14.46 -43.16 11.06
CA ASP D 339 -14.62 -42.63 12.42
C ASP D 339 -15.27 -41.27 12.38
N GLY D 340 -15.12 -40.53 11.28
CA GLY D 340 -15.79 -39.25 11.14
C GLY D 340 -17.29 -39.36 10.98
N ALA D 341 -17.68 -40.27 10.09
CA ALA D 341 -19.08 -40.65 9.86
C ALA D 341 -19.71 -41.14 11.15
N TYR D 342 -18.95 -41.97 11.85
CA TYR D 342 -19.37 -42.47 13.14
C TYR D 342 -19.43 -41.37 14.17
N ALA D 343 -18.37 -40.58 14.27
CA ALA D 343 -18.33 -39.43 15.21
C ALA D 343 -19.50 -38.45 15.03
N LYS D 344 -19.81 -38.17 13.78
CA LYS D 344 -20.90 -37.27 13.42
C LYS D 344 -22.26 -37.78 13.91
N GLN D 345 -22.52 -39.06 13.67
CA GLN D 345 -23.74 -39.64 14.16
C GLN D 345 -23.82 -39.66 15.66
N ARG D 346 -22.69 -39.87 16.34
CA ARG D 346 -22.69 -39.85 17.79
C ARG D 346 -23.06 -38.46 18.28
N PHE D 347 -22.52 -37.46 17.63
CA PHE D 347 -22.75 -36.06 18.00
C PHE D 347 -24.15 -35.62 17.62
N LEU D 348 -24.63 -36.07 16.44
CA LEU D 348 -26.04 -35.84 16.03
C LEU D 348 -27.03 -36.36 17.09
N GLU D 349 -26.68 -37.52 17.64
CA GLU D 349 -27.42 -38.21 18.70
C GLU D 349 -27.35 -37.39 20.02
N MET D 350 -26.15 -36.93 20.37
CA MET D 350 -25.99 -36.00 21.49
C MET D 350 -26.81 -34.72 21.30
N GLN D 351 -26.92 -34.25 20.05
CA GLN D 351 -27.71 -33.04 19.72
C GLN D 351 -29.20 -33.17 20.01
N GLN D 352 -29.80 -34.27 19.57
CA GLN D 352 -31.20 -34.57 19.88
C GLN D 352 -31.48 -34.58 21.38
N ARG D 353 -30.55 -35.09 22.18
CA ARG D 353 -30.70 -35.15 23.64
C ARG D 353 -30.28 -33.86 24.29
N HIS D 354 -29.31 -33.15 23.67
CA HIS D 354 -28.79 -31.85 24.17
C HIS D 354 -29.07 -30.72 23.18
N PRO D 355 -30.12 -29.91 23.41
CA PRO D 355 -30.48 -28.84 22.46
C PRO D 355 -29.59 -27.58 22.51
N MET D 356 -28.70 -27.48 23.51
CA MET D 356 -27.60 -26.50 23.51
C MET D 356 -26.58 -26.70 22.35
N ILE D 357 -26.66 -27.84 21.67
CA ILE D 357 -25.88 -28.09 20.48
C ILE D 357 -26.69 -27.57 19.29
N GLY D 358 -26.50 -26.30 18.97
CA GLY D 358 -27.14 -25.74 17.80
C GLY D 358 -26.82 -26.37 16.46
N ASP D 359 -25.57 -26.65 16.18
CA ASP D 359 -25.19 -27.21 14.87
C ASP D 359 -24.01 -28.19 15.02
N VAL D 360 -24.09 -29.28 14.28
CA VAL D 360 -23.06 -30.32 14.28
C VAL D 360 -22.45 -30.33 12.87
N ARG D 361 -21.25 -29.80 12.76
CA ARG D 361 -20.55 -29.76 11.47
C ARG D 361 -19.43 -30.75 11.56
N MET D 362 -19.41 -31.73 10.66
CA MET D 362 -18.42 -32.79 10.68
C MET D 362 -18.12 -33.38 9.31
N TRP D 363 -16.83 -33.52 9.00
CA TRP D 363 -16.38 -34.14 7.79
C TRP D 363 -15.10 -34.88 8.09
N GLY D 364 -15.18 -36.20 8.13
CA GLY D 364 -14.05 -37.04 8.51
C GLY D 364 -13.84 -36.87 10.02
N LEU D 365 -12.64 -37.13 10.54
CA LEU D 365 -12.40 -36.91 11.98
C LEU D 365 -11.96 -35.46 12.30
N ASN D 366 -12.81 -34.51 11.93
CA ASN D 366 -12.63 -33.11 12.09
C ASN D 366 -14.06 -32.59 12.11
N GLY D 367 -14.37 -31.81 13.13
CA GLY D 367 -15.68 -31.23 13.29
C GLY D 367 -15.78 -30.05 14.24
N GLY D 368 -16.82 -29.25 14.00
CA GLY D 368 -17.16 -28.16 14.93
C GLY D 368 -18.52 -28.43 15.54
N ILE D 369 -18.58 -28.24 16.87
CA ILE D 369 -19.79 -28.50 17.59
C ILE D 369 -20.22 -27.20 18.21
N GLU D 370 -21.07 -26.48 17.48
CA GLU D 370 -21.46 -25.11 17.86
C GLU D 370 -22.54 -25.03 18.92
N LEU D 371 -22.23 -24.35 20.02
CA LEU D 371 -23.21 -24.20 21.10
C LEU D 371 -23.98 -22.88 21.06
N VAL D 372 -25.26 -22.96 21.45
CA VAL D 372 -26.17 -21.82 21.45
C VAL D 372 -27.08 -21.78 22.70
N LYS D 373 -27.56 -20.58 23.00
CA LYS D 373 -28.51 -20.31 24.07
C LYS D 373 -29.92 -20.78 23.74
N ASP D 374 -30.27 -20.75 22.46
CA ASP D 374 -31.59 -21.16 22.00
C ASP D 374 -31.49 -21.60 20.53
N PRO D 375 -32.16 -22.70 20.19
CA PRO D 375 -32.13 -23.20 18.82
C PRO D 375 -32.75 -22.25 17.77
N LYS D 376 -33.88 -21.62 18.08
CA LYS D 376 -34.49 -20.70 17.11
C LYS D 376 -33.64 -19.46 16.85
N THR D 377 -33.15 -18.84 17.92
CA THR D 377 -32.31 -17.65 17.81
C THR D 377 -30.92 -17.93 17.24
N LYS D 378 -30.37 -19.05 17.68
CA LYS D 378 -29.02 -19.48 17.33
C LYS D 378 -27.97 -18.54 17.93
N GLU D 379 -28.30 -17.90 19.05
CA GLU D 379 -27.40 -16.95 19.70
C GLU D 379 -26.17 -17.67 20.27
N PRO D 380 -24.94 -17.13 20.04
CA PRO D 380 -23.74 -17.84 20.52
C PRO D 380 -23.69 -17.97 22.02
N ASP D 381 -23.35 -19.17 22.49
CA ASP D 381 -23.25 -19.47 23.91
C ASP D 381 -21.83 -19.79 24.29
N SER D 382 -21.04 -18.75 24.46
CA SER D 382 -19.63 -18.85 24.83
C SER D 382 -19.44 -19.34 26.24
N ASP D 383 -20.35 -18.94 27.13
CA ASP D 383 -20.34 -19.41 28.50
C ASP D 383 -20.39 -20.94 28.54
N ALA D 384 -21.40 -21.53 27.90
CA ALA D 384 -21.56 -23.00 27.89
C ALA D 384 -20.33 -23.68 27.34
N ALA D 385 -19.89 -23.24 26.18
CA ALA D 385 -18.74 -23.83 25.50
C ALA D 385 -17.51 -23.87 26.40
N THR D 386 -17.23 -22.76 27.09
CA THR D 386 -16.09 -22.64 28.00
C THR D 386 -16.24 -23.63 29.18
N LYS D 387 -17.45 -23.73 29.72
CA LYS D 387 -17.71 -24.72 30.77
C LYS D 387 -17.39 -26.14 30.29
N VAL D 388 -17.85 -26.47 29.09
CA VAL D 388 -17.67 -27.81 28.53
C VAL D 388 -16.18 -28.16 28.43
N ILE D 389 -15.39 -27.23 27.91
CA ILE D 389 -13.97 -27.48 27.67
C ILE D 389 -13.18 -27.57 28.97
N TYR D 390 -13.66 -26.87 30.02
CA TYR D 390 -12.99 -26.95 31.34
C TYR D 390 -13.38 -28.20 32.14
N TYR D 391 -14.62 -28.64 31.98
CA TYR D 391 -15.07 -29.90 32.52
C TYR D 391 -14.29 -31.01 31.84
N ALA D 392 -14.03 -30.82 30.55
CA ALA D 392 -13.35 -31.81 29.74
C ALA D 392 -11.93 -31.98 30.20
N PHE D 393 -11.24 -30.86 30.37
CA PHE D 393 -9.82 -30.90 30.77
C PHE D 393 -9.66 -31.58 32.11
N ALA D 394 -10.63 -31.33 32.99
CA ALA D 394 -10.68 -31.87 34.34
C ALA D 394 -10.93 -33.37 34.35
N HIS D 395 -11.52 -33.90 33.26
CA HIS D 395 -11.82 -35.33 33.09
C HIS D 395 -10.95 -36.01 32.03
N GLY D 396 -9.71 -35.54 31.90
CA GLY D 396 -8.69 -36.11 30.99
C GLY D 396 -8.92 -35.93 29.50
N VAL D 397 -9.61 -34.86 29.11
CA VAL D 397 -9.85 -34.60 27.68
C VAL D 397 -9.46 -33.17 27.26
N VAL D 398 -8.48 -33.06 26.37
CA VAL D 398 -8.05 -31.77 25.88
C VAL D 398 -8.76 -31.36 24.59
N ILE D 399 -9.51 -30.25 24.68
CA ILE D 399 -10.31 -29.75 23.60
C ILE D 399 -10.42 -28.24 23.78
N ILE D 400 -10.35 -27.51 22.66
CA ILE D 400 -10.49 -26.05 22.62
C ILE D 400 -11.65 -25.64 21.73
N THR D 401 -11.91 -24.32 21.76
CA THR D 401 -12.97 -23.67 20.95
C THR D 401 -12.47 -22.84 19.78
N LEU D 402 -13.39 -22.61 18.85
CA LEU D 402 -13.20 -21.80 17.67
C LEU D 402 -14.35 -20.81 17.74
N ALA D 403 -14.02 -19.52 17.64
CA ALA D 403 -14.98 -18.40 17.71
C ALA D 403 -15.75 -18.27 19.03
N GLY D 404 -15.15 -18.77 20.11
CA GLY D 404 -15.75 -18.72 21.43
C GLY D 404 -16.82 -19.73 21.77
N ASN D 405 -17.67 -20.09 20.81
CA ASN D 405 -18.77 -21.01 21.10
C ASN D 405 -18.76 -22.36 20.36
N ILE D 406 -17.73 -22.63 19.56
CA ILE D 406 -17.72 -23.83 18.76
C ILE D 406 -16.66 -24.71 19.27
N LEU D 407 -16.99 -25.95 19.54
CA LEU D 407 -16.04 -26.91 20.05
C LEU D 407 -15.29 -27.50 18.88
N ARG D 408 -13.96 -27.51 18.99
CA ARG D 408 -13.11 -27.94 17.89
C ARG D 408 -12.72 -29.40 18.07
N PHE D 409 -13.33 -30.25 17.28
CA PHE D 409 -13.07 -31.68 17.34
C PHE D 409 -12.09 -32.13 16.25
N GLN D 410 -10.79 -32.25 16.61
CA GLN D 410 -9.74 -32.66 15.67
C GLN D 410 -8.66 -33.53 16.29
N PRO D 411 -9.02 -34.77 16.65
CA PRO D 411 -8.03 -35.63 17.25
C PRO D 411 -7.06 -36.23 16.22
N PRO D 412 -5.91 -36.78 16.68
CA PRO D 412 -5.08 -37.56 15.81
C PRO D 412 -5.84 -38.58 14.98
N LEU D 413 -5.50 -38.72 13.70
CA LEU D 413 -6.20 -39.71 12.86
C LEU D 413 -6.07 -41.14 13.35
N VAL D 414 -5.01 -41.42 14.09
CA VAL D 414 -4.73 -42.77 14.55
C VAL D 414 -5.41 -43.12 15.86
N ILE D 415 -6.22 -42.21 16.40
CA ILE D 415 -6.86 -42.42 17.69
C ILE D 415 -7.65 -43.72 17.73
N PRO D 416 -7.41 -44.47 18.80
CA PRO D 416 -8.08 -45.76 19.01
C PRO D 416 -9.55 -45.54 19.30
N ARG D 417 -10.38 -46.42 18.77
CA ARG D 417 -11.82 -46.29 18.97
C ARG D 417 -12.23 -46.18 20.44
N GLU D 418 -11.55 -46.93 21.30
CA GLU D 418 -11.85 -46.89 22.73
C GLU D 418 -11.60 -45.53 23.30
N GLN D 419 -10.45 -44.95 22.96
CA GLN D 419 -10.08 -43.58 23.39
C GLN D 419 -11.06 -42.58 22.87
N LEU D 420 -11.39 -42.71 21.60
CA LEU D 420 -12.41 -41.90 20.93
C LEU D 420 -13.75 -41.94 21.68
N ASP D 421 -14.19 -43.14 22.03
CA ASP D 421 -15.46 -43.34 22.78
C ASP D 421 -15.43 -42.74 24.17
N GLN D 422 -14.32 -42.94 24.87
CA GLN D 422 -14.14 -42.37 26.19
C GLN D 422 -14.20 -40.86 26.13
N ALA D 423 -13.54 -40.28 25.13
CA ALA D 423 -13.59 -38.83 24.92
C ALA D 423 -14.99 -38.29 24.57
N LEU D 424 -15.67 -39.00 23.67
CA LEU D 424 -17.03 -38.67 23.30
C LEU D 424 -17.97 -38.73 24.50
N GLN D 425 -17.79 -39.75 25.34
CA GLN D 425 -18.59 -39.92 26.57
C GLN D 425 -18.41 -38.79 27.57
N VAL D 426 -17.17 -38.30 27.68
CA VAL D 426 -16.87 -37.19 28.58
C VAL D 426 -17.60 -35.92 28.08
N LEU D 427 -17.61 -35.76 26.77
CA LEU D 427 -18.29 -34.64 26.14
C LEU D 427 -19.79 -34.71 26.41
N ASP D 428 -20.34 -35.92 26.35
CA ASP D 428 -21.76 -36.13 26.61
C ASP D 428 -22.03 -35.76 28.06
N ASP D 429 -21.15 -36.19 28.96
CA ASP D 429 -21.29 -35.91 30.37
C ASP D 429 -21.22 -34.41 30.61
N ALA D 430 -20.32 -33.76 29.88
CA ALA D 430 -20.11 -32.29 29.99
C ALA D 430 -21.39 -31.47 29.74
N PHE D 431 -22.08 -31.83 28.66
CA PHE D 431 -23.32 -31.18 28.28
C PHE D 431 -24.35 -31.35 29.37
N THR D 432 -24.50 -32.59 29.83
CA THR D 432 -25.42 -32.91 30.91
C THR D 432 -25.07 -32.14 32.19
N ALA D 433 -23.78 -32.01 32.47
CA ALA D 433 -23.31 -31.30 33.65
C ALA D 433 -23.59 -29.83 33.54
N VAL D 434 -23.40 -29.26 32.34
CA VAL D 434 -23.67 -27.83 32.09
C VAL D 434 -25.17 -27.51 32.18
N GLU D 435 -25.99 -28.42 31.68
CA GLU D 435 -27.43 -28.30 31.82
C GLU D 435 -27.83 -28.31 33.28
N ASN D 436 -27.26 -29.21 34.07
CA ASN D 436 -27.59 -29.31 35.51
C ASN D 436 -27.00 -28.19 36.39
N GLY D 437 -26.29 -27.24 35.79
CA GLY D 437 -25.61 -26.21 36.54
C GLY D 437 -24.63 -26.80 37.53
N GLU D 438 -23.65 -27.56 37.04
CA GLU D 438 -22.61 -28.17 37.88
C GLU D 438 -21.20 -27.62 37.68
N VAL D 439 -21.02 -26.73 36.69
CA VAL D 439 -19.69 -26.30 36.32
C VAL D 439 -19.68 -24.80 36.28
N THR D 440 -18.73 -24.24 37.04
CA THR D 440 -18.40 -22.81 36.99
C THR D 440 -16.89 -22.79 37.07
N ILE D 441 -16.28 -21.90 36.28
CA ILE D 441 -14.83 -21.79 36.22
C ILE D 441 -14.35 -20.96 37.44
#